data_3HEI
#
_entry.id   3HEI
#
_cell.length_a   58.483
_cell.length_b   102.108
_cell.length_c   135.255
_cell.angle_alpha   84.25
_cell.angle_beta   79.77
_cell.angle_gamma   73.94
#
_symmetry.space_group_name_H-M   'P 1'
#
loop_
_entity.id
_entity.type
_entity.pdbx_description
1 polymer 'Ephrin type-A receptor 2'
2 polymer Ephrin-A1
3 water water
#
loop_
_entity_poly.entity_id
_entity_poly.type
_entity_poly.pdbx_seq_one_letter_code
_entity_poly.pdbx_strand_id
1 'polypeptide(L)'
;EVVLLDFAAAGGELGWLTHPYGKGWDLMQNIMNDMPIYMYSVCNVMSGDQDNWLRTNWVYRGEAERIFIELKFTVRDCNS
FPGGASSCKETFNLYYAESDLDYGTNFQKRLFTKIDTIAPDEITVSSDFEARHVKLNVEERSVGPLTRKGFYLAFQDIGA
CVALLSVRVYYKKC
;
A,C,E,G,I,K,M,O
2 'polypeptide(L)'
;ADRHTVFWNSSNPKFRNEDYTIHVQLNDYVDIICPHYEDHSVADAAMEQYILYLVEHEEYQLCQPQSKDQVRWQCNRPSA
KHGPEKLSEKFQRFTPFTLGKEFKEGHSYYYISKPIHQHEDRCLRLKVTVKI
;
B,D,F,H,J,L,N,P
#
# COMPACT_ATOMS: atom_id res chain seq x y z
N GLU A 1 -9.01 12.16 -68.73
CA GLU A 1 -9.70 11.65 -69.95
C GLU A 1 -10.70 12.66 -70.49
N VAL A 2 -10.58 12.99 -71.79
CA VAL A 2 -11.47 13.95 -72.40
C VAL A 2 -12.38 13.08 -73.26
N VAL A 3 -13.68 13.18 -73.01
CA VAL A 3 -14.61 12.23 -73.62
C VAL A 3 -15.12 12.84 -74.92
N LEU A 4 -14.97 12.15 -76.01
CA LEU A 4 -15.36 12.70 -77.32
C LEU A 4 -16.72 12.20 -77.75
N LEU A 5 -17.13 11.05 -77.22
CA LEU A 5 -18.45 10.45 -77.54
C LEU A 5 -18.85 9.58 -76.38
N ASP A 6 -20.14 9.59 -76.09
CA ASP A 6 -20.64 8.75 -74.97
C ASP A 6 -22.12 8.54 -75.22
N PHE A 7 -22.44 7.36 -75.80
CA PHE A 7 -23.82 7.04 -76.19
C PHE A 7 -24.76 7.00 -74.99
N ALA A 8 -24.40 6.23 -73.96
CA ALA A 8 -25.32 6.16 -72.76
C ALA A 8 -25.59 7.53 -72.17
N ALA A 9 -24.59 8.41 -72.09
CA ALA A 9 -24.78 9.76 -71.53
C ALA A 9 -25.77 10.61 -72.29
N ALA A 10 -26.09 10.29 -73.55
CA ALA A 10 -27.07 11.08 -74.27
C ALA A 10 -28.49 10.77 -73.89
N GLY A 11 -28.74 9.75 -73.05
CA GLY A 11 -30.10 9.44 -72.57
C GLY A 11 -31.12 9.37 -73.68
N GLY A 12 -30.76 8.71 -74.77
CA GLY A 12 -31.70 8.46 -75.85
C GLY A 12 -31.79 9.64 -76.86
N GLU A 13 -31.11 10.77 -76.63
CA GLU A 13 -31.22 11.89 -77.59
C GLU A 13 -30.37 11.75 -78.89
N LEU A 14 -29.51 10.74 -78.90
CA LEU A 14 -28.58 10.59 -79.98
C LEU A 14 -29.02 9.37 -80.81
N GLY A 15 -29.21 9.57 -82.14
CA GLY A 15 -29.59 8.57 -83.05
C GLY A 15 -28.44 8.38 -84.07
N TRP A 16 -28.19 7.12 -84.36
CA TRP A 16 -27.16 6.73 -85.23
C TRP A 16 -27.71 6.11 -86.48
N LEU A 17 -26.97 6.27 -87.56
CA LEU A 17 -27.44 5.79 -88.82
C LEU A 17 -27.45 4.24 -88.84
N THR A 18 -28.48 3.67 -89.45
CA THR A 18 -28.55 2.23 -89.61
C THR A 18 -28.65 1.91 -91.07
N HIS A 19 -27.99 0.82 -91.48
CA HIS A 19 -27.97 0.33 -92.86
C HIS A 19 -28.01 -1.22 -92.94
N PRO A 20 -28.83 -1.80 -93.87
CA PRO A 20 -29.84 -1.14 -94.76
C PRO A 20 -31.00 -0.63 -93.94
N TYR A 21 -31.66 0.43 -94.41
CA TYR A 21 -32.62 1.10 -93.53
C TYR A 21 -33.73 0.09 -93.16
N GLY A 22 -34.07 0.03 -91.86
CA GLY A 22 -35.29 -0.70 -91.40
C GLY A 22 -35.06 -2.19 -91.35
N LYS A 23 -33.80 -2.57 -91.47
CA LYS A 23 -33.44 -3.92 -91.28
C LYS A 23 -32.38 -3.73 -90.18
N GLY A 24 -32.18 -4.71 -89.36
CA GLY A 24 -30.97 -4.68 -88.60
C GLY A 24 -31.12 -3.99 -87.25
N TRP A 25 -30.11 -3.17 -86.90
CA TRP A 25 -30.05 -2.53 -85.55
C TRP A 25 -31.25 -1.62 -85.29
N ASP A 26 -31.82 -1.69 -84.09
CA ASP A 26 -32.99 -0.89 -83.69
C ASP A 26 -32.65 -0.27 -82.35
N LEU A 27 -33.12 0.95 -82.14
CA LEU A 27 -32.96 1.59 -80.81
C LEU A 27 -34.07 1.09 -79.87
N MET A 28 -33.69 0.48 -78.73
CA MET A 28 -34.69 -0.10 -77.80
C MET A 28 -34.57 0.62 -76.43
N GLN A 29 -35.66 0.55 -75.69
CA GLN A 29 -35.77 1.19 -74.41
C GLN A 29 -36.00 0.12 -73.35
N ASN A 30 -35.32 0.22 -72.20
CA ASN A 30 -35.58 -0.65 -71.06
C ASN A 30 -35.21 0.09 -69.73
N ILE A 31 -35.59 -0.55 -68.63
CA ILE A 31 -35.26 -0.07 -67.30
C ILE A 31 -34.24 -1.08 -66.75
N MET A 32 -33.13 -0.58 -66.26
CA MET A 32 -32.13 -1.43 -65.62
C MET A 32 -31.71 -0.68 -64.37
N ASN A 33 -31.75 -1.37 -63.23
CA ASN A 33 -31.34 -0.77 -61.99
C ASN A 33 -32.20 0.45 -61.76
N ASP A 34 -33.51 0.30 -62.01
CA ASP A 34 -34.52 1.39 -61.78
C ASP A 34 -34.22 2.71 -62.57
N MET A 35 -33.40 2.67 -63.62
CA MET A 35 -33.22 3.87 -64.47
C MET A 35 -33.53 3.53 -65.94
N PRO A 36 -34.07 4.48 -66.70
CA PRO A 36 -34.33 4.24 -68.12
C PRO A 36 -33.04 4.22 -68.88
N ILE A 37 -32.82 3.17 -69.70
CA ILE A 37 -31.65 3.18 -70.59
C ILE A 37 -32.09 2.91 -72.01
N TYR A 38 -31.21 3.22 -73.00
CA TYR A 38 -31.48 2.96 -74.40
C TYR A 38 -30.35 2.00 -74.84
N MET A 39 -30.57 1.23 -75.91
CA MET A 39 -29.54 0.37 -76.44
C MET A 39 -29.85 0.11 -77.94
N TYR A 40 -28.81 -0.13 -78.72
CA TYR A 40 -29.04 -0.55 -80.11
C TYR A 40 -28.94 -2.04 -80.08
N SER A 41 -29.98 -2.70 -80.61
CA SER A 41 -29.99 -4.11 -80.55
C SER A 41 -30.27 -4.75 -81.95
N VAL A 42 -29.79 -5.98 -82.15
CA VAL A 42 -30.16 -6.71 -83.45
C VAL A 42 -30.11 -8.18 -83.09
N CYS A 43 -30.92 -9.00 -83.77
CA CYS A 43 -31.00 -10.43 -83.37
C CYS A 43 -31.54 -11.26 -84.49
N ASN A 44 -31.11 -10.99 -85.72
CA ASN A 44 -31.59 -11.74 -86.82
C ASN A 44 -30.73 -13.01 -86.98
N VAL A 45 -30.86 -13.94 -86.02
CA VAL A 45 -29.97 -15.12 -86.00
C VAL A 45 -30.49 -16.36 -86.81
N MET A 46 -31.70 -16.26 -87.38
CA MET A 46 -32.37 -17.33 -88.09
C MET A 46 -32.27 -17.20 -89.59
N SER A 47 -32.18 -15.99 -90.12
CA SER A 47 -32.35 -15.91 -91.58
C SER A 47 -31.05 -15.93 -92.36
N GLY A 48 -31.09 -16.08 -93.66
CA GLY A 48 -29.72 -15.95 -94.30
C GLY A 48 -29.04 -14.57 -94.06
N ASP A 49 -27.77 -14.41 -94.43
CA ASP A 49 -27.30 -13.18 -95.11
C ASP A 49 -27.53 -11.82 -94.37
N GLN A 50 -27.14 -11.71 -93.11
CA GLN A 50 -27.28 -10.41 -92.40
C GLN A 50 -26.02 -9.60 -92.61
N ASP A 51 -26.18 -8.30 -92.82
CA ASP A 51 -25.02 -7.45 -92.97
C ASP A 51 -25.53 -6.09 -92.51
N ASN A 52 -25.61 -5.89 -91.19
CA ASN A 52 -26.34 -4.76 -90.67
C ASN A 52 -25.32 -3.82 -90.07
N TRP A 53 -25.32 -2.56 -90.53
CA TRP A 53 -24.37 -1.61 -90.01
C TRP A 53 -25.02 -0.53 -89.18
N LEU A 54 -24.34 -0.19 -88.11
CA LEU A 54 -24.67 0.96 -87.22
C LEU A 54 -23.46 1.85 -87.24
N ARG A 55 -23.66 3.10 -87.62
CA ARG A 55 -22.50 4.06 -87.69
C ARG A 55 -22.78 5.23 -86.78
N THR A 56 -21.80 5.61 -85.91
CA THR A 56 -21.98 6.80 -85.06
C THR A 56 -22.09 8.05 -85.90
N ASN A 57 -22.42 9.14 -85.22
CA ASN A 57 -22.22 10.48 -85.78
C ASN A 57 -20.75 10.70 -86.07
N TRP A 58 -20.47 11.68 -86.94
CA TRP A 58 -19.10 12.16 -87.15
C TRP A 58 -18.65 12.82 -85.87
N VAL A 59 -17.46 12.45 -85.41
CA VAL A 59 -16.84 12.96 -84.16
C VAL A 59 -15.66 13.84 -84.51
N TYR A 60 -15.75 15.12 -84.10
CA TYR A 60 -14.65 16.08 -84.33
C TYR A 60 -13.42 15.60 -83.51
N ARG A 61 -12.24 15.48 -84.17
CA ARG A 61 -11.04 14.93 -83.55
C ARG A 61 -10.39 15.95 -82.50
N GLY A 62 -10.48 17.24 -82.79
CA GLY A 62 -9.69 18.31 -82.08
C GLY A 62 -8.23 17.95 -82.10
N GLU A 63 -7.67 17.79 -80.92
CA GLU A 63 -6.25 17.50 -80.76
C GLU A 63 -6.02 16.03 -80.42
N ALA A 64 -7.05 15.18 -80.43
CA ALA A 64 -6.83 13.80 -80.09
C ALA A 64 -5.98 13.20 -81.22
N GLU A 65 -5.02 12.36 -80.88
CA GLU A 65 -4.25 11.66 -81.87
C GLU A 65 -4.55 10.19 -81.71
N ARG A 66 -4.62 9.71 -80.46
CA ARG A 66 -4.93 8.31 -80.20
C ARG A 66 -6.23 8.27 -79.40
N ILE A 67 -7.20 7.50 -79.84
CA ILE A 67 -8.50 7.42 -79.10
C ILE A 67 -8.66 6.06 -78.47
N PHE A 68 -9.34 5.98 -77.34
CA PHE A 68 -9.69 4.72 -76.73
C PHE A 68 -11.18 4.55 -76.90
N ILE A 69 -11.61 3.33 -77.20
CA ILE A 69 -13.00 3.06 -77.57
C ILE A 69 -13.44 1.96 -76.65
N GLU A 70 -14.36 2.27 -75.73
CA GLU A 70 -14.84 1.30 -74.74
C GLU A 70 -16.28 0.95 -75.10
N LEU A 71 -16.57 -0.36 -75.25
CA LEU A 71 -17.88 -0.85 -75.58
C LEU A 71 -18.43 -1.64 -74.41
N LYS A 72 -19.71 -1.51 -74.19
CA LYS A 72 -20.35 -2.44 -73.24
C LYS A 72 -21.59 -3.05 -73.88
N PHE A 73 -21.75 -4.37 -73.80
CA PHE A 73 -22.73 -5.04 -74.69
C PHE A 73 -23.09 -6.42 -74.17
N THR A 74 -24.25 -6.91 -74.54
CA THR A 74 -24.58 -8.30 -74.16
C THR A 74 -24.63 -9.08 -75.49
N VAL A 75 -24.40 -10.38 -75.42
CA VAL A 75 -24.50 -11.22 -76.68
C VAL A 75 -25.15 -12.48 -76.22
N ARG A 76 -26.05 -13.05 -77.00
CA ARG A 76 -26.74 -14.27 -76.60
C ARG A 76 -26.14 -15.49 -77.28
N ASP A 77 -26.00 -16.56 -76.53
CA ASP A 77 -25.47 -17.86 -77.04
C ASP A 77 -26.35 -18.44 -78.16
N CYS A 78 -25.72 -18.86 -79.27
CA CYS A 78 -26.47 -19.38 -80.42
C CYS A 78 -27.19 -20.68 -80.12
N ASN A 79 -26.78 -21.41 -79.09
CA ASN A 79 -27.48 -22.59 -78.66
C ASN A 79 -28.72 -22.30 -77.78
N SER A 80 -29.05 -21.04 -77.52
CA SER A 80 -30.15 -20.69 -76.60
C SER A 80 -31.45 -20.40 -77.35
N PHE A 81 -31.45 -20.60 -78.64
CA PHE A 81 -32.62 -20.42 -79.48
C PHE A 81 -33.27 -21.80 -79.77
N PRO A 82 -34.62 -21.95 -79.66
CA PRO A 82 -35.32 -23.22 -79.89
C PRO A 82 -35.06 -23.83 -81.25
N GLY A 83 -35.00 -23.00 -82.27
CA GLY A 83 -34.72 -23.51 -83.61
C GLY A 83 -33.37 -24.21 -83.58
N GLY A 84 -32.33 -23.45 -83.19
CA GLY A 84 -30.94 -23.92 -83.18
C GLY A 84 -30.14 -23.12 -84.20
N ALA A 85 -30.67 -21.94 -84.54
CA ALA A 85 -30.17 -21.03 -85.59
C ALA A 85 -28.89 -21.42 -86.33
N SER A 86 -28.97 -22.13 -87.46
CA SER A 86 -27.69 -22.44 -88.15
C SER A 86 -27.14 -21.23 -88.89
N SER A 87 -27.76 -20.06 -88.78
CA SER A 87 -27.07 -18.88 -89.35
C SER A 87 -26.76 -17.86 -88.27
N CYS A 88 -26.54 -18.38 -87.07
CA CYS A 88 -26.32 -17.51 -85.92
C CYS A 88 -24.82 -17.29 -85.66
N LYS A 89 -24.45 -16.10 -85.20
CA LYS A 89 -23.09 -15.78 -84.85
C LYS A 89 -23.06 -15.17 -83.45
N GLU A 90 -21.89 -15.11 -82.82
CA GLU A 90 -21.76 -14.61 -81.40
C GLU A 90 -20.72 -13.51 -81.42
N THR A 91 -20.29 -13.07 -82.60
CA THR A 91 -19.34 -11.91 -82.65
C THR A 91 -19.96 -10.77 -83.48
N PHE A 92 -19.36 -9.59 -83.37
CA PHE A 92 -19.67 -8.54 -84.31
C PHE A 92 -18.36 -7.79 -84.60
N ASN A 93 -18.37 -6.99 -85.69
CA ASN A 93 -17.14 -6.29 -86.09
C ASN A 93 -17.17 -4.83 -85.82
N LEU A 94 -16.04 -4.34 -85.24
CA LEU A 94 -15.85 -2.92 -84.96
C LEU A 94 -15.00 -2.28 -86.02
N TYR A 95 -15.47 -1.12 -86.55
CA TYR A 95 -14.72 -0.45 -87.66
C TYR A 95 -14.59 1.03 -87.31
N TYR A 96 -13.70 1.77 -88.01
CA TYR A 96 -13.71 3.23 -87.94
C TYR A 96 -13.32 3.77 -89.32
N ALA A 97 -13.57 5.07 -89.49
CA ALA A 97 -13.10 5.79 -90.65
C ALA A 97 -12.80 7.21 -90.26
N GLU A 98 -11.80 7.79 -90.87
CA GLU A 98 -11.55 9.23 -90.69
C GLU A 98 -12.00 9.97 -91.92
N SER A 99 -12.48 11.20 -91.77
CA SER A 99 -12.74 12.01 -92.97
C SER A 99 -12.62 13.46 -92.59
N ASP A 100 -12.38 14.30 -93.58
CA ASP A 100 -12.31 15.74 -93.34
C ASP A 100 -13.67 16.41 -93.37
N LEU A 101 -14.70 15.71 -93.87
CA LEU A 101 -16.06 16.29 -93.88
C LEU A 101 -17.06 15.25 -93.41
N ASP A 102 -18.12 15.66 -92.73
CA ASP A 102 -19.17 14.67 -92.41
C ASP A 102 -19.97 14.34 -93.70
N TYR A 103 -20.08 13.04 -94.04
CA TYR A 103 -20.82 12.58 -95.20
C TYR A 103 -22.35 12.51 -94.93
N GLY A 104 -22.72 12.69 -93.66
CA GLY A 104 -24.14 12.66 -93.22
C GLY A 104 -24.78 11.33 -93.50
N THR A 105 -25.85 11.33 -94.28
CA THR A 105 -26.52 10.09 -94.57
C THR A 105 -25.86 9.29 -95.68
N ASN A 106 -24.82 9.81 -96.34
CA ASN A 106 -24.15 9.08 -97.36
C ASN A 106 -23.14 8.09 -96.74
N PHE A 107 -23.62 6.91 -96.35
CA PHE A 107 -22.81 5.92 -95.63
C PHE A 107 -22.18 5.00 -96.71
N GLN A 108 -20.87 4.89 -96.71
CA GLN A 108 -20.09 4.03 -97.62
C GLN A 108 -19.22 3.07 -96.85
N LYS A 109 -19.61 1.80 -96.80
CA LYS A 109 -18.86 0.75 -96.10
C LYS A 109 -17.39 0.74 -96.41
N ARG A 110 -17.10 0.93 -97.70
CA ARG A 110 -15.76 0.79 -98.20
C ARG A 110 -14.83 1.80 -97.59
N LEU A 111 -15.32 2.91 -97.12
CA LEU A 111 -14.38 3.84 -96.48
C LEU A 111 -13.95 3.45 -95.04
N PHE A 112 -14.55 2.39 -94.49
CA PHE A 112 -14.25 1.92 -93.11
C PHE A 112 -13.15 0.87 -93.05
N THR A 113 -12.38 0.92 -91.96
CA THR A 113 -11.27 -0.02 -91.76
C THR A 113 -11.68 -0.81 -90.52
N LYS A 114 -11.46 -2.10 -90.57
CA LYS A 114 -11.79 -2.92 -89.41
C LYS A 114 -10.77 -2.71 -88.30
N ILE A 115 -11.27 -2.46 -87.08
CA ILE A 115 -10.39 -2.45 -85.90
C ILE A 115 -10.27 -3.87 -85.33
N ASP A 116 -11.39 -4.56 -85.18
CA ASP A 116 -11.37 -5.86 -84.52
C ASP A 116 -12.66 -6.65 -84.70
N THR A 117 -12.56 -7.98 -84.64
CA THR A 117 -13.72 -8.85 -84.38
C THR A 117 -13.90 -8.95 -82.86
N ILE A 118 -15.08 -8.51 -82.43
CA ILE A 118 -15.35 -8.46 -81.00
C ILE A 118 -16.21 -9.69 -80.58
N ALA A 119 -15.81 -10.32 -79.48
CA ALA A 119 -16.42 -11.49 -78.88
C ALA A 119 -16.70 -11.19 -77.40
N PRO A 120 -17.82 -11.71 -76.88
CA PRO A 120 -18.18 -11.63 -75.44
C PRO A 120 -17.35 -12.54 -74.58
N ASP A 121 -16.76 -11.99 -73.53
CA ASP A 121 -16.17 -12.78 -72.48
C ASP A 121 -17.21 -13.58 -71.72
N GLU A 122 -18.43 -13.07 -71.64
CA GLU A 122 -19.46 -13.82 -70.91
C GLU A 122 -20.75 -13.82 -71.76
N ILE A 123 -21.18 -15.01 -72.18
CA ILE A 123 -22.22 -15.09 -73.13
C ILE A 123 -23.55 -15.21 -72.34
N THR A 124 -24.63 -14.64 -72.89
CA THR A 124 -25.95 -14.81 -72.26
C THR A 124 -26.59 -16.15 -72.68
N VAL A 125 -26.98 -16.92 -71.67
CA VAL A 125 -27.62 -18.23 -71.87
C VAL A 125 -29.10 -18.24 -71.51
N SER A 126 -29.79 -19.30 -71.86
CA SER A 126 -31.19 -19.46 -71.47
C SER A 126 -31.56 -19.15 -70.04
N SER A 127 -30.80 -19.73 -69.13
CA SER A 127 -31.12 -19.59 -67.72
C SER A 127 -30.99 -18.12 -67.19
N ASP A 128 -30.29 -17.26 -67.93
CA ASP A 128 -30.22 -15.86 -67.62
C ASP A 128 -31.50 -15.08 -67.75
N PHE A 129 -32.38 -15.49 -68.68
CA PHE A 129 -33.70 -14.88 -68.82
C PHE A 129 -34.55 -15.04 -67.53
N GLU A 130 -34.66 -16.26 -67.04
CA GLU A 130 -35.44 -16.44 -65.84
C GLU A 130 -34.73 -15.90 -64.61
N ALA A 131 -33.39 -15.85 -64.61
CA ALA A 131 -32.75 -15.19 -63.50
C ALA A 131 -32.73 -13.64 -63.61
N ARG A 132 -33.25 -13.06 -64.70
CA ARG A 132 -33.04 -11.64 -65.02
C ARG A 132 -31.56 -11.23 -64.78
N HIS A 133 -30.62 -12.04 -65.31
CA HIS A 133 -29.19 -11.80 -65.05
C HIS A 133 -28.58 -11.11 -66.28
N VAL A 134 -28.01 -9.93 -66.07
CA VAL A 134 -27.40 -9.19 -67.17
C VAL A 134 -25.90 -9.36 -67.21
N LYS A 135 -25.36 -10.01 -68.25
CA LYS A 135 -23.92 -10.26 -68.29
C LYS A 135 -23.44 -9.23 -69.25
N LEU A 136 -22.91 -8.13 -68.71
CA LEU A 136 -22.60 -6.99 -69.52
C LEU A 136 -21.09 -7.06 -69.78
N ASN A 137 -20.69 -7.32 -71.00
CA ASN A 137 -19.27 -7.35 -71.37
C ASN A 137 -18.71 -5.96 -71.54
N VAL A 138 -17.40 -5.85 -71.29
CA VAL A 138 -16.68 -4.63 -71.55
C VAL A 138 -15.45 -4.98 -72.44
N GLU A 139 -15.28 -4.22 -73.52
CA GLU A 139 -14.13 -4.46 -74.40
C GLU A 139 -13.65 -3.06 -74.70
N GLU A 140 -12.34 -2.88 -74.72
CA GLU A 140 -11.77 -1.60 -75.08
C GLU A 140 -10.65 -1.79 -76.10
N ARG A 141 -10.61 -0.92 -77.10
CA ARG A 141 -9.58 -0.98 -78.16
C ARG A 141 -9.08 0.45 -78.37
N SER A 142 -7.93 0.63 -79.01
CA SER A 142 -7.50 2.01 -79.32
C SER A 142 -7.00 2.12 -80.78
N VAL A 143 -7.01 3.32 -81.35
CA VAL A 143 -6.77 3.50 -82.76
C VAL A 143 -5.97 4.79 -82.87
N GLY A 144 -4.96 4.82 -83.74
CA GLY A 144 -4.25 6.07 -83.95
C GLY A 144 -2.95 5.78 -84.69
N PRO A 145 -2.22 6.83 -85.11
CA PRO A 145 -2.54 8.26 -84.91
C PRO A 145 -3.70 8.71 -85.83
N LEU A 146 -4.65 9.46 -85.31
CA LEU A 146 -5.62 10.12 -86.20
C LEU A 146 -5.10 11.45 -86.77
N THR A 147 -5.55 11.81 -87.97
CA THR A 147 -4.93 12.99 -88.62
C THR A 147 -5.98 13.87 -89.32
N ARG A 148 -7.17 13.33 -89.56
CA ARG A 148 -8.23 14.09 -90.25
C ARG A 148 -9.10 14.89 -89.26
N LYS A 149 -10.05 15.66 -89.78
CA LYS A 149 -10.80 16.56 -88.91
C LYS A 149 -11.78 15.80 -88.02
N GLY A 150 -12.32 14.66 -88.47
CA GLY A 150 -13.17 13.87 -87.60
C GLY A 150 -13.14 12.40 -87.93
N PHE A 151 -13.94 11.62 -87.21
CA PHE A 151 -13.99 10.22 -87.54
C PHE A 151 -15.37 9.63 -87.21
N TYR A 152 -15.59 8.40 -87.68
CA TYR A 152 -16.83 7.65 -87.32
C TYR A 152 -16.40 6.32 -86.72
N LEU A 153 -17.24 5.75 -85.92
CA LEU A 153 -17.13 4.35 -85.66
C LEU A 153 -18.27 3.66 -86.36
N ALA A 154 -18.09 2.38 -86.64
CA ALA A 154 -19.24 1.59 -87.09
C ALA A 154 -19.20 0.18 -86.56
N PHE A 155 -20.40 -0.42 -86.45
CA PHE A 155 -20.55 -1.80 -85.93
C PHE A 155 -21.25 -2.58 -86.97
N GLN A 156 -20.69 -3.73 -87.36
CA GLN A 156 -21.34 -4.53 -88.38
C GLN A 156 -21.76 -5.85 -87.74
N ASP A 157 -23.05 -6.13 -87.84
CA ASP A 157 -23.60 -7.41 -87.42
C ASP A 157 -23.72 -8.31 -88.65
N ILE A 158 -23.34 -9.57 -88.49
CA ILE A 158 -23.47 -10.58 -89.50
C ILE A 158 -24.32 -11.79 -89.04
N GLY A 159 -25.23 -11.57 -88.10
CA GLY A 159 -26.26 -12.55 -87.72
C GLY A 159 -26.12 -12.91 -86.26
N ALA A 160 -25.72 -11.99 -85.44
CA ALA A 160 -25.60 -12.26 -84.02
C ALA A 160 -26.83 -11.75 -83.27
N CYS A 161 -26.88 -11.97 -81.98
CA CYS A 161 -27.97 -11.42 -81.15
C CYS A 161 -27.30 -10.59 -80.05
N VAL A 162 -27.28 -9.27 -80.26
CA VAL A 162 -26.38 -8.37 -79.56
C VAL A 162 -27.10 -7.10 -79.12
N ALA A 163 -26.85 -6.68 -77.88
CA ALA A 163 -27.28 -5.36 -77.49
C ALA A 163 -26.11 -4.53 -77.03
N LEU A 164 -26.04 -3.31 -77.55
CA LEU A 164 -24.94 -2.41 -77.36
C LEU A 164 -25.48 -1.27 -76.51
N LEU A 165 -25.02 -1.26 -75.26
CA LEU A 165 -25.55 -0.29 -74.29
C LEU A 165 -24.63 0.90 -74.10
N SER A 166 -23.35 0.73 -74.31
CA SER A 166 -22.43 1.88 -74.08
C SER A 166 -21.28 1.88 -75.10
N VAL A 167 -21.00 3.07 -75.60
CA VAL A 167 -19.89 3.36 -76.49
C VAL A 167 -19.32 4.68 -76.01
N ARG A 168 -18.10 4.63 -75.47
CA ARG A 168 -17.43 5.79 -74.99
C ARG A 168 -16.12 5.90 -75.69
N VAL A 169 -15.89 7.07 -76.25
CA VAL A 169 -14.61 7.32 -76.92
C VAL A 169 -13.90 8.46 -76.26
N TYR A 170 -12.66 8.21 -75.89
CA TYR A 170 -11.97 9.22 -75.16
C TYR A 170 -10.49 9.30 -75.49
N TYR A 171 -9.86 10.41 -75.15
CA TYR A 171 -8.39 10.42 -75.18
C TYR A 171 -7.79 10.82 -73.84
N LYS A 172 -6.52 10.55 -73.69
CA LYS A 172 -5.94 10.72 -72.41
C LYS A 172 -5.19 12.01 -72.53
N LYS A 173 -5.32 12.87 -71.54
CA LYS A 173 -4.33 13.95 -71.51
C LYS A 173 -3.34 13.71 -70.35
N CYS A 174 -2.06 13.49 -70.73
CA CYS A 174 -0.86 13.39 -69.83
C CYS A 174 -1.07 12.66 -68.48
N ALA B 1 -41.46 -1.77 -90.12
CA ALA B 1 -42.64 -2.50 -89.68
C ALA B 1 -43.83 -1.58 -89.77
N ASP B 2 -45.04 -2.20 -89.72
CA ASP B 2 -46.18 -1.36 -89.45
C ASP B 2 -45.98 -0.92 -88.00
N ARG B 3 -46.28 0.32 -87.72
CA ARG B 3 -46.24 0.76 -86.36
C ARG B 3 -47.67 1.09 -85.94
N HIS B 4 -47.94 0.91 -84.67
CA HIS B 4 -49.28 1.14 -84.09
C HIS B 4 -49.21 2.24 -83.06
N THR B 5 -49.99 3.29 -83.23
CA THR B 5 -49.90 4.40 -82.27
C THR B 5 -50.97 4.29 -81.19
N VAL B 6 -50.55 4.34 -79.93
CA VAL B 6 -51.49 4.32 -78.82
C VAL B 6 -51.34 5.60 -78.03
N PHE B 7 -52.32 6.49 -78.03
CA PHE B 7 -52.21 7.69 -77.12
C PHE B 7 -52.58 7.36 -75.73
N TRP B 8 -51.59 7.24 -74.85
CA TRP B 8 -51.89 6.79 -73.47
C TRP B 8 -52.35 7.99 -72.57
N ASN B 9 -53.64 8.38 -72.63
CA ASN B 9 -54.12 9.55 -71.82
C ASN B 9 -55.63 9.29 -71.55
N SER B 10 -56.16 9.83 -70.45
CA SER B 10 -57.54 9.51 -69.97
C SER B 10 -58.63 10.11 -70.84
N SER B 11 -58.25 11.09 -71.65
CA SER B 11 -59.15 11.71 -72.62
C SER B 11 -59.36 10.88 -73.85
N ASN B 12 -58.55 9.83 -74.05
CA ASN B 12 -58.67 8.93 -75.26
C ASN B 12 -59.86 8.01 -75.08
N PRO B 13 -60.93 8.12 -75.94
CA PRO B 13 -62.11 7.33 -75.60
C PRO B 13 -61.88 5.84 -75.81
N LYS B 14 -60.82 5.48 -76.54
CA LYS B 14 -60.47 4.06 -76.71
C LYS B 14 -60.31 3.33 -75.39
N PHE B 15 -59.91 4.03 -74.31
CA PHE B 15 -59.74 3.36 -73.02
C PHE B 15 -61.05 3.26 -72.25
N ARG B 16 -62.15 3.81 -72.81
CA ARG B 16 -63.36 4.08 -72.01
C ARG B 16 -64.03 2.84 -71.40
N ASN B 17 -63.91 1.69 -72.04
CA ASN B 17 -64.60 0.48 -71.53
C ASN B 17 -63.61 -0.55 -70.93
N GLU B 18 -62.39 -0.08 -70.63
CA GLU B 18 -61.33 -0.97 -70.10
C GLU B 18 -61.04 -2.16 -70.98
N ASP B 19 -61.32 -2.04 -72.27
CA ASP B 19 -61.04 -3.20 -73.18
C ASP B 19 -60.29 -2.86 -74.47
N TYR B 20 -59.57 -1.73 -74.49
CA TYR B 20 -58.71 -1.32 -75.62
C TYR B 20 -57.80 -2.48 -76.02
N THR B 21 -57.97 -2.96 -77.25
CA THR B 21 -57.10 -4.02 -77.72
C THR B 21 -56.56 -3.66 -79.10
N ILE B 22 -55.32 -3.98 -79.38
CA ILE B 22 -54.77 -3.85 -80.76
C ILE B 22 -54.25 -5.19 -81.25
N HIS B 23 -54.21 -5.34 -82.57
CA HIS B 23 -53.79 -6.57 -83.16
C HIS B 23 -52.58 -6.26 -84.02
N VAL B 24 -51.46 -6.89 -83.72
CA VAL B 24 -50.23 -6.64 -84.45
C VAL B 24 -49.67 -7.94 -85.01
N GLN B 25 -48.62 -7.79 -85.84
CA GLN B 25 -47.90 -8.87 -86.38
C GLN B 25 -46.57 -8.91 -85.70
N LEU B 26 -45.93 -10.09 -85.68
CA LEU B 26 -44.57 -10.10 -85.20
C LEU B 26 -43.67 -9.13 -85.91
N ASN B 27 -42.79 -8.51 -85.11
CA ASN B 27 -41.90 -7.45 -85.58
C ASN B 27 -42.53 -6.11 -85.86
N ASP B 28 -43.83 -5.95 -85.61
CA ASP B 28 -44.42 -4.61 -85.65
C ASP B 28 -43.91 -3.84 -84.43
N TYR B 29 -44.12 -2.51 -84.42
CA TYR B 29 -43.84 -1.71 -83.21
C TYR B 29 -45.08 -1.11 -82.69
N VAL B 30 -45.17 -0.93 -81.38
CA VAL B 30 -46.23 -0.14 -80.81
C VAL B 30 -45.59 1.06 -80.17
N ASP B 31 -46.06 2.24 -80.59
CA ASP B 31 -45.54 3.48 -80.07
C ASP B 31 -46.59 3.99 -79.09
N ILE B 32 -46.27 3.87 -77.83
CA ILE B 32 -47.17 4.35 -76.79
C ILE B 32 -46.76 5.84 -76.50
N ILE B 33 -47.69 6.76 -76.73
CA ILE B 33 -47.38 8.21 -76.67
C ILE B 33 -47.90 8.72 -75.34
N CYS B 34 -47.01 9.24 -74.52
CA CYS B 34 -47.35 9.74 -73.20
C CYS B 34 -48.17 11.01 -73.28
N PRO B 35 -48.93 11.33 -72.23
CA PRO B 35 -49.59 12.64 -72.28
C PRO B 35 -48.57 13.77 -72.46
N HIS B 36 -48.95 14.80 -73.21
CA HIS B 36 -48.00 15.86 -73.50
C HIS B 36 -48.75 17.18 -73.61
N TYR B 37 -48.19 18.25 -73.08
CA TYR B 37 -48.89 19.52 -73.02
C TYR B 37 -48.04 20.67 -73.52
N GLU B 38 -48.66 21.48 -74.39
CA GLU B 38 -48.13 22.78 -74.79
C GLU B 38 -47.99 23.71 -73.57
N ASP B 39 -46.91 24.48 -73.60
CA ASP B 39 -46.37 25.23 -72.47
C ASP B 39 -47.32 26.03 -71.53
N HIS B 40 -48.59 26.32 -71.89
CA HIS B 40 -49.48 27.05 -70.93
C HIS B 40 -50.94 26.65 -70.80
N SER B 41 -51.37 25.76 -71.67
CA SER B 41 -52.77 25.36 -71.77
C SER B 41 -53.44 24.83 -70.48
N VAL B 42 -52.67 24.05 -69.71
CA VAL B 42 -53.16 23.30 -68.54
C VAL B 42 -52.26 23.60 -67.32
N ALA B 43 -52.87 23.65 -66.13
CA ALA B 43 -52.10 23.79 -64.90
C ALA B 43 -51.15 22.58 -64.72
N ASP B 44 -49.93 22.85 -64.25
CA ASP B 44 -48.94 21.80 -63.97
C ASP B 44 -49.51 20.57 -63.21
N ALA B 45 -50.37 20.80 -62.23
CA ALA B 45 -50.90 19.73 -61.41
C ALA B 45 -51.97 18.91 -62.13
N ALA B 46 -52.54 19.48 -63.19
CA ALA B 46 -53.59 18.83 -63.91
C ALA B 46 -52.91 17.91 -65.04
N MET B 47 -51.58 18.02 -65.23
CA MET B 47 -50.88 17.25 -66.31
C MET B 47 -50.77 15.77 -65.95
N GLU B 48 -51.33 14.89 -66.75
CA GLU B 48 -51.20 13.45 -66.52
C GLU B 48 -49.79 12.89 -66.68
N GLN B 49 -49.42 11.99 -65.76
CA GLN B 49 -48.14 11.29 -65.83
C GLN B 49 -48.43 9.88 -65.37
N TYR B 50 -47.76 8.91 -65.95
CA TYR B 50 -47.98 7.51 -65.59
C TYR B 50 -46.73 6.71 -65.40
N ILE B 51 -46.79 5.68 -64.56
CA ILE B 51 -45.91 4.53 -64.66
C ILE B 51 -46.56 3.49 -65.60
N LEU B 52 -45.82 3.01 -66.61
CA LEU B 52 -46.33 1.96 -67.51
C LEU B 52 -45.73 0.65 -67.07
N TYR B 53 -46.52 -0.42 -67.05
CA TYR B 53 -46.04 -1.78 -66.74
C TYR B 53 -46.43 -2.72 -67.84
N LEU B 54 -45.60 -3.72 -68.10
CA LEU B 54 -45.87 -4.80 -69.04
C LEU B 54 -46.07 -6.03 -68.18
N VAL B 55 -47.29 -6.60 -68.17
CA VAL B 55 -47.67 -7.55 -67.09
C VAL B 55 -48.37 -8.77 -67.69
N GLU B 56 -48.64 -9.78 -66.87
CA GLU B 56 -49.36 -10.99 -67.32
C GLU B 56 -50.87 -10.77 -67.18
N HIS B 57 -51.66 -11.68 -67.74
CA HIS B 57 -53.11 -11.51 -67.74
C HIS B 57 -53.70 -11.25 -66.37
N GLU B 58 -53.26 -11.96 -65.34
CA GLU B 58 -53.88 -11.77 -64.01
C GLU B 58 -53.70 -10.30 -63.53
N GLU B 59 -52.53 -9.73 -63.76
CA GLU B 59 -52.26 -8.35 -63.33
C GLU B 59 -53.05 -7.36 -64.14
N TYR B 60 -53.18 -7.63 -65.44
CA TYR B 60 -54.03 -6.81 -66.24
C TYR B 60 -55.46 -6.83 -65.76
N GLN B 61 -56.01 -8.02 -65.49
CA GLN B 61 -57.36 -8.17 -64.94
C GLN B 61 -57.62 -7.38 -63.65
N LEU B 62 -56.65 -7.42 -62.73
CA LEU B 62 -56.70 -6.65 -61.44
C LEU B 62 -56.29 -5.19 -61.61
N CYS B 63 -55.67 -4.87 -62.74
CA CYS B 63 -55.11 -3.55 -63.03
C CYS B 63 -54.08 -3.14 -61.99
N GLN B 64 -53.24 -4.08 -61.57
CA GLN B 64 -52.32 -3.90 -60.47
C GLN B 64 -51.11 -4.75 -60.80
N PRO B 65 -49.89 -4.15 -60.84
CA PRO B 65 -48.64 -4.84 -61.07
C PRO B 65 -48.33 -5.81 -59.95
N GLN B 66 -47.67 -6.94 -60.25
CA GLN B 66 -47.31 -7.84 -59.16
C GLN B 66 -45.99 -7.40 -58.49
N SER B 67 -45.14 -6.63 -59.20
CA SER B 67 -43.86 -6.22 -58.64
C SER B 67 -43.26 -5.09 -59.44
N LYS B 68 -42.37 -4.31 -58.80
CA LYS B 68 -41.67 -3.23 -59.49
C LYS B 68 -40.89 -3.74 -60.71
N ASP B 69 -40.58 -5.03 -60.76
CA ASP B 69 -39.82 -5.59 -61.92
C ASP B 69 -40.56 -5.39 -63.25
N GLN B 70 -41.86 -5.11 -63.14
CA GLN B 70 -42.72 -5.09 -64.33
C GLN B 70 -42.76 -3.66 -64.88
N VAL B 71 -42.14 -2.72 -64.20
CA VAL B 71 -42.13 -1.31 -64.72
C VAL B 71 -41.47 -1.39 -66.13
N ARG B 72 -42.14 -0.83 -67.09
CA ARG B 72 -41.68 -0.87 -68.42
C ARG B 72 -41.12 0.50 -68.77
N TRP B 73 -41.82 1.57 -68.39
CA TRP B 73 -41.37 2.93 -68.78
C TRP B 73 -42.09 3.98 -67.90
N GLN B 74 -41.64 5.23 -67.83
CA GLN B 74 -42.46 6.21 -67.11
C GLN B 74 -42.78 7.40 -68.01
N CYS B 75 -44.05 7.78 -68.04
CA CYS B 75 -44.48 9.00 -68.72
C CYS B 75 -44.31 10.16 -67.74
N ASN B 76 -43.07 10.68 -67.60
CA ASN B 76 -42.75 11.68 -66.56
C ASN B 76 -42.17 12.95 -67.20
N ARG B 77 -42.53 13.17 -68.46
CA ARG B 77 -42.07 14.40 -69.16
C ARG B 77 -43.24 15.08 -69.84
N PRO B 78 -44.17 15.51 -69.04
CA PRO B 78 -45.40 15.95 -69.67
C PRO B 78 -45.25 17.26 -70.44
N SER B 79 -44.22 18.05 -70.20
CA SER B 79 -44.13 19.17 -71.12
C SER B 79 -42.77 19.29 -71.85
N ALA B 80 -42.22 18.14 -72.22
CA ALA B 80 -40.90 18.03 -72.83
C ALA B 80 -40.87 18.91 -74.08
N LYS B 81 -39.81 19.73 -74.27
CA LYS B 81 -39.70 20.63 -75.42
C LYS B 81 -39.87 19.95 -76.79
N HIS B 82 -39.21 18.81 -76.99
CA HIS B 82 -39.25 18.07 -78.29
C HIS B 82 -40.61 17.51 -78.70
N GLY B 83 -41.46 17.26 -77.72
CA GLY B 83 -42.76 16.60 -77.95
C GLY B 83 -42.95 15.48 -76.94
N PRO B 84 -43.95 14.60 -77.17
CA PRO B 84 -44.32 13.68 -76.15
C PRO B 84 -43.22 12.71 -75.92
N GLU B 85 -43.09 12.22 -74.69
CA GLU B 85 -42.25 11.10 -74.37
C GLU B 85 -42.95 9.84 -74.97
N LYS B 86 -42.15 8.91 -75.52
CA LYS B 86 -42.73 7.85 -76.29
C LYS B 86 -42.02 6.57 -75.93
N LEU B 87 -42.79 5.53 -75.66
CA LEU B 87 -42.21 4.19 -75.60
C LEU B 87 -42.46 3.37 -76.86
N SER B 88 -41.42 2.88 -77.51
CA SER B 88 -41.50 2.21 -78.79
C SER B 88 -41.09 0.77 -78.56
N GLU B 89 -42.09 -0.09 -78.46
CA GLU B 89 -41.86 -1.53 -78.19
C GLU B 89 -41.86 -2.30 -79.50
N LYS B 90 -40.77 -2.98 -79.82
CA LYS B 90 -40.77 -3.83 -81.02
C LYS B 90 -41.25 -5.20 -80.60
N PHE B 91 -42.29 -5.72 -81.28
CA PHE B 91 -42.83 -7.05 -80.94
C PHE B 91 -41.98 -8.16 -81.58
N GLN B 92 -40.76 -8.26 -81.09
CA GLN B 92 -39.73 -9.17 -81.66
C GLN B 92 -39.75 -10.49 -80.90
N ARG B 93 -39.53 -11.59 -81.60
CA ARG B 93 -39.53 -12.93 -81.04
C ARG B 93 -38.36 -13.12 -80.02
N PHE B 94 -37.15 -12.64 -80.39
CA PHE B 94 -35.98 -12.83 -79.50
C PHE B 94 -35.35 -11.51 -79.06
N THR B 95 -34.82 -11.47 -77.82
CA THR B 95 -33.93 -10.38 -77.38
C THR B 95 -32.60 -10.85 -76.79
N PRO B 96 -31.49 -10.05 -76.95
CA PRO B 96 -30.29 -10.41 -76.30
C PRO B 96 -30.24 -9.75 -74.90
N PHE B 97 -31.30 -9.00 -74.54
CA PHE B 97 -31.30 -8.28 -73.26
C PHE B 97 -32.30 -8.95 -72.30
N THR B 98 -31.75 -9.58 -71.27
CA THR B 98 -32.56 -10.44 -70.40
C THR B 98 -33.60 -9.73 -69.52
N LEU B 99 -33.54 -8.41 -69.41
CA LEU B 99 -34.64 -7.67 -68.77
C LEU B 99 -35.75 -7.32 -69.72
N GLY B 100 -35.60 -7.56 -71.03
CA GLY B 100 -36.66 -7.19 -71.99
C GLY B 100 -37.66 -8.32 -72.25
N LYS B 101 -38.61 -8.14 -73.19
CA LYS B 101 -39.73 -9.12 -73.31
C LYS B 101 -39.63 -9.80 -74.68
N GLU B 102 -39.96 -11.08 -74.76
CA GLU B 102 -40.02 -11.70 -76.06
C GLU B 102 -41.47 -11.87 -76.38
N PHE B 103 -41.80 -11.80 -77.67
CA PHE B 103 -43.23 -11.84 -78.10
C PHE B 103 -43.37 -12.99 -79.10
N LYS B 104 -44.48 -13.74 -79.06
CA LYS B 104 -44.66 -14.94 -79.88
C LYS B 104 -45.90 -14.81 -80.70
N GLU B 105 -45.86 -15.24 -81.98
CA GLU B 105 -47.10 -15.31 -82.77
C GLU B 105 -48.18 -16.11 -82.06
N GLY B 106 -49.44 -15.63 -82.11
CA GLY B 106 -50.52 -16.44 -81.57
C GLY B 106 -50.66 -16.12 -80.08
N HIS B 107 -49.84 -15.23 -79.49
CA HIS B 107 -49.97 -14.88 -78.06
C HIS B 107 -50.46 -13.49 -77.80
N SER B 108 -50.97 -13.25 -76.57
CA SER B 108 -51.43 -11.93 -76.20
C SER B 108 -50.62 -11.35 -75.04
N TYR B 109 -50.52 -10.00 -74.92
CA TYR B 109 -49.57 -9.36 -73.98
C TYR B 109 -50.32 -8.15 -73.42
N TYR B 110 -49.88 -7.64 -72.29
CA TYR B 110 -50.72 -6.64 -71.50
C TYR B 110 -49.88 -5.50 -70.94
N TYR B 111 -50.36 -4.27 -71.15
CA TYR B 111 -49.81 -3.05 -70.43
C TYR B 111 -50.86 -2.52 -69.48
N ILE B 112 -50.42 -2.08 -68.29
CA ILE B 112 -51.32 -1.29 -67.42
C ILE B 112 -50.48 -0.08 -67.01
N SER B 113 -51.16 0.95 -66.52
CA SER B 113 -50.48 2.07 -65.92
C SER B 113 -50.93 2.28 -64.48
N LYS B 114 -50.12 3.05 -63.73
CA LYS B 114 -50.62 3.66 -62.50
C LYS B 114 -50.31 5.16 -62.62
N PRO B 115 -51.22 6.02 -62.14
CA PRO B 115 -51.02 7.47 -62.31
C PRO B 115 -49.97 7.98 -61.33
N ILE B 116 -49.20 8.97 -61.77
CA ILE B 116 -48.31 9.71 -60.84
C ILE B 116 -49.00 11.03 -60.42
N HIS B 117 -49.84 11.59 -61.28
CA HIS B 117 -50.74 12.73 -60.92
C HIS B 117 -51.92 12.07 -60.12
N GLN B 118 -51.53 11.03 -59.42
CA GLN B 118 -52.20 10.02 -58.57
C GLN B 118 -53.36 10.34 -57.65
N HIS B 119 -54.54 10.50 -58.23
CA HIS B 119 -55.76 10.06 -57.58
C HIS B 119 -56.17 8.90 -58.53
N GLU B 120 -55.79 7.63 -58.28
CA GLU B 120 -56.20 6.60 -59.29
C GLU B 120 -57.72 6.45 -59.33
N ASP B 121 -58.37 7.13 -60.29
CA ASP B 121 -59.84 7.14 -60.38
C ASP B 121 -60.29 6.07 -61.32
N ARG B 122 -59.33 5.49 -62.08
CA ARG B 122 -59.67 4.77 -63.30
C ARG B 122 -58.55 3.87 -63.74
N CYS B 123 -58.92 2.72 -64.34
CA CYS B 123 -57.94 1.76 -64.89
C CYS B 123 -57.66 2.09 -66.36
N LEU B 124 -56.38 2.35 -66.70
CA LEU B 124 -55.99 2.36 -68.09
C LEU B 124 -55.13 1.11 -68.32
N ARG B 125 -55.52 0.34 -69.33
CA ARG B 125 -54.80 -0.84 -69.68
C ARG B 125 -54.98 -1.08 -71.19
N LEU B 126 -54.19 -2.01 -71.68
CA LEU B 126 -54.16 -2.29 -73.13
C LEU B 126 -53.86 -3.76 -73.33
N LYS B 127 -54.63 -4.43 -74.21
CA LYS B 127 -54.27 -5.80 -74.58
C LYS B 127 -53.66 -5.79 -76.00
N VAL B 128 -52.53 -6.47 -76.24
CA VAL B 128 -52.00 -6.59 -77.61
C VAL B 128 -51.96 -8.05 -78.02
N THR B 129 -52.64 -8.39 -79.09
CA THR B 129 -52.62 -9.72 -79.59
C THR B 129 -51.66 -9.75 -80.86
N VAL B 130 -50.73 -10.73 -80.90
CA VAL B 130 -49.81 -10.96 -82.02
C VAL B 130 -50.40 -12.09 -82.91
N LYS B 131 -50.59 -11.81 -84.18
CA LYS B 131 -51.25 -12.79 -85.08
C LYS B 131 -50.33 -13.99 -85.27
N ILE B 132 -50.79 -15.19 -85.68
CA ILE B 132 -49.85 -15.79 -86.73
C ILE B 132 -50.10 -14.97 -87.96
N GLU C 1 -7.18 5.29 57.43
CA GLU C 1 -8.29 4.31 57.60
C GLU C 1 -7.70 3.00 58.04
N VAL C 2 -8.28 2.35 59.06
CA VAL C 2 -7.83 1.03 59.49
C VAL C 2 -8.97 0.04 59.26
N VAL C 3 -8.70 -0.99 58.45
CA VAL C 3 -9.76 -1.90 58.00
C VAL C 3 -9.89 -3.00 59.03
N LEU C 4 -11.11 -3.18 59.49
CA LEU C 4 -11.36 -4.18 60.53
C LEU C 4 -12.08 -5.43 59.94
N LEU C 5 -12.80 -5.25 58.85
CA LEU C 5 -13.41 -6.38 58.17
C LEU C 5 -13.54 -6.03 56.72
N ASP C 6 -13.40 -7.04 55.86
CA ASP C 6 -13.52 -6.79 54.43
C ASP C 6 -13.94 -8.06 53.71
N PHE C 7 -15.23 -8.21 53.49
CA PHE C 7 -15.75 -9.43 52.85
C PHE C 7 -15.19 -9.76 51.47
N ALA C 8 -15.25 -8.78 50.56
CA ALA C 8 -14.71 -9.07 49.20
C ALA C 8 -13.24 -9.49 49.21
N ALA C 9 -12.43 -9.00 50.15
CA ALA C 9 -10.99 -9.33 50.20
C ALA C 9 -10.70 -10.81 50.58
N ALA C 10 -11.69 -11.52 51.14
CA ALA C 10 -11.50 -12.90 51.65
C ALA C 10 -11.59 -13.90 50.49
N GLY C 11 -12.06 -13.42 49.34
CA GLY C 11 -11.98 -14.22 48.09
C GLY C 11 -12.78 -15.51 48.28
N GLY C 12 -13.95 -15.40 48.88
CA GLY C 12 -14.83 -16.56 49.10
C GLY C 12 -14.45 -17.49 50.26
N GLU C 13 -13.32 -17.21 50.93
CA GLU C 13 -12.91 -18.05 52.06
C GLU C 13 -13.56 -17.75 53.43
N LEU C 14 -14.37 -16.71 53.46
CA LEU C 14 -15.08 -16.28 54.65
C LEU C 14 -16.56 -16.66 54.58
N GLY C 15 -17.04 -17.45 55.53
CA GLY C 15 -18.41 -17.93 55.54
C GLY C 15 -19.11 -17.27 56.74
N TRP C 16 -20.29 -16.72 56.55
CA TRP C 16 -20.98 -16.10 57.66
C TRP C 16 -22.16 -16.92 58.08
N LEU C 17 -22.47 -16.86 59.35
CA LEU C 17 -23.60 -17.61 59.90
C LEU C 17 -24.90 -17.17 59.25
N THR C 18 -25.80 -18.11 58.97
CA THR C 18 -27.10 -17.74 58.48
C THR C 18 -28.18 -18.37 59.34
N HIS C 19 -29.30 -17.67 59.56
CA HIS C 19 -30.38 -18.15 60.43
C HIS C 19 -31.75 -17.75 59.82
N PRO C 20 -32.76 -18.64 59.79
CA PRO C 20 -32.75 -20.07 60.15
C PRO C 20 -31.83 -20.77 59.17
N TYR C 21 -31.17 -21.82 59.64
CA TYR C 21 -30.33 -22.63 58.72
C TYR C 21 -31.06 -23.18 57.44
N GLY C 22 -30.41 -23.04 56.30
CA GLY C 22 -30.91 -23.59 55.02
C GLY C 22 -32.05 -22.78 54.41
N LYS C 23 -32.36 -21.67 55.03
CA LYS C 23 -33.32 -20.78 54.46
C LYS C 23 -32.53 -19.49 54.36
N GLY C 24 -32.92 -18.64 53.44
CA GLY C 24 -32.46 -17.31 53.41
C GLY C 24 -31.18 -17.14 52.63
N TRP C 25 -30.23 -16.43 53.26
CA TRP C 25 -29.08 -15.96 52.53
C TRP C 25 -28.22 -17.17 52.06
N ASP C 26 -27.62 -17.08 50.89
CA ASP C 26 -26.79 -18.14 50.31
C ASP C 26 -25.55 -17.49 49.72
N LEU C 27 -24.39 -18.10 49.94
CA LEU C 27 -23.18 -17.64 49.25
C LEU C 27 -23.21 -18.03 47.76
N MET C 28 -23.17 -17.05 46.84
CA MET C 28 -23.19 -17.37 45.39
C MET C 28 -21.86 -16.96 44.75
N GLN C 29 -21.55 -17.54 43.59
CA GLN C 29 -20.29 -17.26 42.88
C GLN C 29 -20.64 -16.72 41.49
N ASN C 30 -19.95 -15.70 40.98
CA ASN C 30 -20.23 -15.26 39.60
C ASN C 30 -18.96 -14.68 39.08
N ILE C 31 -18.88 -14.50 37.78
CA ILE C 31 -17.80 -13.71 37.22
C ILE C 31 -18.31 -12.30 36.88
N MET C 32 -17.51 -11.30 37.30
CA MET C 32 -17.74 -9.89 36.96
C MET C 32 -16.44 -9.21 36.49
N ASN C 33 -16.54 -8.55 35.34
CA ASN C 33 -15.38 -7.84 34.72
C ASN C 33 -14.25 -8.81 34.66
N ASP C 34 -14.52 -10.02 34.20
CA ASP C 34 -13.52 -11.12 34.13
C ASP C 34 -12.83 -11.62 35.41
N MET C 35 -13.41 -11.35 36.57
CA MET C 35 -12.86 -11.88 37.79
C MET C 35 -13.89 -12.72 38.59
N PRO C 36 -13.41 -13.72 39.38
CA PRO C 36 -14.36 -14.50 40.23
C PRO C 36 -14.72 -13.65 41.41
N ILE C 37 -16.03 -13.53 41.72
CA ILE C 37 -16.49 -12.85 42.91
C ILE C 37 -17.55 -13.74 43.61
N TYR C 38 -17.74 -13.43 44.90
CA TYR C 38 -18.74 -14.07 45.75
C TYR C 38 -19.66 -13.04 46.29
N MET C 39 -20.87 -13.48 46.65
CA MET C 39 -21.79 -12.55 47.26
C MET C 39 -22.81 -13.32 48.08
N TYR C 40 -23.41 -12.67 49.07
CA TYR C 40 -24.49 -13.28 49.77
C TYR C 40 -25.77 -12.77 49.11
N SER C 41 -26.64 -13.71 48.76
CA SER C 41 -27.86 -13.41 48.03
C SER C 41 -29.12 -14.01 48.74
N VAL C 42 -30.26 -13.33 48.66
CA VAL C 42 -31.50 -13.92 49.07
C VAL C 42 -32.59 -13.30 48.19
N CYS C 43 -33.66 -14.05 47.93
CA CYS C 43 -34.67 -13.55 47.01
C CYS C 43 -35.99 -14.31 47.23
N ASN C 44 -36.43 -14.43 48.47
CA ASN C 44 -37.69 -15.16 48.72
C ASN C 44 -38.87 -14.19 48.69
N VAL C 45 -39.17 -13.65 47.51
CA VAL C 45 -40.12 -12.53 47.45
C VAL C 45 -41.60 -12.94 47.28
N MET C 46 -41.87 -14.23 47.05
CA MET C 46 -43.22 -14.75 46.76
C MET C 46 -43.92 -15.28 47.99
N SER C 47 -43.11 -15.83 48.89
CA SER C 47 -43.62 -16.22 50.19
C SER C 47 -43.28 -15.11 51.20
N GLY C 48 -44.24 -14.92 52.06
CA GLY C 48 -44.12 -14.02 53.15
C GLY C 48 -43.44 -14.81 54.23
N ASP C 49 -43.59 -14.29 55.44
CA ASP C 49 -43.04 -14.82 56.64
C ASP C 49 -41.53 -14.99 56.56
N GLN C 50 -40.84 -14.12 55.80
CA GLN C 50 -39.36 -14.23 55.73
C GLN C 50 -38.70 -13.47 56.85
N ASP C 51 -37.69 -14.06 57.48
CA ASP C 51 -36.94 -13.44 58.56
C ASP C 51 -35.57 -14.04 58.56
N ASN C 52 -34.76 -13.61 57.61
CA ASN C 52 -33.52 -14.28 57.34
C ASN C 52 -32.34 -13.43 57.77
N TRP C 53 -31.49 -14.00 58.60
CA TRP C 53 -30.43 -13.22 59.17
C TRP C 53 -29.11 -13.73 58.63
N LEU C 54 -28.23 -12.79 58.35
CA LEU C 54 -26.81 -13.11 57.97
C LEU C 54 -25.94 -12.38 58.99
N ARG C 55 -25.11 -13.12 59.72
CA ARG C 55 -24.31 -12.44 60.77
C ARG C 55 -22.84 -12.59 60.47
N THR C 56 -22.08 -11.49 60.63
CA THR C 56 -20.63 -11.55 60.36
C THR C 56 -19.96 -12.35 61.47
N ASN C 57 -18.70 -12.68 61.24
CA ASN C 57 -17.83 -13.14 62.27
C ASN C 57 -17.70 -12.07 63.30
N TRP C 58 -17.18 -12.46 64.46
CA TRP C 58 -16.98 -11.54 65.55
C TRP C 58 -15.76 -10.72 65.17
N VAL C 59 -15.81 -9.40 65.35
CA VAL C 59 -14.71 -8.52 64.87
C VAL C 59 -14.11 -7.85 66.06
N TYR C 60 -12.79 -7.89 66.18
CA TYR C 60 -12.11 -7.34 67.31
C TYR C 60 -12.09 -5.82 67.09
N ARG C 61 -12.51 -5.08 68.10
CA ARG C 61 -12.65 -3.61 67.98
C ARG C 61 -11.25 -2.95 67.87
N GLY C 62 -10.25 -3.53 68.53
CA GLY C 62 -8.88 -2.89 68.61
C GLY C 62 -8.98 -1.51 69.27
N GLU C 63 -8.47 -0.47 68.58
CA GLU C 63 -8.70 0.84 69.15
C GLU C 63 -9.82 1.68 68.53
N ALA C 64 -10.66 1.07 67.71
CA ALA C 64 -11.76 1.82 67.06
C ALA C 64 -12.68 2.34 68.15
N GLU C 65 -13.16 3.58 68.05
CA GLU C 65 -14.28 4.02 68.91
C GLU C 65 -15.55 4.18 68.07
N ARG C 66 -15.40 4.70 66.85
CA ARG C 66 -16.54 4.80 65.91
C ARG C 66 -16.16 3.98 64.67
N ILE C 67 -17.06 3.09 64.19
CA ILE C 67 -16.78 2.28 63.05
C ILE C 67 -17.61 2.77 61.89
N PHE C 68 -17.04 2.61 60.69
CA PHE C 68 -17.74 2.97 59.51
C PHE C 68 -17.99 1.67 58.68
N ILE C 69 -19.19 1.51 58.16
CA ILE C 69 -19.63 0.21 57.62
C ILE C 69 -20.08 0.57 56.20
N GLU C 70 -19.34 0.15 55.19
CA GLU C 70 -19.74 0.45 53.83
C GLU C 70 -20.22 -0.87 53.15
N LEU C 71 -21.38 -0.81 52.51
CA LEU C 71 -22.06 -1.93 51.87
C LEU C 71 -22.15 -1.66 50.38
N LYS C 72 -21.88 -2.67 49.51
CA LYS C 72 -22.16 -2.53 48.08
C LYS C 72 -23.12 -3.66 47.75
N PHE C 73 -24.25 -3.37 47.09
CA PHE C 73 -25.27 -4.40 46.96
C PHE C 73 -26.17 -4.06 45.78
N THR C 74 -26.89 -5.03 45.20
CA THR C 74 -27.93 -4.72 44.24
C THR C 74 -29.29 -5.13 44.87
N VAL C 75 -30.38 -4.57 44.38
CA VAL C 75 -31.70 -4.87 44.87
C VAL C 75 -32.56 -4.86 43.65
N ARG C 76 -33.44 -5.85 43.60
CA ARG C 76 -34.28 -5.97 42.45
C ARG C 76 -35.68 -5.32 42.71
N ASP C 77 -36.19 -4.66 41.71
CA ASP C 77 -37.49 -3.97 41.85
C ASP C 77 -38.61 -5.03 42.02
N CYS C 78 -39.49 -4.83 43.03
CA CYS C 78 -40.62 -5.75 43.22
C CYS C 78 -41.59 -5.89 41.98
N ASN C 79 -41.62 -4.91 41.06
CA ASN C 79 -42.50 -4.98 39.93
C ASN C 79 -41.89 -5.77 38.81
N SER C 80 -40.65 -6.24 39.00
CA SER C 80 -39.91 -6.96 37.95
C SER C 80 -40.16 -8.49 37.96
N PHE C 81 -41.00 -8.99 38.86
CA PHE C 81 -41.22 -10.45 38.94
C PHE C 81 -42.48 -10.80 38.15
N PRO C 82 -42.36 -11.69 37.10
CA PRO C 82 -43.51 -12.07 36.21
C PRO C 82 -44.67 -12.51 37.04
N GLY C 83 -44.45 -13.39 37.99
CA GLY C 83 -45.39 -13.47 39.15
C GLY C 83 -46.21 -12.22 39.54
N GLY C 84 -45.54 -11.16 40.01
CA GLY C 84 -46.19 -9.99 40.65
C GLY C 84 -45.48 -9.68 41.98
N ALA C 85 -45.33 -10.76 42.75
CA ALA C 85 -44.56 -10.87 43.98
C ALA C 85 -45.30 -10.29 45.18
N SER C 86 -46.24 -11.04 45.75
CA SER C 86 -47.19 -10.36 46.67
C SER C 86 -46.69 -10.03 48.07
N SER C 87 -45.51 -10.53 48.47
CA SER C 87 -44.95 -10.14 49.73
C SER C 87 -43.48 -9.68 49.53
N CYS C 88 -43.24 -8.92 48.46
CA CYS C 88 -41.91 -8.45 48.15
C CYS C 88 -41.54 -7.13 48.88
N LYS C 89 -40.25 -7.01 49.21
CA LYS C 89 -39.71 -5.80 49.90
C LYS C 89 -38.54 -5.35 49.05
N GLU C 90 -38.15 -4.08 49.18
CA GLU C 90 -36.96 -3.56 48.45
C GLU C 90 -35.95 -2.97 49.42
N THR C 91 -36.10 -3.24 50.72
CA THR C 91 -35.11 -2.78 51.73
C THR C 91 -34.65 -4.00 52.53
N PHE C 92 -33.60 -3.85 53.32
CA PHE C 92 -33.18 -4.83 54.31
C PHE C 92 -32.59 -4.01 55.52
N ASN C 93 -32.42 -4.69 56.65
CA ASN C 93 -32.07 -4.00 57.87
C ASN C 93 -30.66 -4.32 58.29
N LEU C 94 -29.96 -3.32 58.81
CA LEU C 94 -28.56 -3.53 59.20
C LEU C 94 -28.55 -3.40 60.73
N TYR C 95 -27.86 -4.34 61.41
CA TYR C 95 -27.88 -4.40 62.88
C TYR C 95 -26.44 -4.57 63.31
N TYR C 96 -26.15 -4.28 64.60
CA TYR C 96 -24.88 -4.72 65.17
C TYR C 96 -25.12 -5.19 66.63
N ALA C 97 -24.12 -5.86 67.21
CA ALA C 97 -24.11 -6.12 68.64
C ALA C 97 -22.66 -6.11 69.07
N GLU C 98 -22.40 -5.54 70.22
CA GLU C 98 -21.05 -5.57 70.85
C GLU C 98 -21.07 -6.74 71.81
N SER C 99 -19.92 -7.36 72.02
CA SER C 99 -19.81 -8.32 73.09
C SER C 99 -18.36 -8.47 73.51
N ASP C 100 -18.19 -8.93 74.73
CA ASP C 100 -16.85 -9.16 75.21
C ASP C 100 -16.40 -10.59 74.86
N LEU C 101 -17.31 -11.46 74.45
CA LEU C 101 -16.88 -12.79 74.05
C LEU C 101 -17.47 -13.20 72.71
N ASP C 102 -16.74 -14.03 71.97
CA ASP C 102 -17.32 -14.59 70.73
C ASP C 102 -18.32 -15.67 71.15
N TYR C 103 -19.56 -15.55 70.73
CA TYR C 103 -20.62 -16.54 71.02
C TYR C 103 -20.55 -17.71 70.05
N GLY C 104 -19.66 -17.62 69.07
CA GLY C 104 -19.62 -18.65 67.99
C GLY C 104 -20.93 -18.80 67.24
N THR C 105 -21.45 -20.00 67.21
CA THR C 105 -22.66 -20.28 66.41
C THR C 105 -23.90 -19.94 67.19
N ASN C 106 -23.74 -19.49 68.46
CA ASN C 106 -24.90 -19.16 69.28
C ASN C 106 -25.39 -17.74 69.01
N PHE C 107 -26.11 -17.57 67.92
CA PHE C 107 -26.64 -16.30 67.43
C PHE C 107 -27.97 -15.95 68.12
N GLN C 108 -28.01 -14.81 68.78
CA GLN C 108 -29.23 -14.44 69.50
C GLN C 108 -29.62 -13.05 69.01
N LYS C 109 -30.66 -12.98 68.18
CA LYS C 109 -31.09 -11.72 67.53
C LYS C 109 -31.47 -10.64 68.49
N ARG C 110 -32.01 -11.04 69.63
CA ARG C 110 -32.49 -10.08 70.61
C ARG C 110 -31.36 -9.24 71.11
N LEU C 111 -30.15 -9.73 71.01
CA LEU C 111 -29.05 -8.92 71.52
C LEU C 111 -28.53 -7.83 70.49
N PHE C 112 -29.12 -7.78 69.30
CA PHE C 112 -28.74 -6.86 68.23
C PHE C 112 -29.57 -5.57 68.25
N THR C 113 -28.96 -4.47 67.86
CA THR C 113 -29.60 -3.16 67.80
C THR C 113 -29.60 -2.76 66.33
N LYS C 114 -30.71 -2.20 65.88
CA LYS C 114 -30.80 -1.84 64.49
C LYS C 114 -30.06 -0.56 64.26
N ILE C 115 -29.21 -0.55 63.25
CA ILE C 115 -28.53 0.66 62.78
C ILE C 115 -29.41 1.42 61.79
N ASP C 116 -29.97 0.72 60.80
CA ASP C 116 -30.78 1.47 59.87
C ASP C 116 -31.55 0.48 58.97
N THR C 117 -32.60 1.01 58.35
CA THR C 117 -33.19 0.31 57.25
C THR C 117 -32.52 0.80 55.97
N ILE C 118 -31.90 -0.11 55.21
CA ILE C 118 -31.15 0.24 54.01
C ILE C 118 -31.96 0.11 52.75
N ALA C 119 -31.96 1.14 51.91
CA ALA C 119 -32.66 1.10 50.61
C ALA C 119 -31.70 1.46 49.52
N PRO C 120 -31.95 0.95 48.32
CA PRO C 120 -31.07 1.12 47.12
C PRO C 120 -31.36 2.48 46.47
N ASP C 121 -30.30 3.24 46.15
CA ASP C 121 -30.47 4.46 45.41
C ASP C 121 -30.85 4.12 43.97
N GLU C 122 -30.29 3.02 43.51
CA GLU C 122 -30.52 2.59 42.11
C GLU C 122 -31.11 1.18 42.10
N ILE C 123 -32.35 1.06 41.79
CA ILE C 123 -32.96 -0.28 41.78
C ILE C 123 -32.83 -1.07 40.45
N THR C 124 -32.73 -2.40 40.52
CA THR C 124 -32.58 -3.23 39.28
C THR C 124 -33.92 -3.58 38.72
N VAL C 125 -34.08 -3.28 37.42
CA VAL C 125 -35.35 -3.56 36.70
C VAL C 125 -35.20 -4.61 35.60
N SER C 126 -36.31 -5.10 35.07
CA SER C 126 -36.22 -6.27 34.21
C SER C 126 -35.28 -6.07 33.03
N SER C 127 -35.27 -4.84 32.51
CA SER C 127 -34.48 -4.62 31.26
C SER C 127 -32.98 -4.63 31.58
N ASP C 128 -32.62 -4.54 32.87
CA ASP C 128 -31.22 -4.60 33.25
C ASP C 128 -30.61 -5.99 33.02
N PHE C 129 -31.47 -7.02 33.14
CA PHE C 129 -31.08 -8.43 32.82
C PHE C 129 -30.61 -8.63 31.39
N GLU C 130 -31.40 -8.12 30.43
CA GLU C 130 -30.96 -8.24 28.99
C GLU C 130 -29.72 -7.39 28.72
N ALA C 131 -29.63 -6.23 29.36
CA ALA C 131 -28.53 -5.35 29.15
C ALA C 131 -27.31 -5.76 29.98
N ARG C 132 -27.50 -6.79 30.83
CA ARG C 132 -26.44 -7.26 31.74
C ARG C 132 -25.79 -6.05 32.39
N HIS C 133 -26.64 -5.15 32.88
CA HIS C 133 -26.20 -3.94 33.58
C HIS C 133 -26.32 -4.10 35.14
N VAL C 134 -25.18 -3.96 35.81
CA VAL C 134 -25.09 -4.18 37.24
C VAL C 134 -25.24 -2.79 37.91
N LYS C 135 -26.34 -2.53 38.61
CA LYS C 135 -26.44 -1.25 39.37
C LYS C 135 -26.07 -1.54 40.80
N LEU C 136 -24.82 -1.24 41.12
CA LEU C 136 -24.24 -1.59 42.41
C LEU C 136 -24.40 -0.37 43.27
N ASN C 137 -25.31 -0.45 44.23
CA ASN C 137 -25.48 0.60 45.26
C ASN C 137 -24.36 0.61 46.30
N VAL C 138 -24.05 1.81 46.83
CA VAL C 138 -23.06 1.91 47.89
C VAL C 138 -23.74 2.68 49.01
N GLU C 139 -23.73 2.14 50.22
CA GLU C 139 -24.29 2.88 51.36
C GLU C 139 -23.30 2.79 52.51
N GLU C 140 -23.11 3.85 53.29
CA GLU C 140 -22.20 3.73 54.43
C GLU C 140 -22.87 4.29 55.69
N ARG C 141 -22.69 3.60 56.80
CA ARG C 141 -23.24 4.02 58.09
C ARG C 141 -22.15 3.96 59.11
N SER C 142 -22.31 4.65 60.23
CA SER C 142 -21.32 4.59 61.31
C SER C 142 -22.01 4.38 62.66
N VAL C 143 -21.28 3.80 63.61
CA VAL C 143 -21.88 3.52 64.94
C VAL C 143 -20.78 3.76 65.93
N GLY C 144 -21.13 4.33 67.07
CA GLY C 144 -20.14 4.48 68.18
C GLY C 144 -20.81 5.30 69.26
N PRO C 145 -20.19 5.42 70.45
CA PRO C 145 -18.84 4.89 70.73
C PRO C 145 -18.91 3.38 70.98
N LEU C 146 -18.01 2.56 70.46
CA LEU C 146 -18.00 1.16 70.87
C LEU C 146 -17.12 0.98 72.06
N THR C 147 -17.45 0.04 72.95
CA THR C 147 -16.67 -0.10 74.18
C THR C 147 -16.26 -1.50 74.56
N ARG C 148 -16.81 -2.52 73.89
CA ARG C 148 -16.48 -3.91 74.25
C ARG C 148 -15.34 -4.47 73.41
N LYS C 149 -14.92 -5.69 73.71
CA LYS C 149 -13.81 -6.36 72.99
C LYS C 149 -14.03 -6.46 71.49
N GLY C 150 -15.27 -6.76 71.10
CA GLY C 150 -15.52 -7.00 69.66
C GLY C 150 -16.99 -6.74 69.40
N PHE C 151 -17.43 -6.98 68.16
CA PHE C 151 -18.83 -6.68 67.80
C PHE C 151 -19.17 -7.58 66.59
N TYR C 152 -20.47 -7.74 66.31
CA TYR C 152 -20.87 -8.39 65.09
C TYR C 152 -21.70 -7.41 64.31
N LEU C 153 -21.81 -7.60 63.01
CA LEU C 153 -22.88 -6.94 62.24
C LEU C 153 -23.86 -8.01 61.87
N ALA C 154 -25.11 -7.66 61.58
CA ALA C 154 -25.99 -8.65 60.98
C ALA C 154 -26.89 -7.97 59.96
N PHE C 155 -27.26 -8.74 58.90
CA PHE C 155 -28.19 -8.25 57.94
C PHE C 155 -29.51 -9.04 58.01
N GLN C 156 -30.63 -8.35 58.10
CA GLN C 156 -31.90 -9.09 58.19
C GLN C 156 -32.64 -8.82 56.94
N ASP C 157 -33.04 -9.89 56.28
CA ASP C 157 -33.92 -9.82 55.13
C ASP C 157 -35.33 -10.19 55.56
N ILE C 158 -36.28 -9.42 55.05
CA ILE C 158 -37.69 -9.65 55.30
C ILE C 158 -38.51 -9.84 54.03
N GLY C 159 -37.91 -10.34 52.97
CA GLY C 159 -38.70 -10.62 51.78
C GLY C 159 -38.25 -9.79 50.58
N ALA C 160 -36.96 -9.36 50.56
CA ALA C 160 -36.40 -8.66 49.42
C ALA C 160 -35.60 -9.60 48.48
N CYS C 161 -35.11 -9.05 47.41
CA CYS C 161 -34.26 -9.79 46.48
C CYS C 161 -32.99 -8.97 46.36
N VAL C 162 -31.96 -9.37 47.12
CA VAL C 162 -30.75 -8.53 47.41
C VAL C 162 -29.50 -9.42 47.29
N ALA C 163 -28.45 -8.88 46.66
CA ALA C 163 -27.09 -9.49 46.58
C ALA C 163 -26.15 -8.51 47.28
N LEU C 164 -25.45 -8.98 48.31
CA LEU C 164 -24.53 -8.15 49.05
C LEU C 164 -23.09 -8.55 48.58
N LEU C 165 -22.41 -7.66 47.86
CA LEU C 165 -21.13 -8.01 47.27
C LEU C 165 -19.95 -7.56 48.11
N SER C 166 -20.19 -6.59 49.00
CA SER C 166 -19.05 -5.97 49.75
C SER C 166 -19.52 -5.43 51.04
N VAL C 167 -18.72 -5.67 52.06
CA VAL C 167 -18.96 -5.21 53.41
C VAL C 167 -17.53 -4.87 53.94
N ARG C 168 -17.25 -3.58 54.09
CA ARG C 168 -15.96 -3.06 54.57
C ARG C 168 -16.23 -2.26 55.80
N VAL C 169 -15.63 -2.67 56.91
CA VAL C 169 -15.77 -1.97 58.20
C VAL C 169 -14.41 -1.37 58.52
N TYR C 170 -14.37 -0.07 58.88
CA TYR C 170 -13.05 0.54 59.16
C TYR C 170 -13.23 1.60 60.22
N TYR C 171 -12.14 2.05 60.87
CA TYR C 171 -12.23 3.28 61.62
C TYR C 171 -11.21 4.30 61.03
N LYS C 172 -11.39 5.58 61.40
CA LYS C 172 -10.57 6.68 60.85
C LYS C 172 -9.52 7.04 61.83
N LYS C 173 -8.34 7.29 61.28
CA LYS C 173 -7.22 7.81 62.06
C LYS C 173 -7.35 9.25 62.54
N CYS C 174 -7.92 10.13 61.72
CA CYS C 174 -7.85 11.59 62.08
C CYS C 174 -9.20 11.97 62.74
N ALA D 1 -32.60 -35.30 47.46
CA ALA D 1 -33.66 -34.32 47.18
C ALA D 1 -33.09 -32.95 47.37
N ASP D 2 -31.78 -32.70 47.04
CA ASP D 2 -31.22 -31.34 47.28
C ASP D 2 -29.89 -30.75 46.99
N ARG D 3 -28.84 -31.47 47.21
CA ARG D 3 -27.57 -31.09 46.63
C ARG D 3 -27.15 -32.27 45.74
N HIS D 4 -26.61 -31.96 44.56
CA HIS D 4 -26.23 -32.97 43.60
C HIS D 4 -24.74 -32.76 43.33
N THR D 5 -23.93 -33.76 43.66
CA THR D 5 -22.45 -33.66 43.45
C THR D 5 -22.04 -34.19 42.06
N VAL D 6 -21.29 -33.37 41.30
CA VAL D 6 -20.78 -33.70 39.96
C VAL D 6 -19.24 -33.59 39.99
N PHE D 7 -18.56 -34.74 39.81
CA PHE D 7 -17.10 -34.72 39.73
C PHE D 7 -16.71 -34.49 38.27
N TRP D 8 -16.34 -33.25 37.99
CA TRP D 8 -16.06 -32.82 36.61
C TRP D 8 -14.61 -33.20 36.30
N ASN D 9 -14.40 -34.45 35.85
CA ASN D 9 -13.05 -34.86 35.48
C ASN D 9 -13.17 -35.96 34.41
N SER D 10 -12.08 -36.20 33.65
CA SER D 10 -12.21 -37.09 32.42
C SER D 10 -12.25 -38.52 32.79
N SER D 11 -12.01 -38.85 34.04
CA SER D 11 -12.02 -40.24 34.35
C SER D 11 -13.32 -40.70 35.05
N ASN D 12 -14.26 -39.77 35.21
CA ASN D 12 -15.61 -40.06 35.71
C ASN D 12 -16.42 -40.72 34.63
N PRO D 13 -16.81 -42.00 34.81
CA PRO D 13 -17.48 -42.67 33.67
C PRO D 13 -18.84 -42.06 33.33
N LYS D 14 -19.42 -41.23 34.20
CA LYS D 14 -20.72 -40.63 33.86
C LYS D 14 -20.71 -39.71 32.62
N PHE D 15 -19.50 -39.24 32.23
CA PHE D 15 -19.33 -38.33 31.12
C PHE D 15 -19.02 -39.14 29.87
N ARG D 16 -18.91 -40.46 29.96
CA ARG D 16 -18.31 -41.16 28.79
C ARG D 16 -19.15 -41.08 27.53
N ASN D 17 -20.50 -41.08 27.62
CA ASN D 17 -21.28 -41.04 26.36
C ASN D 17 -21.83 -39.65 26.03
N GLU D 18 -21.27 -38.61 26.65
CA GLU D 18 -21.59 -37.22 26.33
C GLU D 18 -23.05 -36.87 26.59
N ASP D 19 -23.71 -37.66 27.43
CA ASP D 19 -25.15 -37.50 27.73
C ASP D 19 -25.47 -37.45 29.25
N TYR D 20 -24.44 -37.14 30.05
CA TYR D 20 -24.65 -36.98 31.47
C TYR D 20 -25.77 -35.94 31.73
N THR D 21 -26.84 -36.38 32.39
CA THR D 21 -28.03 -35.57 32.61
C THR D 21 -28.41 -35.78 34.11
N ILE D 22 -28.78 -34.72 34.83
CA ILE D 22 -29.33 -34.92 36.12
C ILE D 22 -30.63 -34.10 36.28
N HIS D 23 -31.57 -34.67 37.00
CA HIS D 23 -32.86 -34.12 37.20
C HIS D 23 -32.85 -33.44 38.59
N VAL D 24 -33.23 -32.17 38.68
CA VAL D 24 -33.15 -31.45 39.96
C VAL D 24 -34.51 -30.76 40.22
N GLN D 25 -34.78 -30.55 41.49
CA GLN D 25 -35.89 -29.67 41.87
C GLN D 25 -35.49 -28.20 41.94
N LEU D 26 -36.43 -27.29 41.67
CA LEU D 26 -36.18 -25.88 41.94
C LEU D 26 -35.67 -25.73 43.36
N ASN D 27 -34.56 -25.02 43.47
CA ASN D 27 -33.93 -24.64 44.76
C ASN D 27 -32.95 -25.67 45.21
N ASP D 28 -32.80 -26.75 44.42
CA ASP D 28 -31.69 -27.66 44.62
C ASP D 28 -30.34 -26.98 44.28
N TYR D 29 -29.21 -27.54 44.75
CA TYR D 29 -27.88 -27.08 44.35
C TYR D 29 -27.20 -28.18 43.56
N VAL D 30 -26.49 -27.79 42.49
CA VAL D 30 -25.52 -28.72 41.91
C VAL D 30 -24.09 -28.18 42.25
N ASP D 31 -23.29 -29.03 42.94
CA ASP D 31 -21.94 -28.69 43.32
C ASP D 31 -21.01 -29.38 42.30
N ILE D 32 -20.40 -28.57 41.44
CA ILE D 32 -19.54 -29.10 40.42
C ILE D 32 -18.16 -29.11 41.08
N ILE D 33 -17.54 -30.26 41.14
CA ILE D 33 -16.31 -30.42 41.87
C ILE D 33 -15.17 -30.52 40.86
N CYS D 34 -14.26 -29.53 40.88
CA CYS D 34 -13.14 -29.57 39.97
C CYS D 34 -12.15 -30.70 40.26
N PRO D 35 -11.32 -31.10 39.26
CA PRO D 35 -10.26 -32.09 39.50
C PRO D 35 -9.36 -31.55 40.58
N HIS D 36 -8.91 -32.43 41.47
CA HIS D 36 -8.11 -31.99 42.65
C HIS D 36 -7.07 -33.04 42.95
N TYR D 37 -5.85 -32.64 43.38
CA TYR D 37 -4.78 -33.63 43.59
C TYR D 37 -4.01 -33.32 44.85
N GLU D 38 -3.60 -34.32 45.62
CA GLU D 38 -2.76 -33.99 46.80
C GLU D 38 -1.31 -33.63 46.42
N ASP D 39 -0.69 -32.80 47.29
CA ASP D 39 0.76 -32.47 47.29
C ASP D 39 1.37 -32.58 45.90
N HIS D 40 2.20 -33.61 45.75
CA HIS D 40 2.44 -34.32 44.50
C HIS D 40 1.64 -35.63 44.70
N SER D 41 1.38 -36.35 43.61
CA SER D 41 0.65 -37.64 43.64
C SER D 41 0.49 -38.06 42.18
N VAL D 42 0.71 -37.06 41.33
CA VAL D 42 0.57 -37.12 39.88
C VAL D 42 1.51 -35.98 39.43
N ALA D 43 2.04 -36.08 38.21
CA ALA D 43 2.86 -35.03 37.61
C ALA D 43 1.98 -33.80 37.32
N ASP D 44 2.58 -32.60 37.43
CA ASP D 44 1.87 -31.33 37.19
C ASP D 44 1.09 -31.30 35.85
N ALA D 45 1.74 -31.66 34.73
CA ALA D 45 1.03 -31.67 33.41
C ALA D 45 -0.18 -32.67 33.32
N ALA D 46 -0.20 -33.65 34.21
CA ALA D 46 -1.28 -34.62 34.26
C ALA D 46 -2.53 -34.15 35.09
N MET D 47 -2.37 -33.09 35.85
CA MET D 47 -3.53 -32.48 36.58
C MET D 47 -4.45 -31.75 35.64
N GLU D 48 -5.67 -32.27 35.52
CA GLU D 48 -6.71 -31.62 34.71
C GLU D 48 -7.12 -30.25 35.22
N GLN D 49 -7.41 -29.34 34.28
CA GLN D 49 -7.88 -27.98 34.61
C GLN D 49 -8.90 -27.60 33.57
N TYR D 50 -9.95 -26.86 33.93
CA TYR D 50 -10.99 -26.53 32.93
C TYR D 50 -11.54 -25.10 33.01
N ILE D 51 -12.06 -24.59 31.91
CA ILE D 51 -12.99 -23.45 32.00
C ILE D 51 -14.37 -24.08 31.90
N LEU D 52 -15.29 -23.67 32.78
CA LEU D 52 -16.67 -24.17 32.78
C LEU D 52 -17.54 -23.10 32.16
N TYR D 53 -18.37 -23.46 31.20
CA TYR D 53 -19.30 -22.51 30.62
C TYR D 53 -20.72 -22.95 30.88
N LEU D 54 -21.65 -21.98 30.95
CA LEU D 54 -23.09 -22.23 31.09
C LEU D 54 -23.71 -21.66 29.81
N VAL D 55 -24.32 -22.55 28.98
CA VAL D 55 -24.58 -22.27 27.55
C VAL D 55 -25.97 -22.73 27.13
N GLU D 56 -26.41 -22.30 25.96
CA GLU D 56 -27.74 -22.69 25.47
C GLU D 56 -27.60 -24.07 24.78
N HIS D 57 -28.76 -24.66 24.51
CA HIS D 57 -28.80 -25.97 23.90
C HIS D 57 -27.89 -26.14 22.67
N GLU D 58 -27.91 -25.17 21.76
CA GLU D 58 -27.17 -25.24 20.50
C GLU D 58 -25.66 -25.33 20.82
N GLU D 59 -25.18 -24.47 21.75
CA GLU D 59 -23.79 -24.48 22.15
C GLU D 59 -23.42 -25.85 22.77
N TYR D 60 -24.36 -26.39 23.57
CA TYR D 60 -24.19 -27.71 24.18
C TYR D 60 -24.06 -28.80 23.08
N GLN D 61 -24.99 -28.83 22.13
CA GLN D 61 -24.88 -29.78 21.02
C GLN D 61 -23.55 -29.73 20.27
N LEU D 62 -23.10 -28.53 19.99
CA LEU D 62 -21.81 -28.32 19.29
C LEU D 62 -20.62 -28.45 20.23
N CYS D 63 -20.85 -28.52 21.56
CA CYS D 63 -19.76 -28.47 22.52
C CYS D 63 -18.84 -27.26 22.35
N GLN D 64 -19.42 -26.11 22.05
CA GLN D 64 -18.61 -24.93 21.85
C GLN D 64 -19.39 -23.71 22.33
N PRO D 65 -18.79 -22.90 23.18
CA PRO D 65 -19.48 -21.70 23.69
C PRO D 65 -19.54 -20.63 22.60
N GLN D 66 -20.50 -19.73 22.71
CA GLN D 66 -20.75 -18.74 21.66
C GLN D 66 -19.91 -17.50 22.02
N SER D 67 -19.65 -17.30 23.31
CA SER D 67 -18.80 -16.16 23.66
C SER D 67 -18.16 -16.29 25.04
N LYS D 68 -17.25 -15.37 25.32
CA LYS D 68 -16.60 -15.38 26.60
C LYS D 68 -17.59 -15.02 27.71
N ASP D 69 -18.65 -14.29 27.38
CA ASP D 69 -19.67 -13.96 28.36
C ASP D 69 -20.28 -15.21 28.99
N GLN D 70 -20.15 -16.39 28.37
CA GLN D 70 -20.72 -17.64 28.94
C GLN D 70 -19.85 -18.32 29.96
N VAL D 71 -18.61 -17.81 30.16
CA VAL D 71 -17.73 -18.39 31.19
C VAL D 71 -18.49 -18.39 32.49
N ARG D 72 -18.54 -19.54 33.13
CA ARG D 72 -19.27 -19.67 34.44
C ARG D 72 -18.30 -19.74 35.61
N TRP D 73 -17.21 -20.48 35.45
CA TRP D 73 -16.25 -20.64 36.56
C TRP D 73 -14.98 -21.27 36.03
N GLN D 74 -13.90 -21.19 36.78
CA GLN D 74 -12.66 -21.75 36.33
C GLN D 74 -12.13 -22.83 37.26
N CYS D 75 -11.96 -24.04 36.76
CA CYS D 75 -11.30 -25.13 37.53
C CYS D 75 -9.77 -24.93 37.30
N ASN D 76 -9.19 -23.96 37.97
CA ASN D 76 -7.80 -23.61 37.72
C ASN D 76 -6.97 -23.61 39.01
N ARG D 77 -7.41 -24.39 39.98
CA ARG D 77 -6.61 -24.58 41.20
C ARG D 77 -6.53 -26.08 41.50
N PRO D 78 -5.83 -26.85 40.63
CA PRO D 78 -5.86 -28.31 40.75
C PRO D 78 -5.26 -28.85 42.04
N SER D 79 -4.38 -28.12 42.74
CA SER D 79 -3.91 -28.57 44.07
C SER D 79 -4.09 -27.58 45.22
N ALA D 80 -5.19 -26.84 45.20
CA ALA D 80 -5.51 -25.95 46.27
C ALA D 80 -5.31 -26.69 47.62
N LYS D 81 -4.68 -26.03 48.58
CA LYS D 81 -4.43 -26.61 49.91
C LYS D 81 -5.70 -27.08 50.57
N HIS D 82 -6.80 -26.36 50.39
CA HIS D 82 -8.00 -26.56 51.23
C HIS D 82 -8.86 -27.67 50.70
N GLY D 83 -8.57 -28.09 49.47
CA GLY D 83 -9.43 -29.01 48.79
C GLY D 83 -9.93 -28.53 47.44
N PRO D 84 -10.80 -29.32 46.84
CA PRO D 84 -11.10 -29.08 45.43
C PRO D 84 -11.77 -27.78 45.26
N GLU D 85 -11.50 -27.08 44.16
CA GLU D 85 -12.23 -25.89 43.82
C GLU D 85 -13.64 -26.40 43.45
N LYS D 86 -14.66 -25.61 43.72
CA LYS D 86 -16.04 -26.10 43.58
C LYS D 86 -16.90 -24.93 43.08
N LEU D 87 -17.79 -25.19 42.13
CA LEU D 87 -18.84 -24.28 41.75
C LEU D 87 -20.19 -24.79 42.27
N SER D 88 -20.89 -24.01 43.12
CA SER D 88 -22.16 -24.44 43.64
C SER D 88 -23.20 -23.53 43.06
N GLU D 89 -23.98 -24.07 42.13
CA GLU D 89 -25.01 -23.39 41.41
C GLU D 89 -26.38 -23.66 42.08
N LYS D 90 -27.07 -22.62 42.55
CA LYS D 90 -28.39 -22.84 43.15
C LYS D 90 -29.39 -22.73 41.98
N PHE D 91 -30.22 -23.74 41.78
CA PHE D 91 -31.24 -23.71 40.73
C PHE D 91 -32.43 -22.91 41.18
N GLN D 92 -32.18 -21.61 41.41
CA GLN D 92 -33.24 -20.71 41.93
C GLN D 92 -34.00 -20.08 40.78
N ARG D 93 -35.28 -19.75 41.02
CA ARG D 93 -36.09 -19.13 39.96
C ARG D 93 -35.66 -17.70 39.62
N PHE D 94 -35.29 -16.93 40.67
CA PHE D 94 -34.98 -15.49 40.47
C PHE D 94 -33.64 -15.14 41.07
N THR D 95 -32.94 -14.16 40.46
CA THR D 95 -31.73 -13.65 41.09
C THR D 95 -31.76 -12.12 41.14
N PRO D 96 -31.14 -11.49 42.16
CA PRO D 96 -30.95 -10.05 42.14
C PRO D 96 -29.70 -9.55 41.34
N PHE D 97 -28.94 -10.48 40.82
CA PHE D 97 -27.67 -10.20 40.14
C PHE D 97 -27.80 -10.49 38.63
N THR D 98 -27.75 -9.42 37.85
CA THR D 98 -28.01 -9.53 36.40
C THR D 98 -26.66 -10.20 35.97
N LEU D 99 -26.48 -10.85 34.93
CA LEU D 99 -25.09 -11.62 35.08
C LEU D 99 -25.19 -12.99 35.68
N GLY D 100 -26.06 -13.21 36.71
CA GLY D 100 -26.34 -14.57 37.19
C GLY D 100 -27.46 -15.22 36.36
N LYS D 101 -27.80 -16.47 36.63
CA LYS D 101 -28.76 -17.15 35.72
C LYS D 101 -30.05 -17.47 36.53
N GLU D 102 -31.20 -17.50 35.87
CA GLU D 102 -32.48 -17.81 36.49
C GLU D 102 -32.90 -19.14 35.89
N PHE D 103 -33.46 -20.00 36.72
CA PHE D 103 -33.80 -21.33 36.31
C PHE D 103 -35.29 -21.57 36.50
N LYS D 104 -35.91 -22.35 35.62
CA LYS D 104 -37.35 -22.48 35.64
C LYS D 104 -37.77 -23.92 35.59
N GLU D 105 -38.90 -24.18 36.27
CA GLU D 105 -39.53 -25.52 36.26
C GLU D 105 -39.79 -25.97 34.89
N GLY D 106 -39.39 -27.20 34.58
CA GLY D 106 -39.68 -27.74 33.32
C GLY D 106 -38.64 -27.45 32.25
N HIS D 107 -37.58 -26.69 32.55
CA HIS D 107 -36.64 -26.35 31.53
C HIS D 107 -35.29 -27.01 31.76
N SER D 108 -34.42 -27.06 30.74
CA SER D 108 -33.10 -27.68 30.87
C SER D 108 -32.01 -26.71 30.71
N TYR D 109 -30.87 -26.98 31.34
CA TYR D 109 -29.75 -26.07 31.35
C TYR D 109 -28.50 -26.86 31.01
N TYR D 110 -27.53 -26.20 30.41
CA TYR D 110 -26.33 -26.88 29.93
C TYR D 110 -24.99 -26.33 30.31
N TYR D 111 -24.10 -27.20 30.79
CA TYR D 111 -22.70 -26.83 31.03
C TYR D 111 -21.78 -27.52 30.07
N ILE D 112 -20.72 -26.86 29.60
CA ILE D 112 -19.74 -27.52 28.81
C ILE D 112 -18.38 -27.06 29.39
N SER D 113 -17.35 -27.81 29.14
CA SER D 113 -16.01 -27.31 29.52
C SER D 113 -15.05 -27.28 28.36
N LYS D 114 -13.94 -26.58 28.60
CA LYS D 114 -12.77 -26.66 27.71
C LYS D 114 -11.52 -26.84 28.58
N PRO D 115 -10.60 -27.71 28.17
CA PRO D 115 -9.39 -27.80 28.98
C PRO D 115 -8.48 -26.56 28.84
N ILE D 116 -7.78 -26.18 29.91
CA ILE D 116 -6.92 -25.02 29.87
C ILE D 116 -5.61 -25.37 29.18
N HIS D 117 -5.01 -26.49 29.53
CA HIS D 117 -3.76 -26.85 28.92
C HIS D 117 -3.72 -28.20 28.19
N GLN D 118 -4.56 -29.12 28.60
CA GLN D 118 -4.55 -30.48 27.98
C GLN D 118 -5.32 -30.47 26.65
N HIS D 119 -5.03 -31.42 25.78
CA HIS D 119 -5.76 -31.58 24.55
C HIS D 119 -7.17 -32.09 24.80
N GLU D 120 -8.17 -31.45 24.22
CA GLU D 120 -9.53 -31.96 24.33
C GLU D 120 -9.67 -33.15 23.37
N ASP D 121 -9.66 -34.37 23.88
CA ASP D 121 -9.89 -35.51 23.01
C ASP D 121 -11.34 -36.02 23.10
N ARG D 122 -12.16 -35.31 23.87
CA ARG D 122 -13.53 -35.72 24.18
C ARG D 122 -14.36 -34.51 24.79
N CYS D 123 -15.69 -34.49 24.56
CA CYS D 123 -16.47 -33.36 24.97
C CYS D 123 -16.99 -33.63 26.39
N LEU D 124 -16.75 -32.73 27.34
CA LEU D 124 -17.31 -32.89 28.70
C LEU D 124 -18.43 -31.91 28.78
N ARG D 125 -19.62 -32.41 29.03
CA ARG D 125 -20.78 -31.56 29.12
C ARG D 125 -21.75 -32.14 30.12
N LEU D 126 -22.70 -31.30 30.54
CA LEU D 126 -23.69 -31.74 31.48
C LEU D 126 -25.02 -31.06 31.13
N LYS D 127 -26.08 -31.85 31.11
CA LYS D 127 -27.45 -31.33 31.09
C LYS D 127 -28.16 -31.45 32.43
N VAL D 128 -28.77 -30.32 32.89
CA VAL D 128 -29.49 -30.31 34.14
C VAL D 128 -30.93 -29.96 33.78
N THR D 129 -31.83 -30.83 34.15
CA THR D 129 -33.23 -30.55 33.91
C THR D 129 -33.96 -30.23 35.20
N VAL D 130 -34.64 -29.08 35.20
CA VAL D 130 -35.43 -28.69 36.40
C VAL D 130 -36.83 -29.33 36.29
N LYS D 131 -37.25 -30.11 37.29
CA LYS D 131 -38.54 -30.80 37.09
C LYS D 131 -39.70 -29.79 37.18
N ILE D 132 -40.88 -30.10 36.64
CA ILE D 132 -42.06 -29.28 37.06
C ILE D 132 -42.66 -29.79 38.38
N GLU E 1 30.25 23.41 -40.17
CA GLU E 1 29.77 22.59 -38.99
C GLU E 1 31.01 21.83 -38.50
N VAL E 2 31.38 21.99 -37.21
CA VAL E 2 32.47 21.18 -36.64
C VAL E 2 31.88 20.07 -35.80
N VAL E 3 32.10 18.83 -36.22
CA VAL E 3 31.40 17.68 -35.63
C VAL E 3 32.12 17.21 -34.35
N LEU E 4 31.42 17.08 -33.23
CA LEU E 4 32.01 16.64 -31.95
C LEU E 4 31.66 15.22 -31.61
N LEU E 5 30.59 14.71 -32.22
CA LEU E 5 30.06 13.40 -31.95
C LEU E 5 29.29 12.98 -33.21
N ASP E 6 29.50 11.76 -33.69
CA ASP E 6 28.66 11.20 -34.81
C ASP E 6 28.51 9.70 -34.60
N PHE E 7 27.38 9.28 -34.09
CA PHE E 7 27.19 7.90 -33.70
C PHE E 7 27.19 6.99 -34.93
N ALA E 8 26.47 7.38 -35.95
CA ALA E 8 26.25 6.50 -37.17
C ALA E 8 27.55 6.16 -37.90
N ALA E 9 28.55 7.02 -37.76
CA ALA E 9 29.90 6.90 -38.38
C ALA E 9 30.88 6.07 -37.55
N ALA E 10 30.45 5.74 -36.33
CA ALA E 10 31.35 5.08 -35.39
C ALA E 10 31.37 3.55 -35.51
N GLY E 11 30.49 2.96 -36.35
CA GLY E 11 30.66 1.53 -36.67
C GLY E 11 30.35 0.64 -35.48
N GLY E 12 29.44 1.05 -34.60
CA GLY E 12 29.08 0.29 -33.42
C GLY E 12 30.16 0.24 -32.30
N GLU E 13 31.17 1.10 -32.35
CA GLU E 13 32.25 1.00 -31.39
C GLU E 13 32.18 1.83 -30.10
N LEU E 14 31.24 2.76 -30.00
CA LEU E 14 31.03 3.59 -28.80
C LEU E 14 30.08 2.83 -27.86
N GLY E 15 30.53 1.92 -27.04
CA GLY E 15 29.72 1.41 -25.95
C GLY E 15 29.13 2.46 -25.04
N TRP E 16 28.09 3.14 -25.48
CA TRP E 16 27.40 4.06 -24.56
C TRP E 16 26.80 3.36 -23.35
N LEU E 17 26.75 4.02 -22.21
CA LEU E 17 26.24 3.48 -21.00
C LEU E 17 24.71 3.41 -21.01
N THR E 18 24.15 2.35 -20.44
CA THR E 18 22.70 2.17 -20.34
C THR E 18 22.39 1.93 -18.89
N HIS E 19 21.26 2.47 -18.44
CA HIS E 19 20.79 2.34 -17.09
C HIS E 19 19.27 2.08 -17.16
N PRO E 20 18.74 1.23 -16.26
CA PRO E 20 19.48 0.36 -15.33
C PRO E 20 20.34 -0.70 -16.06
N TYR E 21 21.41 -1.14 -15.41
CA TYR E 21 22.29 -2.21 -15.96
C TYR E 21 21.49 -3.25 -16.71
N GLY E 22 21.79 -3.45 -18.00
CA GLY E 22 21.17 -4.51 -18.84
C GLY E 22 19.63 -4.68 -18.82
N LYS E 23 18.91 -3.58 -18.63
CA LYS E 23 17.53 -3.44 -19.05
C LYS E 23 17.51 -2.31 -20.07
N GLY E 24 16.45 -2.20 -20.87
CA GLY E 24 16.20 -0.99 -21.64
C GLY E 24 16.90 -0.94 -23.01
N TRP E 25 17.66 0.12 -23.27
CA TRP E 25 18.27 0.32 -24.58
C TRP E 25 19.27 -0.77 -24.96
N ASP E 26 19.24 -1.25 -26.20
CA ASP E 26 20.17 -2.25 -26.71
C ASP E 26 20.77 -1.81 -28.01
N LEU E 27 22.05 -2.10 -28.22
CA LEU E 27 22.70 -1.76 -29.45
C LEU E 27 22.33 -2.93 -30.44
N MET E 28 21.80 -2.59 -31.63
CA MET E 28 21.32 -3.61 -32.55
C MET E 28 22.02 -3.33 -33.89
N GLN E 29 22.05 -4.34 -34.75
CA GLN E 29 22.68 -4.33 -36.07
C GLN E 29 21.66 -4.68 -37.11
N ASN E 30 21.68 -3.94 -38.21
CA ASN E 30 20.90 -4.28 -39.35
C ASN E 30 21.60 -3.86 -40.64
N ILE E 31 21.09 -4.37 -41.74
CA ILE E 31 21.53 -3.93 -43.07
C ILE E 31 20.45 -2.98 -43.58
N MET E 32 20.82 -1.75 -43.91
CA MET E 32 19.88 -0.86 -44.58
C MET E 32 20.53 -0.31 -45.88
N ASN E 33 19.80 -0.36 -46.99
CA ASN E 33 20.41 0.09 -48.26
C ASN E 33 21.71 -0.67 -48.54
N ASP E 34 21.75 -1.97 -48.29
CA ASP E 34 22.98 -2.73 -48.51
C ASP E 34 24.24 -2.26 -47.72
N MET E 35 24.08 -1.46 -46.67
CA MET E 35 25.18 -1.04 -45.79
C MET E 35 24.90 -1.54 -44.35
N PRO E 36 25.96 -1.95 -43.65
CA PRO E 36 25.80 -2.35 -42.25
C PRO E 36 25.54 -1.14 -41.30
N ILE E 37 24.47 -1.19 -40.51
CA ILE E 37 24.29 -0.05 -39.58
C ILE E 37 24.02 -0.57 -38.19
N TYR E 38 24.25 0.31 -37.21
CA TYR E 38 23.96 0.04 -35.86
C TYR E 38 22.82 0.99 -35.41
N MET E 39 22.13 0.65 -34.32
CA MET E 39 21.15 1.59 -33.75
C MET E 39 21.00 1.23 -32.28
N TYR E 40 20.68 2.22 -31.43
CA TYR E 40 20.23 1.88 -30.09
C TYR E 40 18.72 1.77 -30.14
N SER E 41 18.17 0.72 -29.53
CA SER E 41 16.77 0.46 -29.65
C SER E 41 16.16 0.05 -28.30
N VAL E 42 14.88 0.33 -28.12
CA VAL E 42 14.15 -0.08 -26.91
C VAL E 42 12.68 -0.24 -27.26
N CYS E 43 12.01 -1.20 -26.64
CA CYS E 43 10.62 -1.40 -27.01
C CYS E 43 9.83 -2.08 -25.90
N ASN E 44 9.95 -1.61 -24.67
CA ASN E 44 9.26 -2.21 -23.51
C ASN E 44 7.87 -1.59 -23.33
N VAL E 45 6.96 -1.92 -24.25
CA VAL E 45 5.74 -1.16 -24.36
C VAL E 45 4.61 -1.86 -23.59
N MET E 46 4.89 -3.06 -23.09
CA MET E 46 3.91 -3.89 -22.40
C MET E 46 3.81 -3.61 -20.87
N SER E 47 4.95 -3.50 -20.20
CA SER E 47 4.93 -3.35 -18.77
C SER E 47 5.14 -1.90 -18.53
N GLY E 48 4.44 -1.35 -17.55
CA GLY E 48 4.58 0.08 -17.32
C GLY E 48 5.91 0.46 -16.69
N ASP E 49 5.98 1.71 -16.26
CA ASP E 49 7.03 2.19 -15.35
C ASP E 49 8.47 2.14 -15.94
N GLN E 50 8.60 2.28 -17.26
CA GLN E 50 9.96 2.37 -17.86
C GLN E 50 10.63 3.68 -17.63
N ASP E 51 11.92 3.60 -17.38
CA ASP E 51 12.76 4.73 -17.17
C ASP E 51 14.15 4.35 -17.60
N ASN E 52 14.34 4.20 -18.94
CA ASN E 52 15.55 3.67 -19.44
C ASN E 52 16.41 4.79 -20.01
N TRP E 53 17.67 4.83 -19.62
CA TRP E 53 18.52 5.94 -20.00
C TRP E 53 19.66 5.41 -20.80
N LEU E 54 19.97 6.14 -21.85
CA LEU E 54 21.14 5.87 -22.68
C LEU E 54 21.98 7.12 -22.64
N ARG E 55 23.25 6.96 -22.37
CA ARG E 55 24.14 8.19 -22.22
C ARG E 55 25.35 8.12 -23.09
N THR E 56 25.61 9.20 -23.81
CA THR E 56 26.78 9.23 -24.63
C THR E 56 28.05 9.17 -23.77
N ASN E 57 29.17 8.89 -24.38
CA ASN E 57 30.41 9.18 -23.68
C ASN E 57 30.57 10.71 -23.48
N TRP E 58 31.52 11.06 -22.62
CA TRP E 58 31.84 12.47 -22.33
C TRP E 58 32.38 13.11 -23.63
N VAL E 59 31.92 14.32 -23.90
CA VAL E 59 32.36 15.07 -25.09
C VAL E 59 33.06 16.34 -24.61
N TYR E 60 34.36 16.41 -24.93
CA TYR E 60 35.24 17.51 -24.56
C TYR E 60 34.79 18.72 -25.38
N ARG E 61 34.47 19.80 -24.68
CA ARG E 61 33.79 20.92 -25.36
C ARG E 61 34.76 21.77 -26.31
N GLY E 62 36.03 21.92 -25.88
CA GLY E 62 37.04 22.81 -26.47
C GLY E 62 36.44 24.22 -26.46
N GLU E 63 36.34 24.82 -27.65
CA GLU E 63 35.89 26.21 -27.86
C GLU E 63 34.37 26.34 -28.09
N ALA E 64 33.69 25.22 -28.33
CA ALA E 64 32.25 25.17 -28.60
C ALA E 64 31.50 25.85 -27.45
N GLU E 65 30.65 26.80 -27.77
CA GLU E 65 29.73 27.37 -26.75
C GLU E 65 28.31 27.02 -27.03
N ARG E 66 27.98 26.91 -28.31
CA ARG E 66 26.59 26.49 -28.67
C ARG E 66 26.60 25.28 -29.51
N ILE E 67 25.98 24.17 -29.09
CA ILE E 67 26.05 22.95 -29.89
C ILE E 67 24.68 22.65 -30.49
N PHE E 68 24.67 21.96 -31.61
CA PHE E 68 23.47 21.57 -32.28
C PHE E 68 23.48 20.04 -32.25
N ILE E 69 22.33 19.48 -31.88
CA ILE E 69 22.20 18.05 -31.70
C ILE E 69 21.16 17.58 -32.72
N GLU E 70 21.58 16.71 -33.63
CA GLU E 70 20.71 16.25 -34.71
C GLU E 70 20.46 14.79 -34.48
N LEU E 71 19.19 14.44 -34.26
CA LEU E 71 18.75 13.05 -34.09
C LEU E 71 18.01 12.41 -35.25
N LYS E 72 18.33 11.15 -35.59
CA LYS E 72 17.53 10.41 -36.61
C LYS E 72 17.00 9.13 -35.98
N PHE E 73 15.70 8.83 -36.13
CA PHE E 73 15.11 7.79 -35.31
C PHE E 73 13.76 7.35 -35.92
N THR E 74 13.29 6.16 -35.57
CA THR E 74 11.91 5.79 -35.90
C THR E 74 11.14 5.59 -34.63
N VAL E 75 9.81 5.64 -34.70
CA VAL E 75 9.01 5.38 -33.52
C VAL E 75 7.85 4.54 -34.07
N ARG E 76 7.43 3.53 -33.31
CA ARG E 76 6.34 2.65 -33.73
C ARG E 76 5.02 2.97 -33.05
N ASP E 77 3.94 2.86 -33.84
CA ASP E 77 2.56 3.19 -33.44
C ASP E 77 2.11 2.34 -32.25
N CYS E 78 1.67 2.97 -31.17
CA CYS E 78 1.23 2.21 -29.99
C CYS E 78 0.13 1.20 -30.20
N ASN E 79 -0.69 1.39 -31.25
CA ASN E 79 -1.83 0.54 -31.49
C ASN E 79 -1.45 -0.70 -32.27
N SER E 80 -0.20 -0.71 -32.79
CA SER E 80 0.26 -1.81 -33.66
C SER E 80 0.80 -3.00 -32.89
N PHE E 81 0.56 -3.05 -31.57
CA PHE E 81 0.99 -4.15 -30.72
C PHE E 81 -0.24 -5.00 -30.37
N PRO E 82 -0.24 -6.31 -30.73
CA PRO E 82 -1.52 -7.01 -30.62
C PRO E 82 -2.08 -7.05 -29.19
N GLY E 83 -1.21 -7.22 -28.20
CA GLY E 83 -1.64 -7.58 -26.85
C GLY E 83 -2.22 -6.37 -26.21
N GLY E 84 -1.34 -5.52 -25.69
CA GLY E 84 -1.74 -4.42 -24.84
C GLY E 84 -0.93 -3.17 -25.17
N ALA E 85 -0.20 -2.68 -24.19
CA ALA E 85 0.51 -1.43 -24.34
C ALA E 85 -0.33 -0.20 -23.93
N SER E 86 -1.12 -0.30 -22.86
CA SER E 86 -1.74 0.91 -22.33
C SER E 86 -0.67 1.77 -21.65
N SER E 87 0.50 1.19 -21.35
CA SER E 87 1.63 2.00 -20.88
C SER E 87 2.48 2.53 -22.03
N CYS E 88 2.15 2.12 -23.24
CA CYS E 88 2.90 2.53 -24.45
C CYS E 88 2.87 4.04 -24.70
N LYS E 89 3.99 4.58 -25.12
CA LYS E 89 4.14 5.99 -25.43
C LYS E 89 4.75 6.15 -26.82
N GLU E 90 4.64 7.36 -27.42
CA GLU E 90 5.22 7.64 -28.72
C GLU E 90 6.20 8.82 -28.73
N THR E 91 6.87 9.07 -27.60
CA THR E 91 7.95 10.10 -27.53
C THR E 91 9.05 9.54 -26.66
N PHE E 92 10.22 10.16 -26.69
CA PHE E 92 11.25 9.97 -25.71
C PHE E 92 11.81 11.35 -25.40
N ASN E 93 12.69 11.43 -24.38
CA ASN E 93 13.22 12.72 -23.89
C ASN E 93 14.72 12.84 -24.14
N LEU E 94 15.14 14.01 -24.59
CA LEU E 94 16.58 14.34 -24.72
C LEU E 94 17.03 15.20 -23.49
N TYR E 95 18.19 14.86 -22.90
CA TYR E 95 18.75 15.47 -21.73
C TYR E 95 20.24 15.72 -22.00
N TYR E 96 20.87 16.57 -21.20
CA TYR E 96 22.30 16.78 -21.33
C TYR E 96 22.82 17.10 -19.96
N ALA E 97 24.14 17.01 -19.76
CA ALA E 97 24.77 17.47 -18.50
C ALA E 97 26.15 17.95 -18.81
N GLU E 98 26.57 19.05 -18.18
CA GLU E 98 27.97 19.48 -18.31
C GLU E 98 28.69 19.04 -17.02
N SER E 99 29.99 18.78 -17.12
CA SER E 99 30.80 18.54 -15.92
C SER E 99 32.24 18.91 -16.24
N ASP E 100 33.05 18.98 -15.20
CA ASP E 100 34.44 19.23 -15.40
C ASP E 100 35.23 17.96 -15.48
N LEU E 101 34.60 16.87 -15.13
CA LEU E 101 35.26 15.61 -15.22
C LEU E 101 34.30 14.57 -15.75
N ASP E 102 34.90 13.55 -16.31
CA ASP E 102 34.19 12.45 -16.87
C ASP E 102 33.91 11.53 -15.65
N TYR E 103 32.63 11.30 -15.38
CA TYR E 103 32.23 10.41 -14.26
C TYR E 103 32.34 8.93 -14.64
N GLY E 104 32.56 8.64 -15.91
CA GLY E 104 32.84 7.25 -16.32
C GLY E 104 31.59 6.41 -16.14
N THR E 105 31.69 5.34 -15.36
CA THR E 105 30.48 4.50 -15.20
C THR E 105 29.49 4.97 -14.20
N ASN E 106 29.79 6.09 -13.54
CA ASN E 106 29.02 6.55 -12.44
C ASN E 106 27.95 7.48 -13.03
N PHE E 107 26.90 6.91 -13.58
CA PHE E 107 25.83 7.70 -14.14
C PHE E 107 24.84 8.16 -13.06
N GLN E 108 24.62 9.46 -13.01
CA GLN E 108 23.62 9.98 -12.12
C GLN E 108 22.55 10.77 -12.88
N LYS E 109 21.32 10.27 -12.89
CA LYS E 109 20.18 10.92 -13.57
C LYS E 109 19.99 12.36 -13.16
N ARG E 110 20.03 12.60 -11.84
CA ARG E 110 19.73 13.91 -11.29
C ARG E 110 20.73 14.98 -11.77
N LEU E 111 21.89 14.58 -12.28
CA LEU E 111 22.80 15.58 -12.81
C LEU E 111 22.38 16.12 -14.19
N PHE E 112 21.37 15.52 -14.83
CA PHE E 112 20.93 15.87 -16.14
C PHE E 112 19.80 16.86 -16.25
N THR E 113 19.88 17.73 -17.26
CA THR E 113 18.85 18.74 -17.51
C THR E 113 18.05 18.40 -18.74
N LYS E 114 16.72 18.49 -18.66
CA LYS E 114 15.95 18.20 -19.87
C LYS E 114 16.10 19.27 -20.94
N ILE E 115 16.28 18.84 -22.17
CA ILE E 115 16.27 19.74 -23.33
C ILE E 115 14.89 19.80 -23.98
N ASP E 116 14.32 18.65 -24.38
CA ASP E 116 12.97 18.63 -24.97
C ASP E 116 12.42 17.19 -25.05
N THR E 117 11.10 17.08 -25.13
CA THR E 117 10.45 15.83 -25.59
C THR E 117 10.70 15.78 -27.10
N ILE E 118 11.03 14.59 -27.59
CA ILE E 118 11.29 14.38 -29.03
C ILE E 118 10.16 13.52 -29.51
N ALA E 119 9.38 14.06 -30.44
CA ALA E 119 8.24 13.44 -31.04
C ALA E 119 8.52 13.24 -32.52
N PRO E 120 8.06 12.09 -33.05
CA PRO E 120 8.19 11.73 -34.49
C PRO E 120 7.20 12.49 -35.36
N ASP E 121 7.66 13.10 -36.45
CA ASP E 121 6.74 13.66 -37.42
C ASP E 121 6.01 12.50 -38.13
N GLU E 122 6.68 11.36 -38.24
CA GLU E 122 6.11 10.25 -39.03
C GLU E 122 6.14 8.95 -38.20
N ILE E 123 4.97 8.46 -37.81
CA ILE E 123 5.02 7.26 -36.98
C ILE E 123 4.99 5.96 -37.81
N THR E 124 5.67 4.91 -37.34
CA THR E 124 5.75 3.64 -38.05
C THR E 124 4.50 2.82 -37.68
N VAL E 125 3.74 2.43 -38.68
CA VAL E 125 2.45 1.69 -38.54
C VAL E 125 2.64 0.24 -38.97
N SER E 126 1.69 -0.62 -38.65
CA SER E 126 1.84 -2.06 -38.92
C SER E 126 2.19 -2.39 -40.37
N SER E 127 1.47 -1.78 -41.33
CA SER E 127 1.73 -1.97 -42.77
C SER E 127 3.17 -1.62 -43.23
N ASP E 128 3.91 -0.92 -42.37
CA ASP E 128 5.29 -0.56 -42.69
C ASP E 128 6.25 -1.73 -42.56
N PHE E 129 5.88 -2.74 -41.76
CA PHE E 129 6.71 -3.92 -41.65
C PHE E 129 6.60 -4.68 -42.99
N GLU E 130 5.38 -4.98 -43.44
CA GLU E 130 5.18 -5.63 -44.77
C GLU E 130 5.88 -4.92 -45.94
N ALA E 131 5.63 -3.61 -46.09
CA ALA E 131 6.23 -2.80 -47.14
C ALA E 131 7.74 -2.57 -46.95
N ARG E 132 8.30 -3.14 -45.90
CA ARG E 132 9.65 -2.80 -45.46
C ARG E 132 9.96 -1.29 -45.57
N HIS E 133 9.08 -0.45 -45.05
CA HIS E 133 9.31 0.97 -45.20
C HIS E 133 9.90 1.53 -43.89
N VAL E 134 10.99 2.30 -43.98
CA VAL E 134 11.56 2.95 -42.80
C VAL E 134 11.18 4.42 -42.84
N LYS E 135 10.41 4.85 -41.87
CA LYS E 135 10.04 6.27 -41.78
C LYS E 135 11.03 6.90 -40.80
N LEU E 136 12.13 7.44 -41.31
CA LEU E 136 13.25 8.01 -40.50
C LEU E 136 13.00 9.49 -40.22
N ASN E 137 12.72 9.85 -38.96
CA ASN E 137 12.42 11.21 -38.53
C ASN E 137 13.75 11.94 -38.22
N VAL E 138 13.75 13.25 -38.34
CA VAL E 138 14.98 14.03 -38.03
C VAL E 138 14.49 15.14 -37.13
N GLU E 139 15.17 15.31 -35.97
CA GLU E 139 14.83 16.38 -35.07
C GLU E 139 16.15 16.99 -34.65
N GLU E 140 16.21 18.32 -34.54
CA GLU E 140 17.42 19.01 -34.11
C GLU E 140 17.11 20.00 -32.95
N ARG E 141 18.00 20.08 -31.98
CA ARG E 141 17.80 21.01 -30.89
C ARG E 141 19.19 21.60 -30.71
N SER E 142 19.27 22.70 -29.98
CA SER E 142 20.52 23.35 -29.64
C SER E 142 20.58 23.60 -28.15
N VAL E 143 21.80 23.64 -27.62
CA VAL E 143 22.02 23.83 -26.20
C VAL E 143 23.20 24.83 -26.05
N GLY E 144 23.10 25.74 -25.10
CA GLY E 144 24.17 26.68 -24.79
C GLY E 144 23.64 27.88 -24.02
N PRO E 145 24.55 28.72 -23.48
CA PRO E 145 25.95 28.53 -23.74
C PRO E 145 26.59 27.50 -22.80
N LEU E 146 27.48 26.69 -23.32
CA LEU E 146 28.20 25.70 -22.47
C LEU E 146 29.43 26.34 -21.78
N THR E 147 29.74 25.93 -20.56
CA THR E 147 30.86 26.59 -19.84
C THR E 147 31.93 25.58 -19.35
N ARG E 148 31.55 24.30 -19.21
CA ARG E 148 32.39 23.34 -18.54
C ARG E 148 33.32 22.62 -19.48
N LYS E 149 34.19 21.78 -18.93
CA LYS E 149 35.18 21.08 -19.76
C LYS E 149 34.52 20.14 -20.79
N GLY E 150 33.40 19.52 -20.41
CA GLY E 150 32.77 18.56 -21.29
C GLY E 150 31.31 18.40 -20.97
N PHE E 151 30.61 17.60 -21.76
CA PHE E 151 29.18 17.40 -21.56
C PHE E 151 28.84 15.98 -22.01
N TYR E 152 27.68 15.50 -21.54
CA TYR E 152 27.05 14.28 -22.01
C TYR E 152 25.67 14.61 -22.59
N LEU E 153 25.18 13.75 -23.50
CA LEU E 153 23.79 13.77 -23.86
C LEU E 153 23.21 12.52 -23.26
N ALA E 154 21.90 12.52 -22.97
CA ALA E 154 21.31 11.25 -22.58
C ALA E 154 19.92 11.20 -23.16
N PHE E 155 19.47 9.98 -23.38
CA PHE E 155 18.15 9.78 -23.95
C PHE E 155 17.33 8.95 -22.95
N GLN E 156 16.21 9.49 -22.51
CA GLN E 156 15.33 8.75 -21.58
C GLN E 156 14.16 8.14 -22.32
N ASP E 157 14.02 6.80 -22.25
CA ASP E 157 12.79 6.14 -22.74
C ASP E 157 11.84 5.92 -21.56
N ILE E 158 10.58 6.31 -21.75
CA ILE E 158 9.55 6.16 -20.73
C ILE E 158 8.48 5.10 -21.10
N GLY E 159 8.75 4.25 -22.10
CA GLY E 159 7.83 3.16 -22.48
C GLY E 159 7.40 3.25 -23.95
N ALA E 160 8.31 3.69 -24.82
CA ALA E 160 8.03 3.79 -26.24
C ALA E 160 8.75 2.70 -27.02
N CYS E 161 8.56 2.68 -28.33
CA CYS E 161 9.23 1.68 -29.20
C CYS E 161 10.04 2.46 -30.24
N VAL E 162 11.34 2.66 -29.98
CA VAL E 162 12.17 3.67 -30.65
C VAL E 162 13.44 3.00 -31.13
N ALA E 163 13.85 3.35 -32.34
CA ALA E 163 15.18 3.01 -32.84
C ALA E 163 15.90 4.30 -33.18
N LEU E 164 17.06 4.49 -32.58
CA LEU E 164 17.82 5.70 -32.71
C LEU E 164 19.04 5.38 -33.54
N LEU E 165 19.06 5.94 -34.74
CA LEU E 165 19.99 5.56 -35.77
C LEU E 165 21.14 6.52 -35.93
N SER E 166 20.92 7.80 -35.66
CA SER E 166 21.97 8.80 -35.80
C SER E 166 21.89 9.86 -34.65
N VAL E 167 23.04 10.20 -34.13
CA VAL E 167 23.20 11.29 -33.11
C VAL E 167 24.42 12.10 -33.51
N ARG E 168 24.20 13.28 -34.00
CA ARG E 168 25.31 14.08 -34.52
C ARG E 168 25.27 15.41 -33.79
N VAL E 169 26.39 15.75 -33.19
CA VAL E 169 26.54 16.95 -32.37
C VAL E 169 27.62 17.77 -33.02
N TYR E 170 27.32 19.03 -33.31
CA TYR E 170 28.28 19.91 -33.96
C TYR E 170 28.17 21.31 -33.44
N TYR E 171 29.22 22.08 -33.63
CA TYR E 171 29.06 23.53 -33.46
C TYR E 171 29.38 24.26 -34.76
N LYS E 172 29.02 25.55 -34.81
CA LYS E 172 29.36 26.36 -36.00
C LYS E 172 30.57 27.23 -35.66
N LYS E 173 31.60 27.11 -36.48
CA LYS E 173 32.86 27.81 -36.27
C LYS E 173 32.80 29.17 -36.94
N CYS E 174 32.44 29.15 -38.23
CA CYS E 174 32.29 30.34 -39.08
C CYS E 174 30.84 30.89 -39.10
N ALA F 1 20.33 -18.62 -18.73
CA ALA F 1 21.41 -17.97 -19.47
C ALA F 1 20.91 -17.11 -20.62
N ASP F 2 21.51 -15.93 -20.77
CA ASP F 2 20.92 -14.91 -21.56
C ASP F 2 21.68 -14.65 -22.86
N ARG F 3 23.01 -14.85 -22.96
CA ARG F 3 23.75 -14.68 -24.27
C ARG F 3 24.26 -16.06 -24.76
N HIS F 4 24.25 -16.38 -26.04
CA HIS F 4 24.74 -17.69 -26.49
C HIS F 4 25.80 -17.47 -27.57
N THR F 5 26.97 -18.07 -27.39
CA THR F 5 28.02 -17.88 -28.37
C THR F 5 28.10 -18.95 -29.46
N VAL F 6 28.12 -18.48 -30.71
CA VAL F 6 28.27 -19.35 -31.85
C VAL F 6 29.46 -18.95 -32.68
N PHE F 7 30.42 -19.86 -32.82
CA PHE F 7 31.58 -19.60 -33.67
C PHE F 7 31.31 -20.04 -35.08
N TRP F 8 31.08 -19.07 -35.97
CA TRP F 8 30.69 -19.39 -37.34
C TRP F 8 31.95 -19.59 -38.23
N ASN F 9 32.63 -20.77 -38.15
CA ASN F 9 33.93 -21.09 -38.80
C ASN F 9 33.65 -22.50 -39.34
N SER F 10 34.25 -22.91 -40.47
CA SER F 10 34.02 -24.31 -40.98
C SER F 10 34.77 -25.32 -40.14
N SER F 11 35.70 -24.86 -39.32
CA SER F 11 36.43 -25.82 -38.54
C SER F 11 35.80 -26.08 -37.12
N ASN F 12 34.60 -25.50 -36.88
CA ASN F 12 33.85 -25.70 -35.63
C ASN F 12 33.07 -26.98 -35.79
N PRO F 13 33.39 -28.07 -35.03
CA PRO F 13 32.69 -29.33 -35.34
C PRO F 13 31.18 -29.34 -35.14
N LYS F 14 30.63 -28.30 -34.51
CA LYS F 14 29.17 -28.28 -34.23
C LYS F 14 28.39 -28.19 -35.54
N PHE F 15 29.03 -27.63 -36.56
CA PHE F 15 28.35 -27.56 -37.84
C PHE F 15 28.45 -28.85 -38.64
N ARG F 16 29.22 -29.83 -38.16
CA ARG F 16 29.56 -31.03 -38.96
C ARG F 16 28.41 -31.86 -39.59
N ASN F 17 27.31 -32.02 -38.89
CA ASN F 17 26.18 -32.82 -39.38
C ASN F 17 25.06 -31.96 -39.97
N GLU F 18 25.37 -30.69 -40.25
CA GLU F 18 24.37 -29.72 -40.74
C GLU F 18 23.11 -29.64 -39.89
N ASP F 19 23.26 -29.87 -38.57
CA ASP F 19 22.07 -29.91 -37.70
C ASP F 19 22.27 -29.10 -36.39
N TYR F 20 23.27 -28.22 -36.39
CA TYR F 20 23.54 -27.39 -35.23
C TYR F 20 22.26 -26.66 -34.88
N THR F 21 21.82 -26.82 -33.61
CA THR F 21 20.66 -26.12 -33.05
C THR F 21 21.03 -25.61 -31.70
N ILE F 22 20.53 -24.42 -31.36
CA ILE F 22 20.63 -23.96 -30.04
C ILE F 22 19.25 -23.66 -29.48
N HIS F 23 19.14 -23.65 -28.17
CA HIS F 23 17.86 -23.45 -27.54
C HIS F 23 17.90 -22.25 -26.65
N VAL F 24 17.05 -21.29 -26.95
CA VAL F 24 17.13 -20.04 -26.19
C VAL F 24 15.79 -19.65 -25.60
N GLN F 25 15.84 -18.66 -24.69
CA GLN F 25 14.68 -18.14 -24.07
C GLN F 25 14.39 -16.75 -24.69
N LEU F 26 13.13 -16.30 -24.75
CA LEU F 26 12.88 -14.98 -25.31
C LEU F 26 13.75 -13.94 -24.58
N ASN F 27 14.29 -12.96 -25.32
CA ASN F 27 15.12 -11.89 -24.77
C ASN F 27 16.57 -12.28 -24.56
N ASP F 28 16.93 -13.52 -24.86
CA ASP F 28 18.35 -13.92 -24.85
C ASP F 28 19.01 -13.29 -26.08
N TYR F 29 20.34 -13.37 -26.14
CA TYR F 29 21.09 -12.89 -27.27
C TYR F 29 21.87 -14.06 -27.86
N VAL F 30 22.00 -14.09 -29.19
CA VAL F 30 22.95 -15.02 -29.81
C VAL F 30 24.07 -14.13 -30.37
N ASP F 31 25.31 -14.45 -30.02
CA ASP F 31 26.45 -13.74 -30.51
C ASP F 31 27.14 -14.67 -31.51
N ILE F 32 26.97 -14.36 -32.77
CA ILE F 32 27.62 -15.11 -33.85
C ILE F 32 29.00 -14.43 -34.06
N ILE F 33 30.04 -15.21 -33.85
CA ILE F 33 31.40 -14.74 -33.90
C ILE F 33 31.99 -15.16 -35.26
N CYS F 34 32.37 -14.16 -36.02
CA CYS F 34 32.93 -14.40 -37.34
C CYS F 34 34.38 -14.93 -37.24
N PRO F 35 34.85 -15.60 -38.32
CA PRO F 35 36.20 -16.11 -38.29
C PRO F 35 37.10 -14.94 -38.04
N HIS F 36 38.15 -15.18 -37.29
CA HIS F 36 39.06 -14.13 -36.99
C HIS F 36 40.46 -14.71 -36.86
N TYR F 37 41.47 -14.01 -37.37
CA TYR F 37 42.84 -14.51 -37.42
C TYR F 37 43.78 -13.44 -36.86
N GLU F 38 44.69 -13.82 -35.96
CA GLU F 38 45.86 -12.94 -35.62
C GLU F 38 46.91 -12.86 -36.78
N ASP F 39 47.77 -11.83 -36.67
CA ASP F 39 48.59 -11.28 -37.81
C ASP F 39 49.10 -12.24 -38.92
N HIS F 40 50.15 -13.02 -38.63
CA HIS F 40 50.53 -14.16 -39.48
C HIS F 40 49.80 -15.37 -38.89
N SER F 41 49.75 -16.51 -39.62
CA SER F 41 49.17 -17.79 -39.15
C SER F 41 48.56 -18.64 -40.30
N VAL F 42 47.54 -18.05 -40.92
CA VAL F 42 46.79 -18.61 -42.05
C VAL F 42 47.01 -17.57 -43.16
N ALA F 43 47.30 -17.99 -44.38
CA ALA F 43 47.48 -17.00 -45.44
C ALA F 43 46.15 -16.26 -45.66
N ASP F 44 46.25 -14.99 -46.03
CA ASP F 44 45.11 -14.17 -46.43
C ASP F 44 44.10 -14.90 -47.31
N ALA F 45 44.62 -15.61 -48.30
CA ALA F 45 43.71 -16.26 -49.28
C ALA F 45 42.87 -17.37 -48.64
N ALA F 46 43.37 -17.95 -47.54
CA ALA F 46 42.65 -19.06 -46.90
C ALA F 46 41.75 -18.61 -45.78
N MET F 47 41.73 -17.30 -45.48
CA MET F 47 40.85 -16.80 -44.42
C MET F 47 39.37 -16.87 -44.86
N GLU F 48 38.53 -17.40 -43.97
CA GLU F 48 37.11 -17.53 -44.17
C GLU F 48 36.40 -16.19 -43.95
N GLN F 49 35.46 -15.89 -44.85
CA GLN F 49 34.56 -14.74 -44.74
C GLN F 49 33.16 -15.22 -45.17
N TYR F 50 32.11 -14.68 -44.57
CA TYR F 50 30.76 -15.16 -44.84
C TYR F 50 29.79 -14.04 -45.07
N ILE F 51 28.80 -14.28 -45.93
CA ILE F 51 27.53 -13.52 -45.87
C ILE F 51 26.57 -14.37 -44.98
N LEU F 52 25.94 -13.74 -43.99
CA LEU F 52 25.02 -14.42 -43.07
C LEU F 52 23.62 -13.99 -43.48
N TYR F 53 22.68 -14.92 -43.51
CA TYR F 53 21.28 -14.62 -43.86
C TYR F 53 20.39 -15.22 -42.76
N LEU F 54 19.33 -14.50 -42.43
CA LEU F 54 18.28 -14.96 -41.57
C LEU F 54 17.14 -15.37 -42.49
N VAL F 55 16.74 -16.67 -42.47
CA VAL F 55 15.90 -17.21 -43.51
C VAL F 55 14.78 -18.06 -42.93
N GLU F 56 13.84 -18.47 -43.79
CA GLU F 56 12.73 -19.35 -43.39
C GLU F 56 13.17 -20.78 -43.52
N HIS F 57 12.36 -21.70 -43.00
CA HIS F 57 12.77 -23.10 -43.00
C HIS F 57 13.13 -23.67 -44.40
N GLU F 58 12.33 -23.39 -45.42
CA GLU F 58 12.68 -23.91 -46.79
C GLU F 58 14.09 -23.56 -47.20
N GLU F 59 14.45 -22.31 -47.01
CA GLU F 59 15.81 -21.85 -47.40
C GLU F 59 16.86 -22.50 -46.58
N TYR F 60 16.57 -22.73 -45.29
CA TYR F 60 17.49 -23.43 -44.41
C TYR F 60 17.71 -24.83 -44.92
N GLN F 61 16.61 -25.50 -45.27
CA GLN F 61 16.67 -26.84 -45.82
C GLN F 61 17.48 -26.97 -47.08
N LEU F 62 17.32 -26.01 -47.97
CA LEU F 62 18.04 -26.00 -49.25
C LEU F 62 19.46 -25.37 -49.10
N CYS F 63 19.68 -24.77 -47.95
CA CYS F 63 20.90 -24.05 -47.61
C CYS F 63 21.16 -22.95 -48.63
N GLN F 64 20.11 -22.30 -49.11
CA GLN F 64 20.27 -21.26 -50.12
C GLN F 64 19.26 -20.16 -49.86
N PRO F 65 19.72 -18.89 -49.81
CA PRO F 65 18.78 -17.76 -49.63
C PRO F 65 17.81 -17.55 -50.78
N GLN F 66 16.63 -17.01 -50.46
CA GLN F 66 15.65 -16.68 -51.51
C GLN F 66 15.93 -15.27 -52.10
N SER F 67 16.38 -14.31 -51.25
CA SER F 67 16.77 -12.96 -51.73
C SER F 67 17.81 -12.23 -50.90
N LYS F 68 18.48 -11.26 -51.55
CA LYS F 68 19.45 -10.42 -50.87
C LYS F 68 18.74 -9.66 -49.75
N ASP F 69 17.39 -9.65 -49.73
CA ASP F 69 16.60 -9.06 -48.63
C ASP F 69 16.86 -9.85 -47.35
N GLN F 70 17.42 -11.05 -47.48
CA GLN F 70 17.59 -11.82 -46.25
C GLN F 70 18.98 -11.65 -45.68
N VAL F 71 19.84 -10.84 -46.30
CA VAL F 71 21.24 -10.62 -45.76
C VAL F 71 21.15 -10.07 -44.35
N ARG F 72 21.81 -10.73 -43.44
CA ARG F 72 21.69 -10.38 -42.06
C ARG F 72 22.94 -9.57 -41.60
N TRP F 73 24.10 -9.94 -42.13
CA TRP F 73 25.38 -9.22 -41.75
C TRP F 73 26.45 -9.90 -42.60
N GLN F 74 27.65 -9.31 -42.68
CA GLN F 74 28.73 -9.98 -43.38
C GLN F 74 29.96 -10.06 -42.43
N CYS F 75 30.55 -11.23 -42.33
CA CYS F 75 31.78 -11.46 -41.63
C CYS F 75 32.82 -11.09 -42.64
N ASN F 76 33.17 -9.81 -42.70
CA ASN F 76 34.13 -9.38 -43.71
C ASN F 76 35.33 -8.68 -43.14
N ARG F 77 35.66 -9.01 -41.89
CA ARG F 77 36.84 -8.39 -41.28
C ARG F 77 37.66 -9.48 -40.60
N PRO F 78 38.24 -10.33 -41.40
CA PRO F 78 38.83 -11.50 -40.76
C PRO F 78 40.09 -11.15 -39.96
N SER F 79 40.75 -10.03 -40.26
CA SER F 79 41.91 -9.61 -39.54
C SER F 79 41.67 -8.40 -38.66
N ALA F 80 40.43 -8.14 -38.26
CA ALA F 80 40.19 -6.90 -37.51
C ALA F 80 41.11 -6.71 -36.30
N LYS F 81 41.65 -5.51 -36.15
CA LYS F 81 42.46 -5.20 -35.01
C LYS F 81 41.87 -5.52 -33.64
N HIS F 82 40.62 -5.15 -33.40
CA HIS F 82 40.06 -5.16 -32.01
C HIS F 82 39.48 -6.55 -31.59
N GLY F 83 39.41 -7.51 -32.49
CA GLY F 83 38.71 -8.74 -32.09
C GLY F 83 37.78 -9.12 -33.22
N PRO F 84 37.25 -10.36 -33.18
CA PRO F 84 36.32 -10.84 -34.20
C PRO F 84 35.18 -9.85 -34.41
N GLU F 85 34.77 -9.73 -35.65
CA GLU F 85 33.46 -9.20 -36.03
C GLU F 85 32.34 -10.12 -35.48
N LYS F 86 31.21 -9.53 -35.04
CA LYS F 86 30.22 -10.24 -34.26
C LYS F 86 28.89 -9.72 -34.78
N LEU F 87 27.94 -10.63 -34.99
CA LEU F 87 26.54 -10.23 -35.07
C LEU F 87 25.84 -10.67 -33.79
N SER F 88 25.31 -9.68 -33.02
CA SER F 88 24.60 -9.91 -31.76
C SER F 88 23.10 -9.75 -31.98
N GLU F 89 22.40 -10.86 -32.09
CA GLU F 89 20.94 -10.82 -32.30
C GLU F 89 20.23 -10.95 -30.95
N LYS F 90 19.32 -10.03 -30.64
CA LYS F 90 18.51 -10.20 -29.44
C LYS F 90 17.18 -10.85 -29.85
N PHE F 91 16.83 -11.95 -29.21
CA PHE F 91 15.59 -12.62 -29.56
C PHE F 91 14.36 -11.99 -28.89
N GLN F 92 14.02 -10.78 -29.36
CA GLN F 92 12.97 -9.94 -28.73
C GLN F 92 11.68 -10.09 -29.50
N ARG F 93 10.55 -9.99 -28.79
CA ARG F 93 9.26 -10.11 -29.36
C ARG F 93 8.97 -8.97 -30.36
N PHE F 94 9.34 -7.74 -30.01
CA PHE F 94 8.93 -6.59 -30.80
C PHE F 94 10.13 -5.78 -31.21
N THR F 95 10.07 -5.20 -32.43
CA THR F 95 11.08 -4.21 -32.90
C THR F 95 10.41 -2.93 -33.44
N PRO F 96 11.05 -1.73 -33.24
CA PRO F 96 10.62 -0.48 -33.89
C PRO F 96 11.22 -0.33 -35.27
N PHE F 97 12.03 -1.32 -35.68
CA PHE F 97 12.79 -1.18 -36.94
C PHE F 97 12.21 -2.17 -37.99
N THR F 98 11.52 -1.64 -38.98
CA THR F 98 10.90 -2.52 -40.00
C THR F 98 12.17 -3.10 -40.65
N LEU F 99 12.22 -4.11 -41.48
CA LEU F 99 13.69 -4.58 -41.77
C LEU F 99 14.31 -5.40 -40.65
N GLY F 100 14.01 -5.14 -39.37
CA GLY F 100 14.45 -6.12 -38.33
C GLY F 100 13.46 -7.29 -38.11
N LYS F 101 13.79 -8.21 -37.23
CA LYS F 101 13.02 -9.43 -37.11
C LYS F 101 12.41 -9.52 -35.67
N GLU F 102 11.15 -9.96 -35.59
CA GLU F 102 10.54 -10.24 -34.34
C GLU F 102 10.54 -11.76 -34.11
N PHE F 103 10.69 -12.13 -32.86
CA PHE F 103 10.87 -13.48 -32.41
C PHE F 103 9.79 -13.85 -31.37
N LYS F 104 9.24 -15.06 -31.48
CA LYS F 104 8.10 -15.52 -30.62
C LYS F 104 8.46 -16.76 -29.80
N GLU F 105 7.98 -16.84 -28.54
CA GLU F 105 8.14 -18.03 -27.72
C GLU F 105 7.54 -19.23 -28.48
N GLY F 106 8.27 -20.35 -28.51
CA GLY F 106 7.68 -21.60 -29.08
C GLY F 106 7.89 -21.79 -30.58
N HIS F 107 8.66 -20.87 -31.18
CA HIS F 107 8.97 -20.87 -32.65
C HIS F 107 10.47 -21.01 -32.86
N SER F 108 10.84 -21.42 -34.08
CA SER F 108 12.24 -21.69 -34.40
C SER F 108 12.61 -20.81 -35.57
N TYR F 109 13.91 -20.46 -35.65
CA TYR F 109 14.39 -19.47 -36.59
C TYR F 109 15.68 -20.01 -37.18
N TYR F 110 16.11 -19.48 -38.34
CA TYR F 110 17.24 -20.14 -39.04
C TYR F 110 18.24 -19.15 -39.59
N TYR F 111 19.52 -19.44 -39.46
CA TYR F 111 20.60 -18.72 -40.19
C TYR F 111 21.32 -19.70 -41.14
N ILE F 112 21.74 -19.19 -42.32
CA ILE F 112 22.62 -19.93 -43.24
C ILE F 112 23.63 -18.90 -43.73
N SER F 113 24.73 -19.38 -44.32
CA SER F 113 25.74 -18.46 -44.81
C SER F 113 26.07 -18.79 -46.27
N LYS F 114 26.73 -17.83 -46.91
CA LYS F 114 27.41 -18.14 -48.24
C LYS F 114 28.84 -17.67 -48.08
N PRO F 115 29.77 -18.48 -48.53
CA PRO F 115 31.16 -18.13 -48.35
C PRO F 115 31.57 -16.97 -49.28
N ILE F 116 32.40 -16.03 -48.81
CA ILE F 116 33.01 -15.05 -49.70
C ILE F 116 34.39 -15.56 -50.20
N HIS F 117 35.14 -16.28 -49.33
CA HIS F 117 36.36 -17.01 -49.80
C HIS F 117 35.88 -18.08 -50.80
N GLN F 118 36.75 -18.53 -51.70
CA GLN F 118 36.28 -19.30 -52.85
C GLN F 118 36.49 -20.81 -52.74
N HIS F 119 37.17 -21.27 -51.72
CA HIS F 119 37.66 -22.64 -51.74
C HIS F 119 36.77 -23.60 -50.97
N GLU F 120 35.65 -23.11 -50.42
CA GLU F 120 34.97 -24.01 -49.59
C GLU F 120 33.55 -23.65 -49.56
N ASP F 121 32.87 -24.54 -50.24
CA ASP F 121 31.49 -24.67 -50.35
C ASP F 121 31.28 -25.73 -49.32
N ARG F 122 30.08 -25.85 -48.82
CA ARG F 122 29.87 -26.60 -47.61
C ARG F 122 28.82 -25.78 -46.95
N CYS F 123 27.75 -26.47 -46.55
CA CYS F 123 26.60 -25.80 -45.94
C CYS F 123 26.85 -25.46 -44.44
N LEU F 124 26.88 -24.15 -44.10
CA LEU F 124 26.98 -23.79 -42.72
C LEU F 124 25.59 -23.19 -42.40
N ARG F 125 24.95 -23.69 -41.39
CA ARG F 125 23.57 -23.24 -41.02
C ARG F 125 23.33 -23.52 -39.55
N LEU F 126 22.29 -22.89 -38.98
CA LEU F 126 22.09 -22.93 -37.54
C LEU F 126 20.58 -22.81 -37.33
N LYS F 127 20.03 -23.61 -36.45
CA LYS F 127 18.62 -23.46 -36.09
C LYS F 127 18.57 -22.92 -34.68
N VAL F 128 17.65 -21.97 -34.38
CA VAL F 128 17.53 -21.44 -33.03
C VAL F 128 16.06 -21.65 -32.64
N THR F 129 15.85 -22.37 -31.54
CA THR F 129 14.50 -22.60 -31.05
C THR F 129 14.24 -21.74 -29.82
N VAL F 130 13.17 -20.96 -29.83
CA VAL F 130 12.82 -20.11 -28.69
C VAL F 130 11.84 -20.84 -27.83
N LYS F 131 12.16 -20.99 -26.57
CA LYS F 131 11.27 -21.84 -25.79
C LYS F 131 9.97 -21.07 -25.36
N ILE F 132 8.80 -21.69 -25.02
CA ILE F 132 8.08 -20.96 -23.90
C ILE F 132 8.59 -21.54 -22.58
N GLU G 1 -10.80 -2.24 48.13
CA GLU G 1 -9.91 -1.08 47.83
C GLU G 1 -8.45 -1.43 48.07
N VAL G 2 -7.58 -1.08 47.13
CA VAL G 2 -6.16 -1.37 47.29
C VAL G 2 -5.50 -0.02 47.39
N VAL G 3 -4.87 0.24 48.52
CA VAL G 3 -4.14 1.53 48.76
C VAL G 3 -2.80 1.57 48.01
N LEU G 4 -2.56 2.64 47.23
CA LEU G 4 -1.32 2.86 46.53
C LEU G 4 -0.43 3.88 47.28
N LEU G 5 -1.03 4.76 48.09
CA LEU G 5 -0.24 5.83 48.73
C LEU G 5 -1.09 6.28 49.90
N ASP G 6 -0.46 6.46 51.05
CA ASP G 6 -1.24 6.91 52.25
C ASP G 6 -0.30 7.80 53.08
N PHE G 7 -0.48 9.12 52.98
CA PHE G 7 0.46 10.09 53.58
C PHE G 7 0.41 9.93 55.07
N ALA G 8 -0.82 9.86 55.59
CA ALA G 8 -1.03 9.95 57.03
C ALA G 8 -0.49 8.70 57.73
N ALA G 9 -0.32 7.64 57.00
CA ALA G 9 0.26 6.44 57.54
C ALA G 9 1.79 6.42 57.66
N ALA G 10 2.46 7.42 57.09
CA ALA G 10 3.92 7.35 56.83
C ALA G 10 4.67 8.11 57.89
N GLY G 11 3.94 8.65 58.85
CA GLY G 11 4.57 9.35 59.98
C GLY G 11 5.62 10.40 59.64
N GLY G 12 5.34 11.24 58.66
CA GLY G 12 6.30 12.28 58.32
C GLY G 12 7.64 11.79 57.79
N GLU G 13 7.68 10.57 57.26
CA GLU G 13 8.95 10.06 56.69
C GLU G 13 8.98 10.30 55.20
N LEU G 14 7.84 10.70 54.65
CA LEU G 14 7.80 10.92 53.23
C LEU G 14 8.03 12.39 53.26
N GLY G 15 9.18 12.66 52.65
CA GLY G 15 9.75 13.94 52.38
C GLY G 15 9.55 14.26 50.91
N TRP G 16 8.32 14.68 50.64
CA TRP G 16 7.85 15.18 49.37
C TRP G 16 8.62 16.40 48.86
N LEU G 17 8.73 16.50 47.55
CA LEU G 17 9.36 17.61 46.88
C LEU G 17 8.47 18.85 46.95
N THR G 18 9.09 19.99 47.23
CA THR G 18 8.36 21.28 47.18
C THR G 18 9.08 22.19 46.24
N HIS G 19 8.34 23.02 45.53
CA HIS G 19 8.99 23.96 44.61
C HIS G 19 8.22 25.26 44.71
N PRO G 20 8.88 26.42 44.57
CA PRO G 20 10.34 26.59 44.42
C PRO G 20 11.11 26.27 45.71
N TYR G 21 12.40 25.96 45.56
CA TYR G 21 13.21 25.52 46.70
C TYR G 21 13.06 26.52 47.85
N GLY G 22 12.75 26.05 49.04
CA GLY G 22 12.73 26.92 50.24
C GLY G 22 11.60 27.93 50.34
N LYS G 23 10.65 27.89 49.42
CA LYS G 23 9.43 28.70 49.56
C LYS G 23 8.19 27.80 49.51
N GLY G 24 7.09 28.27 50.09
CA GLY G 24 5.79 27.64 49.92
C GLY G 24 5.46 26.60 50.97
N TRP G 25 5.12 25.40 50.52
CA TRP G 25 4.64 24.35 51.40
C TRP G 25 5.68 23.98 52.42
N ASP G 26 5.25 23.83 53.68
CA ASP G 26 6.13 23.36 54.75
C ASP G 26 5.59 22.16 55.43
N LEU G 27 6.44 21.22 55.84
CA LEU G 27 5.93 20.08 56.62
C LEU G 27 5.83 20.53 58.07
N MET G 28 4.63 20.43 58.69
CA MET G 28 4.42 20.88 60.04
C MET G 28 4.01 19.67 60.89
N GLN G 29 4.16 19.84 62.20
CA GLN G 29 3.93 18.77 63.17
C GLN G 29 2.93 19.29 64.22
N ASN G 30 1.92 18.49 64.56
CA ASN G 30 0.96 18.87 65.62
C ASN G 30 0.47 17.66 66.36
N ILE G 31 -0.18 17.87 67.51
CA ILE G 31 -0.73 16.76 68.18
C ILE G 31 -2.24 16.95 68.03
N MET G 32 -2.95 15.94 67.56
CA MET G 32 -4.40 16.08 67.51
C MET G 32 -4.98 14.84 68.18
N ASN G 33 -5.91 15.01 69.16
CA ASN G 33 -6.50 13.85 69.89
C ASN G 33 -5.45 12.95 70.49
N ASP G 34 -4.51 13.59 71.18
CA ASP G 34 -3.37 12.92 71.79
C ASP G 34 -2.48 12.12 70.87
N MET G 35 -2.54 12.38 69.56
CA MET G 35 -1.70 11.69 68.51
C MET G 35 -0.79 12.68 67.75
N PRO G 36 0.50 12.32 67.54
CA PRO G 36 1.39 13.19 66.73
C PRO G 36 0.97 13.08 65.30
N ILE G 37 0.77 14.21 64.64
CA ILE G 37 0.51 14.14 63.22
C ILE G 37 1.35 15.09 62.41
N TYR G 38 1.45 14.83 61.10
CA TYR G 38 2.19 15.72 60.23
C TYR G 38 1.22 16.37 59.28
N MET G 39 1.60 17.47 58.66
CA MET G 39 0.79 17.98 57.57
C MET G 39 1.63 18.90 56.75
N TYR G 40 1.25 19.09 55.48
CA TYR G 40 1.88 20.13 54.64
C TYR G 40 1.00 21.37 54.66
N SER G 41 1.62 22.53 54.93
CA SER G 41 0.82 23.68 55.07
C SER G 41 1.47 24.88 54.33
N VAL G 42 0.64 25.83 53.93
CA VAL G 42 1.10 27.02 53.27
C VAL G 42 0.10 28.09 53.56
N CYS G 43 0.60 29.31 53.68
CA CYS G 43 -0.28 30.44 54.04
C CYS G 43 0.27 31.80 53.55
N ASN G 44 0.70 31.90 52.28
CA ASN G 44 1.29 33.11 51.76
C ASN G 44 0.22 33.98 51.11
N VAL G 45 -0.62 34.62 51.93
CA VAL G 45 -1.84 35.23 51.46
C VAL G 45 -1.72 36.74 51.21
N MET G 46 -0.51 37.29 51.41
CA MET G 46 -0.24 38.75 51.35
C MET G 46 0.42 39.17 50.04
N SER G 47 1.41 38.39 49.59
CA SER G 47 2.00 38.67 48.29
C SER G 47 1.29 37.76 47.26
N GLY G 48 0.98 38.30 46.09
CA GLY G 48 0.39 37.52 45.04
C GLY G 48 1.49 36.76 44.33
N ASP G 49 1.22 36.27 43.12
CA ASP G 49 2.29 35.64 42.36
C ASP G 49 2.77 34.31 42.99
N GLN G 50 2.00 33.76 43.92
CA GLN G 50 2.29 32.43 44.54
C GLN G 50 2.06 31.29 43.55
N ASP G 51 3.02 30.37 43.48
CA ASP G 51 2.92 29.24 42.57
C ASP G 51 3.70 28.11 43.21
N ASN G 52 3.16 27.61 44.31
CA ASN G 52 3.88 26.68 45.17
C ASN G 52 3.41 25.27 44.94
N TRP G 53 4.35 24.35 44.70
CA TRP G 53 3.97 23.02 44.30
C TRP G 53 4.52 22.01 45.29
N LEU G 54 3.73 20.98 45.60
CA LEU G 54 4.07 19.96 46.54
C LEU G 54 3.84 18.73 45.76
N ARG G 55 4.87 17.88 45.58
CA ARG G 55 4.72 16.67 44.67
C ARG G 55 5.02 15.40 45.45
N THR G 56 4.14 14.42 45.37
CA THR G 56 4.34 13.14 46.02
C THR G 56 5.55 12.46 45.40
N ASN G 57 6.05 11.44 46.07
CA ASN G 57 7.03 10.54 45.51
C ASN G 57 6.34 9.86 44.29
N TRP G 58 7.14 9.22 43.49
CA TRP G 58 6.58 8.42 42.40
C TRP G 58 5.76 7.25 42.98
N VAL G 59 4.62 6.95 42.39
CA VAL G 59 3.73 5.90 42.92
C VAL G 59 3.62 4.79 41.87
N TYR G 60 4.07 3.59 42.22
CA TYR G 60 3.98 2.39 41.35
C TYR G 60 2.46 2.11 41.07
N ARG G 61 2.08 2.04 39.81
CA ARG G 61 0.65 1.88 39.43
C ARG G 61 0.17 0.45 39.66
N GLY G 62 1.07 -0.52 39.58
CA GLY G 62 0.66 -1.97 39.66
C GLY G 62 -0.39 -2.30 38.62
N GLU G 63 -1.54 -2.84 39.04
CA GLU G 63 -2.63 -3.08 38.05
C GLU G 63 -3.78 -2.07 38.10
N ALA G 64 -3.64 -0.96 38.85
CA ALA G 64 -4.68 0.10 38.85
C ALA G 64 -4.92 0.70 37.44
N GLU G 65 -6.18 0.89 37.11
CA GLU G 65 -6.51 1.50 35.86
C GLU G 65 -7.09 2.86 36.13
N ARG G 66 -7.96 2.93 37.13
CA ARG G 66 -8.57 4.18 37.50
C ARG G 66 -8.19 4.41 38.94
N ILE G 67 -7.64 5.58 39.29
CA ILE G 67 -7.28 5.76 40.71
C ILE G 67 -8.22 6.74 41.37
N PHE G 68 -8.40 6.64 42.70
CA PHE G 68 -9.23 7.50 43.47
C PHE G 68 -8.32 8.18 44.46
N ILE G 69 -8.50 9.48 44.64
CA ILE G 69 -7.53 10.26 45.39
C ILE G 69 -8.37 11.02 46.43
N GLU G 70 -8.22 10.65 47.69
CA GLU G 70 -8.93 11.34 48.73
C GLU G 70 -7.97 12.23 49.54
N LEU G 71 -8.41 13.46 49.75
CA LEU G 71 -7.61 14.50 50.40
C LEU G 71 -8.40 15.00 51.60
N LYS G 72 -7.71 15.16 52.75
CA LYS G 72 -8.31 15.76 53.94
C LYS G 72 -7.49 17.02 54.29
N PHE G 73 -8.22 18.12 54.51
CA PHE G 73 -7.50 19.42 54.52
C PHE G 73 -8.32 20.48 55.24
N THR G 74 -7.66 21.54 55.75
CA THR G 74 -8.40 22.71 56.25
C THR G 74 -8.10 23.88 55.34
N VAL G 75 -8.94 24.91 55.31
CA VAL G 75 -8.65 26.09 54.50
C VAL G 75 -9.15 27.23 55.37
N ARG G 76 -8.40 28.31 55.38
CA ARG G 76 -8.78 29.42 56.20
C ARG G 76 -9.42 30.50 55.35
N ASP G 77 -10.46 31.10 55.91
CA ASP G 77 -11.17 32.21 55.27
C ASP G 77 -10.29 33.43 54.98
N CYS G 78 -10.43 33.95 53.75
CA CYS G 78 -9.60 35.09 53.37
C CYS G 78 -9.97 36.33 54.16
N ASN G 79 -11.14 36.36 54.81
CA ASN G 79 -11.47 37.53 55.69
C ASN G 79 -11.29 37.28 57.16
N SER G 80 -10.45 36.33 57.50
CA SER G 80 -10.12 36.10 58.92
C SER G 80 -8.67 36.60 59.33
N PHE G 81 -8.11 37.51 58.55
CA PHE G 81 -6.80 38.03 58.86
C PHE G 81 -6.85 39.49 59.29
N PRO G 82 -6.36 39.85 60.51
CA PRO G 82 -6.36 41.28 60.90
C PRO G 82 -5.70 42.24 59.84
N GLY G 83 -4.65 41.76 59.25
CA GLY G 83 -4.40 42.34 57.85
C GLY G 83 -5.58 42.98 57.01
N GLY G 84 -6.58 42.15 56.71
CA GLY G 84 -7.23 42.11 55.38
C GLY G 84 -6.71 41.00 54.45
N ALA G 85 -5.40 40.83 54.39
CA ALA G 85 -4.90 39.86 53.30
C ALA G 85 -5.16 40.21 51.81
N SER G 86 -4.22 40.81 51.10
CA SER G 86 -4.69 40.95 49.72
C SER G 86 -4.95 39.63 48.98
N SER G 87 -3.83 39.06 48.53
CA SER G 87 -3.88 38.12 47.41
C SER G 87 -4.15 36.78 47.98
N CYS G 88 -5.35 36.64 48.51
CA CYS G 88 -5.76 35.44 49.17
C CYS G 88 -6.79 34.73 48.26
N LYS G 89 -6.64 33.43 48.12
CA LYS G 89 -7.66 32.60 47.51
C LYS G 89 -8.12 31.54 48.49
N GLU G 90 -9.18 30.83 48.16
CA GLU G 90 -9.68 29.79 49.03
C GLU G 90 -9.80 28.43 48.36
N THR G 91 -8.98 28.18 47.34
CA THR G 91 -8.95 26.86 46.74
C THR G 91 -7.50 26.46 46.48
N PHE G 92 -7.24 25.19 46.14
CA PHE G 92 -5.90 24.88 45.61
C PHE G 92 -6.16 23.88 44.48
N ASN G 93 -5.11 23.46 43.74
CA ASN G 93 -5.29 22.67 42.52
C ASN G 93 -4.62 21.33 42.60
N LEU G 94 -5.32 20.27 42.12
CA LEU G 94 -4.77 18.92 42.11
C LEU G 94 -4.34 18.57 40.73
N TYR G 95 -3.14 18.03 40.63
CA TYR G 95 -2.51 17.72 39.35
C TYR G 95 -2.00 16.28 39.46
N TYR G 96 -1.76 15.58 38.34
CA TYR G 96 -0.96 14.38 38.35
C TYR G 96 -0.10 14.33 37.09
N ALA G 97 0.77 13.35 37.05
CA ALA G 97 1.56 13.06 35.85
C ALA G 97 1.89 11.59 35.87
N GLU G 98 1.82 10.94 34.71
CA GLU G 98 2.20 9.56 34.64
C GLU G 98 3.62 9.52 34.12
N SER G 99 4.42 8.56 34.56
CA SER G 99 5.65 8.28 33.81
C SER G 99 6.19 6.91 34.11
N ASP G 100 7.01 6.45 33.20
CA ASP G 100 7.65 5.17 33.33
C ASP G 100 8.82 5.18 34.28
N LEU G 101 9.44 6.34 34.47
CA LEU G 101 10.56 6.48 35.38
C LEU G 101 10.35 7.51 36.50
N ASP G 102 11.05 7.27 37.61
CA ASP G 102 11.07 8.21 38.71
C ASP G 102 12.09 9.28 38.34
N TYR G 103 11.66 10.53 38.23
CA TYR G 103 12.61 11.61 37.93
C TYR G 103 13.37 12.20 39.15
N GLY G 104 13.00 11.79 40.36
CA GLY G 104 13.64 12.32 41.59
C GLY G 104 13.39 13.79 41.83
N THR G 105 14.49 14.52 42.04
CA THR G 105 14.45 15.91 42.40
C THR G 105 14.09 16.74 41.20
N ASN G 106 14.09 16.09 40.06
CA ASN G 106 13.93 16.78 38.81
C ASN G 106 12.45 16.86 38.54
N PHE G 107 11.85 17.89 39.10
CA PHE G 107 10.44 18.16 38.97
C PHE G 107 10.29 19.13 37.84
N GLN G 108 9.41 18.77 36.93
CA GLN G 108 9.13 19.57 35.78
C GLN G 108 7.60 19.74 35.74
N LYS G 109 7.16 20.92 36.14
CA LYS G 109 5.77 21.36 36.13
C LYS G 109 5.04 21.00 34.89
N ARG G 110 5.69 21.31 33.75
CA ARG G 110 5.07 21.17 32.46
C ARG G 110 4.50 19.77 32.20
N LEU G 111 5.01 18.75 32.88
CA LEU G 111 4.59 17.41 32.53
C LEU G 111 3.30 16.98 33.28
N PHE G 112 2.79 17.86 34.14
CA PHE G 112 1.56 17.64 34.97
C PHE G 112 0.24 18.12 34.35
N THR G 113 -0.85 17.39 34.63
CA THR G 113 -2.14 17.69 34.04
C THR G 113 -3.10 18.02 35.16
N LYS G 114 -3.86 19.08 35.03
CA LYS G 114 -4.70 19.45 36.16
C LYS G 114 -5.84 18.42 36.29
N ILE G 115 -6.07 17.90 37.51
CA ILE G 115 -7.27 17.04 37.72
C ILE G 115 -8.49 17.98 38.02
N ASP G 116 -8.41 18.77 39.08
CA ASP G 116 -9.47 19.70 39.39
C ASP G 116 -9.03 20.81 40.37
N THR G 117 -9.82 21.85 40.47
CA THR G 117 -9.83 22.75 41.58
C THR G 117 -10.40 22.08 42.80
N ILE G 118 -9.73 22.21 43.96
CA ILE G 118 -10.22 21.63 45.21
C ILE G 118 -10.69 22.80 46.09
N ALA G 119 -11.94 22.77 46.56
CA ALA G 119 -12.56 23.86 47.36
C ALA G 119 -13.08 23.22 48.65
N PRO G 120 -13.03 23.98 49.78
CA PRO G 120 -13.50 23.40 51.03
C PRO G 120 -15.01 23.51 51.17
N ASP G 121 -15.66 22.45 51.66
CA ASP G 121 -17.07 22.58 52.07
C ASP G 121 -17.11 23.42 53.35
N GLU G 122 -16.08 23.36 54.21
CA GLU G 122 -16.17 24.07 55.53
C GLU G 122 -14.93 24.92 55.76
N ILE G 123 -15.14 26.22 55.84
CA ILE G 123 -14.01 27.18 55.86
C ILE G 123 -13.68 27.46 57.32
N THR G 124 -12.38 27.59 57.65
CA THR G 124 -12.01 27.95 59.01
C THR G 124 -12.07 29.47 59.16
N VAL G 125 -12.68 29.91 60.26
CA VAL G 125 -12.89 31.35 60.52
C VAL G 125 -12.17 31.73 61.81
N SER G 126 -12.10 33.03 62.09
CA SER G 126 -11.38 33.50 63.28
C SER G 126 -11.83 32.76 64.57
N SER G 127 -13.13 32.53 64.72
CA SER G 127 -13.62 32.07 66.02
C SER G 127 -13.28 30.59 66.25
N ASP G 128 -12.94 29.89 65.17
CA ASP G 128 -12.47 28.52 65.29
C ASP G 128 -11.16 28.38 65.99
N PHE G 129 -10.33 29.43 65.97
CA PHE G 129 -9.02 29.42 66.64
C PHE G 129 -9.04 29.28 68.16
N GLU G 130 -9.73 30.16 68.86
CA GLU G 130 -9.75 30.02 70.31
C GLU G 130 -10.71 28.90 70.75
N ALA G 131 -11.70 28.59 69.93
CA ALA G 131 -12.46 27.32 70.12
C ALA G 131 -11.63 26.03 69.86
N ARG G 132 -10.45 26.13 69.24
CA ARG G 132 -9.73 24.94 68.72
C ARG G 132 -10.66 23.96 67.99
N HIS G 133 -11.44 24.50 67.07
CA HIS G 133 -12.32 23.67 66.27
C HIS G 133 -11.63 23.38 64.93
N VAL G 134 -11.36 22.10 64.67
CA VAL G 134 -10.73 21.70 63.47
C VAL G 134 -11.82 21.30 62.46
N LYS G 135 -11.99 22.11 61.41
CA LYS G 135 -12.90 21.78 60.32
C LYS G 135 -12.18 21.05 59.21
N LEU G 136 -12.30 19.72 59.25
CA LEU G 136 -11.50 18.86 58.38
C LEU G 136 -12.30 18.50 57.12
N ASN G 137 -11.96 19.06 55.97
CA ASN G 137 -12.68 18.83 54.75
C ASN G 137 -12.17 17.54 54.12
N VAL G 138 -13.10 16.84 53.44
CA VAL G 138 -12.71 15.64 52.67
C VAL G 138 -13.19 15.78 51.24
N GLU G 139 -12.29 15.66 50.27
CA GLU G 139 -12.66 15.77 48.87
C GLU G 139 -12.03 14.55 48.18
N GLU G 140 -12.83 13.92 47.31
CA GLU G 140 -12.24 12.86 46.49
C GLU G 140 -12.38 13.17 44.97
N ARG G 141 -11.36 12.78 44.19
CA ARG G 141 -11.40 12.81 42.72
C ARG G 141 -10.85 11.51 42.15
N SER G 142 -11.15 11.23 40.88
CA SER G 142 -10.63 10.03 40.26
C SER G 142 -10.03 10.35 38.90
N VAL G 143 -9.09 9.51 38.44
CA VAL G 143 -8.47 9.76 37.14
C VAL G 143 -8.21 8.43 36.48
N GLY G 144 -8.58 8.31 35.23
CA GLY G 144 -8.02 7.26 34.42
C GLY G 144 -8.51 7.35 32.97
N PRO G 145 -8.10 6.40 32.14
CA PRO G 145 -7.33 5.23 32.56
C PRO G 145 -5.80 5.49 32.61
N LEU G 146 -5.10 4.94 33.61
CA LEU G 146 -3.63 5.07 33.66
C LEU G 146 -2.96 3.90 32.94
N THR G 147 -1.82 4.17 32.28
CA THR G 147 -1.14 3.12 31.50
C THR G 147 0.35 3.02 31.75
N ARG G 148 0.98 4.05 32.37
CA ARG G 148 2.45 3.99 32.51
C ARG G 148 2.87 3.25 33.77
N LYS G 149 4.17 3.07 33.98
CA LYS G 149 4.60 2.27 35.13
C LYS G 149 4.22 2.95 36.47
N GLY G 150 4.18 4.28 36.50
CA GLY G 150 3.83 4.96 37.77
C GLY G 150 3.30 6.33 37.49
N PHE G 151 3.07 7.08 38.55
CA PHE G 151 2.52 8.38 38.43
C PHE G 151 2.94 9.19 39.69
N TYR G 152 2.81 10.50 39.57
CA TYR G 152 2.91 11.43 40.73
C TYR G 152 1.62 12.21 40.87
N LEU G 153 1.35 12.72 42.07
CA LEU G 153 0.40 13.77 42.24
C LEU G 153 1.11 15.04 42.66
N ALA G 154 0.48 16.17 42.44
CA ALA G 154 1.10 17.37 42.95
C ALA G 154 -0.05 18.28 43.35
N PHE G 155 0.21 19.17 44.29
CA PHE G 155 -0.76 20.15 44.80
C PHE G 155 -0.18 21.52 44.55
N GLN G 156 -0.94 22.34 43.84
CA GLN G 156 -0.48 23.65 43.53
C GLN G 156 -1.26 24.61 44.35
N ASP G 157 -0.55 25.40 45.12
CA ASP G 157 -1.13 26.51 45.90
C ASP G 157 -0.89 27.81 45.12
N ILE G 158 -1.93 28.59 44.98
CA ILE G 158 -1.89 29.81 44.20
C ILE G 158 -2.08 31.04 45.11
N GLY G 159 -2.02 30.81 46.41
CA GLY G 159 -2.12 31.94 47.37
C GLY G 159 -3.28 31.73 48.31
N ALA G 160 -3.40 30.50 48.85
CA ALA G 160 -4.41 30.15 49.84
C ALA G 160 -3.74 29.89 51.24
N CYS G 161 -4.54 29.73 52.29
CA CYS G 161 -4.04 29.37 53.61
C CYS G 161 -4.60 27.99 53.93
N VAL G 162 -3.79 26.96 53.67
CA VAL G 162 -4.25 25.57 53.61
C VAL G 162 -3.33 24.59 54.33
N ALA G 163 -3.90 23.58 55.01
CA ALA G 163 -3.13 22.51 55.56
C ALA G 163 -3.69 21.22 55.05
N LEU G 164 -2.79 20.39 54.50
CA LEU G 164 -3.16 19.12 53.89
C LEU G 164 -2.73 18.02 54.85
N LEU G 165 -3.69 17.28 55.44
CA LEU G 165 -3.39 16.32 56.51
C LEU G 165 -3.42 14.87 56.02
N SER G 166 -4.06 14.63 54.87
CA SER G 166 -4.23 13.23 54.41
C SER G 166 -4.30 13.24 52.87
N VAL G 167 -3.58 12.28 52.27
CA VAL G 167 -3.72 12.00 50.86
C VAL G 167 -3.73 10.47 50.78
N ARG G 168 -4.85 9.89 50.36
CA ARG G 168 -4.95 8.44 50.23
C ARG G 168 -5.32 8.18 48.76
N VAL G 169 -4.49 7.41 48.09
CA VAL G 169 -4.74 7.02 46.72
C VAL G 169 -5.02 5.53 46.67
N TYR G 170 -6.13 5.14 46.04
CA TYR G 170 -6.38 3.74 45.95
C TYR G 170 -7.12 3.41 44.65
N TYR G 171 -7.24 2.13 44.33
CA TYR G 171 -8.14 1.72 43.27
C TYR G 171 -9.19 0.72 43.83
N LYS G 172 -10.31 0.53 43.12
CA LYS G 172 -11.42 -0.29 43.62
C LYS G 172 -11.42 -1.65 42.95
N LYS G 173 -11.85 -2.67 43.68
CA LYS G 173 -11.85 -4.03 43.12
C LYS G 173 -13.18 -4.37 42.36
N CYS G 174 -14.30 -3.76 42.79
CA CYS G 174 -15.61 -4.08 42.20
C CYS G 174 -15.92 -3.03 41.14
N ALA H 1 14.29 28.37 56.52
CA ALA H 1 14.80 29.71 56.21
C ALA H 1 15.14 30.39 57.48
N ASP H 2 16.44 30.54 57.64
CA ASP H 2 17.11 30.78 58.88
C ASP H 2 16.58 29.80 59.89
N ARG H 3 17.35 28.74 60.10
CA ARG H 3 16.96 27.75 61.07
C ARG H 3 17.88 27.87 62.28
N HIS H 4 17.31 27.66 63.46
CA HIS H 4 18.06 27.66 64.71
C HIS H 4 17.96 26.28 65.26
N THR H 5 19.09 25.70 65.58
CA THR H 5 19.13 24.30 66.07
C THR H 5 19.25 24.30 67.60
N VAL H 6 18.36 23.62 68.29
CA VAL H 6 18.42 23.51 69.73
C VAL H 6 18.55 22.02 70.07
N PHE H 7 19.62 21.64 70.79
CA PHE H 7 19.81 20.22 71.16
C PHE H 7 19.24 20.09 72.56
N TRP H 8 18.06 19.48 72.70
CA TRP H 8 17.36 19.33 74.01
C TRP H 8 17.81 18.08 74.86
N ASN H 9 18.99 18.13 75.61
CA ASN H 9 19.93 16.92 76.06
C ASN H 9 20.12 17.62 77.47
N SER H 10 20.09 16.95 78.61
CA SER H 10 20.55 17.65 79.86
C SER H 10 22.07 17.93 79.87
N SER H 11 22.80 17.40 78.90
CA SER H 11 24.22 17.65 78.72
C SER H 11 24.55 18.96 78.04
N ASN H 12 23.57 19.59 77.39
CA ASN H 12 23.82 20.78 76.61
C ASN H 12 24.04 21.94 77.67
N PRO H 13 25.21 22.57 77.70
CA PRO H 13 25.43 23.61 78.76
C PRO H 13 24.59 24.86 78.55
N LYS H 14 24.00 25.05 77.34
CA LYS H 14 23.15 26.25 77.14
C LYS H 14 21.91 26.30 78.06
N PHE H 15 21.52 25.14 78.61
CA PHE H 15 20.37 25.07 79.51
C PHE H 15 20.75 25.25 80.97
N ARG H 16 22.05 25.34 81.30
CA ARG H 16 22.38 25.17 82.74
C ARG H 16 21.94 26.33 83.64
N ASN H 17 21.80 27.54 83.11
CA ASN H 17 21.40 28.64 83.93
C ASN H 17 19.91 28.94 83.80
N GLU H 18 19.14 28.02 83.21
CA GLU H 18 17.65 28.10 83.00
C GLU H 18 17.23 29.35 82.26
N ASP H 19 18.17 29.96 81.53
CA ASP H 19 17.88 31.21 80.85
C ASP H 19 18.15 31.19 79.31
N TYR H 20 18.15 29.98 78.77
CA TYR H 20 18.49 29.78 77.33
C TYR H 20 17.46 30.54 76.52
N THR H 21 17.93 31.49 75.71
CA THR H 21 17.06 32.44 75.03
C THR H 21 17.61 32.58 73.60
N ILE H 22 16.70 32.60 72.67
CA ILE H 22 17.09 32.76 71.26
C ILE H 22 16.23 33.80 70.57
N HIS H 23 16.85 34.62 69.77
CA HIS H 23 16.16 35.68 69.04
C HIS H 23 15.99 35.21 67.58
N VAL H 24 14.76 35.29 67.08
CA VAL H 24 14.44 34.81 65.72
C VAL H 24 13.63 35.86 65.00
N GLN H 25 13.59 35.73 63.68
CA GLN H 25 12.81 36.59 62.86
C GLN H 25 11.55 35.80 62.51
N LEU H 26 10.43 36.51 62.31
CA LEU H 26 9.25 35.88 61.81
C LEU H 26 9.64 35.04 60.56
N ASN H 27 9.05 33.83 60.49
CA ASN H 27 9.26 32.81 59.41
C ASN H 27 10.58 32.03 59.57
N ASP H 28 11.34 32.33 60.65
CA ASP H 28 12.48 31.46 60.93
C ASP H 28 11.93 30.07 61.46
N TYR H 29 12.81 29.07 61.48
CA TYR H 29 12.45 27.79 62.06
C TYR H 29 13.29 27.55 63.30
N VAL H 30 12.73 26.91 64.34
CA VAL H 30 13.60 26.41 65.42
C VAL H 30 13.46 24.92 65.40
N ASP H 31 14.60 24.23 65.23
CA ASP H 31 14.61 22.76 65.13
C ASP H 31 15.08 22.27 66.49
N ILE H 32 14.13 21.74 67.29
CA ILE H 32 14.45 21.17 68.59
C ILE H 32 14.75 19.72 68.37
N ILE H 33 15.96 19.32 68.72
CA ILE H 33 16.49 18.00 68.39
C ILE H 33 16.44 17.19 69.69
N CYS H 34 15.67 16.09 69.66
CA CYS H 34 15.52 15.21 70.83
C CYS H 34 16.85 14.49 71.08
N PRO H 35 17.07 14.05 72.32
CA PRO H 35 18.19 13.13 72.57
C PRO H 35 18.12 11.92 71.64
N HIS H 36 19.28 11.46 71.19
CA HIS H 36 19.32 10.38 70.24
C HIS H 36 20.63 9.64 70.51
N TYR H 37 20.57 8.33 70.42
CA TYR H 37 21.59 7.41 70.76
C TYR H 37 21.59 6.37 69.65
N GLU H 38 22.79 6.01 69.22
CA GLU H 38 22.95 4.79 68.47
C GLU H 38 22.30 3.55 69.10
N ASP H 39 21.73 2.73 68.21
CA ASP H 39 21.45 1.29 68.37
C ASP H 39 21.61 0.77 69.78
N HIS H 40 22.85 0.46 70.12
CA HIS H 40 23.18 0.02 71.50
C HIS H 40 24.11 1.16 71.98
N SER H 41 25.29 0.98 72.54
CA SER H 41 26.04 2.25 72.78
C SER H 41 25.83 2.71 74.21
N VAL H 42 24.56 2.77 74.65
CA VAL H 42 24.13 3.11 76.03
C VAL H 42 22.90 2.18 76.43
N ALA H 43 22.74 1.91 77.74
CA ALA H 43 21.59 1.17 78.25
C ALA H 43 20.30 1.92 77.93
N ASP H 44 19.24 1.19 77.58
CA ASP H 44 17.91 1.88 77.36
C ASP H 44 17.58 2.89 78.42
N ALA H 45 17.75 2.51 79.68
CA ALA H 45 17.25 3.38 80.79
C ALA H 45 18.09 4.70 80.87
N ALA H 46 19.33 4.67 80.33
CA ALA H 46 20.18 5.90 80.39
C ALA H 46 19.77 6.88 79.31
N MET H 47 18.90 6.48 78.39
CA MET H 47 18.61 7.35 77.24
C MET H 47 17.56 8.36 77.70
N GLU H 48 17.81 9.65 77.50
CA GLU H 48 16.78 10.68 77.93
C GLU H 48 15.61 10.66 76.98
N GLN H 49 14.43 10.96 77.56
CA GLN H 49 13.18 11.12 76.85
C GLN H 49 12.41 12.26 77.51
N TYR H 50 11.69 13.05 76.73
CA TYR H 50 11.00 14.23 77.25
C TYR H 50 9.65 14.36 76.61
N ILE H 51 8.75 14.94 77.37
CA ILE H 51 7.55 15.56 76.79
C ILE H 51 7.94 17.05 76.67
N LEU H 52 7.69 17.67 75.50
CA LEU H 52 7.95 19.09 75.26
C LEU H 52 6.61 19.79 75.30
N TYR H 53 6.55 20.96 75.94
CA TYR H 53 5.31 21.71 76.01
C TYR H 53 5.59 23.12 75.54
N LEU H 54 4.57 23.75 74.95
CA LEU H 54 4.69 25.13 74.54
C LEU H 54 3.71 25.85 75.50
N VAL H 55 4.21 26.82 76.29
CA VAL H 55 3.49 27.29 77.49
C VAL H 55 3.52 28.80 77.53
N GLU H 56 2.67 29.39 78.38
CA GLU H 56 2.70 30.84 78.61
C GLU H 56 3.80 31.18 79.63
N HIS H 57 4.11 32.46 79.74
CA HIS H 57 5.20 32.91 80.63
C HIS H 57 5.09 32.38 82.08
N GLU H 58 3.90 32.44 82.70
CA GLU H 58 3.78 31.96 84.07
C GLU H 58 4.20 30.48 84.19
N GLU H 59 3.78 29.63 83.22
CA GLU H 59 4.19 28.23 83.25
C GLU H 59 5.69 28.11 83.04
N TYR H 60 6.26 28.93 82.15
CA TYR H 60 7.71 28.85 81.96
C TYR H 60 8.44 29.22 83.29
N GLN H 61 7.93 30.22 84.01
CA GLN H 61 8.59 30.63 85.27
C GLN H 61 8.48 29.59 86.38
N LEU H 62 7.33 28.90 86.46
CA LEU H 62 7.14 27.81 87.37
C LEU H 62 7.77 26.53 86.87
N CYS H 63 8.23 26.52 85.62
CA CYS H 63 8.61 25.26 84.99
C CYS H 63 7.54 24.14 85.16
N GLN H 64 6.24 24.46 84.94
CA GLN H 64 5.20 23.46 85.04
C GLN H 64 4.09 23.80 84.07
N PRO H 65 3.63 22.83 83.26
CA PRO H 65 2.53 23.11 82.35
C PRO H 65 1.21 23.19 83.13
N GLN H 66 0.26 23.92 82.55
CA GLN H 66 -1.07 24.19 83.07
C GLN H 66 -1.96 22.97 82.77
N SER H 67 -1.75 22.33 81.63
CA SER H 67 -2.52 21.13 81.29
C SER H 67 -1.87 20.32 80.20
N LYS H 68 -2.44 19.15 79.99
CA LYS H 68 -2.11 18.29 78.88
C LYS H 68 -2.26 18.95 77.51
N ASP H 69 -3.20 19.86 77.30
CA ASP H 69 -3.33 20.51 75.98
C ASP H 69 -2.13 21.36 75.54
N GLN H 70 -1.21 21.66 76.44
CA GLN H 70 0.04 22.34 76.07
C GLN H 70 1.16 21.41 75.53
N VAL H 71 0.95 20.10 75.53
CA VAL H 71 1.96 19.19 74.97
C VAL H 71 2.18 19.62 73.51
N ARG H 72 3.45 19.79 73.15
CA ARG H 72 3.84 20.21 71.85
C ARG H 72 4.34 19.02 71.01
N TRP H 73 5.14 18.14 71.62
CA TRP H 73 5.74 17.03 70.89
C TRP H 73 6.35 16.11 71.92
N GLN H 74 6.58 14.85 71.54
CA GLN H 74 7.24 13.96 72.48
C GLN H 74 8.60 13.52 71.98
N CYS H 75 9.62 13.65 72.80
CA CYS H 75 10.92 13.02 72.52
C CYS H 75 10.92 11.59 73.06
N ASN H 76 10.16 10.71 72.41
CA ASN H 76 9.97 9.36 72.98
C ASN H 76 10.49 8.30 72.01
N ARG H 77 11.48 8.67 71.21
CA ARG H 77 12.12 7.73 70.30
C ARG H 77 13.61 7.90 70.34
N PRO H 78 14.20 7.54 71.48
CA PRO H 78 15.58 7.98 71.71
C PRO H 78 16.55 7.25 70.81
N SER H 79 16.17 6.06 70.35
CA SER H 79 17.05 5.40 69.40
C SER H 79 16.47 5.16 68.00
N ALA H 80 15.62 6.09 67.56
CA ALA H 80 14.94 6.02 66.26
C ALA H 80 15.99 5.73 65.16
N LYS H 81 15.64 4.77 64.30
CA LYS H 81 16.58 4.20 63.39
C LYS H 81 17.09 5.26 62.39
N HIS H 82 16.20 6.13 61.97
CA HIS H 82 16.55 7.05 60.88
C HIS H 82 17.32 8.34 61.30
N GLY H 83 17.39 8.62 62.61
CA GLY H 83 18.03 9.84 63.09
C GLY H 83 17.27 10.41 64.30
N PRO H 84 17.76 11.51 64.87
CA PRO H 84 17.06 12.07 66.03
C PRO H 84 15.59 12.44 65.72
N GLU H 85 14.69 12.21 66.65
CA GLU H 85 13.36 12.87 66.64
C GLU H 85 13.56 14.39 66.73
N LYS H 86 12.75 15.14 65.98
CA LYS H 86 12.98 16.55 65.78
C LYS H 86 11.60 17.23 65.81
N LEU H 87 11.44 18.28 66.57
CA LEU H 87 10.29 19.15 66.45
C LEU H 87 10.72 20.40 65.64
N SER H 88 10.18 20.59 64.43
CA SER H 88 10.61 21.79 63.67
C SER H 88 9.47 22.81 63.71
N GLU H 89 9.64 23.89 64.42
CA GLU H 89 8.52 24.88 64.64
C GLU H 89 8.84 26.04 63.69
N LYS H 90 7.99 26.35 62.72
CA LYS H 90 8.18 27.61 61.99
C LYS H 90 7.51 28.74 62.75
N PHE H 91 8.21 29.87 62.91
CA PHE H 91 7.68 31.06 63.63
C PHE H 91 6.89 31.91 62.66
N GLN H 92 5.80 31.35 62.17
CA GLN H 92 4.90 31.98 61.21
C GLN H 92 3.77 32.78 61.92
N ARG H 93 3.39 33.89 61.29
CA ARG H 93 2.38 34.74 61.87
C ARG H 93 0.98 34.09 61.84
N PHE H 94 0.70 33.34 60.76
CA PHE H 94 -0.65 32.74 60.60
C PHE H 94 -0.58 31.27 60.26
N THR H 95 -1.59 30.54 60.70
CA THR H 95 -1.70 29.12 60.41
C THR H 95 -3.13 28.81 59.97
N PRO H 96 -3.29 27.82 59.08
CA PRO H 96 -4.63 27.30 58.76
C PRO H 96 -5.10 26.23 59.70
N PHE H 97 -4.26 25.86 60.64
CA PHE H 97 -4.56 24.73 61.49
C PHE H 97 -4.81 25.25 62.91
N THR H 98 -6.08 25.20 63.35
CA THR H 98 -6.39 25.74 64.71
C THR H 98 -5.68 24.71 65.63
N LEU H 99 -5.33 24.89 66.81
CA LEU H 99 -4.44 23.75 67.35
C LEU H 99 -2.99 24.08 67.22
N GLY H 100 -2.57 24.70 66.11
CA GLY H 100 -1.19 25.17 65.99
C GLY H 100 -1.08 26.57 66.56
N LYS H 101 0.14 27.11 66.63
CA LYS H 101 0.36 28.39 67.31
C LYS H 101 0.67 29.47 66.26
N GLU H 102 0.24 30.71 66.50
CA GLU H 102 0.62 31.84 65.67
C GLU H 102 1.64 32.66 66.46
N PHE H 103 2.68 33.14 65.77
CA PHE H 103 3.78 33.87 66.40
C PHE H 103 3.80 35.28 65.87
N LYS H 104 4.09 36.26 66.74
CA LYS H 104 4.01 37.69 66.42
C LYS H 104 5.34 38.41 66.69
N GLU H 105 5.72 39.33 65.81
CA GLU H 105 6.84 40.24 66.05
C GLU H 105 6.75 40.93 67.38
N GLY H 106 7.86 40.91 68.12
CA GLY H 106 7.97 41.67 69.43
C GLY H 106 7.39 40.89 70.61
N HIS H 107 7.02 39.62 70.37
CA HIS H 107 6.55 38.72 71.43
C HIS H 107 7.52 37.57 71.70
N SER H 108 7.41 36.99 72.91
CA SER H 108 8.22 35.85 73.30
C SER H 108 7.36 34.66 73.57
N TYR H 109 7.96 33.49 73.34
CA TYR H 109 7.34 32.20 73.43
C TYR H 109 8.19 31.24 74.23
N TYR H 110 7.55 30.25 74.86
CA TYR H 110 8.22 29.47 75.88
C TYR H 110 8.02 27.95 75.74
N TYR H 111 9.11 27.22 75.77
CA TYR H 111 8.98 25.74 75.82
C TYR H 111 9.52 25.28 77.19
N ILE H 112 8.93 24.20 77.71
CA ILE H 112 9.48 23.57 78.91
C ILE H 112 9.42 22.08 78.62
N SER H 113 10.24 21.27 79.30
CA SER H 113 10.06 19.82 79.12
C SER H 113 9.83 19.18 80.49
N LYS H 114 9.42 17.90 80.41
CA LYS H 114 9.37 17.05 81.58
C LYS H 114 9.94 15.68 81.09
N PRO H 115 10.78 15.05 81.94
CA PRO H 115 11.32 13.72 81.59
C PRO H 115 10.25 12.63 81.69
N ILE H 116 10.28 11.73 80.70
CA ILE H 116 9.28 10.67 80.73
C ILE H 116 9.53 9.66 81.79
N HIS H 117 10.79 9.25 81.99
CA HIS H 117 11.06 8.27 82.97
C HIS H 117 12.17 8.56 83.94
N GLN H 118 13.09 9.43 83.58
CA GLN H 118 14.19 9.82 84.45
C GLN H 118 13.66 10.85 85.45
N HIS H 119 14.41 11.02 86.57
CA HIS H 119 14.08 11.97 87.63
C HIS H 119 14.44 13.38 87.19
N GLU H 120 13.51 14.31 87.35
CA GLU H 120 13.78 15.69 86.92
C GLU H 120 14.70 16.34 88.02
N ASP H 121 15.94 16.60 87.75
CA ASP H 121 16.79 17.13 88.85
C ASP H 121 17.07 18.59 88.54
N ARG H 122 16.41 19.09 87.49
CA ARG H 122 16.75 20.37 86.88
C ARG H 122 15.66 20.82 85.88
N CYS H 123 15.40 22.13 85.74
CA CYS H 123 14.39 22.63 84.86
C CYS H 123 15.03 22.80 83.45
N LEU H 124 14.42 22.18 82.43
CA LEU H 124 14.85 22.41 81.05
C LEU H 124 13.84 23.29 80.36
N ARG H 125 14.25 24.49 79.91
CA ARG H 125 13.25 25.34 79.29
C ARG H 125 13.95 26.25 78.26
N LEU H 126 13.18 26.98 77.46
CA LEU H 126 13.69 27.75 76.36
C LEU H 126 12.82 28.92 76.10
N LYS H 127 13.40 30.09 75.99
CA LYS H 127 12.59 31.29 75.62
C LYS H 127 12.96 31.71 74.18
N VAL H 128 11.94 31.92 73.33
CA VAL H 128 12.18 32.33 71.94
C VAL H 128 11.55 33.67 71.73
N THR H 129 12.35 34.66 71.36
CA THR H 129 11.80 36.03 71.25
C THR H 129 11.77 36.39 69.77
N VAL H 130 10.64 36.86 69.25
CA VAL H 130 10.49 37.20 67.82
C VAL H 130 10.86 38.70 67.68
N LYS H 131 11.82 39.06 66.83
CA LYS H 131 12.14 40.50 66.68
C LYS H 131 10.99 41.34 66.11
N ILE H 132 10.84 42.64 66.44
CA ILE H 132 10.00 43.43 65.49
C ILE H 132 10.85 43.69 64.26
N GLU I 1 19.33 -10.38 31.35
CA GLU I 1 19.47 -9.27 32.33
C GLU I 1 18.25 -8.34 32.24
N VAL I 2 17.68 -7.98 33.40
CA VAL I 2 16.54 -7.08 33.46
C VAL I 2 17.20 -5.90 34.13
N VAL I 3 17.23 -4.75 33.45
CA VAL I 3 17.84 -3.52 34.01
C VAL I 3 16.85 -2.86 34.96
N LEU I 4 17.29 -2.47 36.16
CA LEU I 4 16.39 -1.78 37.09
C LEU I 4 16.72 -0.27 37.16
N LEU I 5 17.94 0.08 36.75
CA LEU I 5 18.39 1.47 36.83
C LEU I 5 19.48 1.70 35.83
N ASP I 6 19.38 2.78 35.03
CA ASP I 6 20.44 3.09 34.03
C ASP I 6 20.59 4.61 33.90
N PHE I 7 21.62 5.16 34.56
CA PHE I 7 21.77 6.59 34.64
C PHE I 7 22.06 7.21 33.26
N ALA I 8 23.04 6.64 32.59
CA ALA I 8 23.48 7.11 31.23
C ALA I 8 22.30 7.12 30.23
N ALA I 9 21.38 6.19 30.36
CA ALA I 9 20.23 6.07 29.44
C ALA I 9 19.14 7.14 29.71
N ALA I 10 19.14 7.73 30.90
CA ALA I 10 18.07 8.70 31.21
C ALA I 10 18.37 10.11 30.63
N GLY I 11 19.59 10.33 30.13
CA GLY I 11 19.92 11.59 29.43
C GLY I 11 19.75 12.79 30.34
N GLY I 12 20.21 12.66 31.58
CA GLY I 12 20.22 13.75 32.54
C GLY I 12 18.86 14.08 33.19
N GLU I 13 17.84 13.26 32.92
CA GLU I 13 16.53 13.51 33.51
C GLU I 13 16.35 13.00 34.95
N LEU I 14 17.22 12.12 35.42
CA LEU I 14 17.13 11.63 36.78
C LEU I 14 17.77 12.71 37.66
N GLY I 15 17.07 13.11 38.69
CA GLY I 15 17.61 14.06 39.63
C GLY I 15 17.82 13.26 40.88
N TRP I 16 19.09 12.98 41.16
CA TRP I 16 19.48 12.32 42.40
C TRP I 16 19.77 13.28 43.54
N LEU I 17 19.51 12.84 44.75
CA LEU I 17 19.69 13.61 45.95
C LEU I 17 21.18 13.69 46.27
N THR I 18 21.63 14.87 46.68
CA THR I 18 23.02 15.08 47.13
C THR I 18 22.97 15.66 48.51
N HIS I 19 23.84 15.16 49.37
CA HIS I 19 23.96 15.60 50.76
C HIS I 19 25.44 15.90 51.06
N PRO I 20 25.72 16.98 51.81
CA PRO I 20 24.78 18.02 52.23
C PRO I 20 24.31 18.87 51.04
N TYR I 21 23.06 19.35 51.10
CA TYR I 21 22.45 20.11 49.97
C TYR I 21 23.43 21.13 49.41
N GLY I 22 23.63 21.12 48.08
CA GLY I 22 24.42 22.18 47.41
C GLY I 22 25.88 22.28 47.84
N LYS I 23 26.43 21.12 48.19
CA LYS I 23 27.87 20.93 48.19
C LYS I 23 28.08 19.57 47.55
N GLY I 24 29.35 19.28 47.24
CA GLY I 24 29.78 17.97 46.83
C GLY I 24 29.44 17.68 45.39
N TRP I 25 28.74 16.57 45.14
CA TRP I 25 28.49 16.10 43.76
C TRP I 25 27.58 17.04 43.01
N ASP I 26 27.85 17.22 41.71
CA ASP I 26 27.09 18.12 40.84
C ASP I 26 26.89 17.33 39.56
N LEU I 27 25.78 17.56 38.88
CA LEU I 27 25.42 16.97 37.59
C LEU I 27 25.99 17.88 36.55
N MET I 28 26.93 17.41 35.72
CA MET I 28 27.63 18.24 34.75
C MET I 28 27.34 17.65 33.34
N GLN I 29 27.63 18.44 32.32
CA GLN I 29 27.28 18.15 30.90
C GLN I 29 28.54 18.27 30.13
N ASN I 30 28.83 17.34 29.22
CA ASN I 30 29.94 17.50 28.32
C ASN I 30 29.61 16.81 26.98
N ILE I 31 30.35 17.15 25.94
CA ILE I 31 30.33 16.42 24.66
C ILE I 31 31.53 15.45 24.71
N MET I 32 31.23 14.18 24.42
CA MET I 32 32.23 13.13 24.40
C MET I 32 31.96 12.30 23.14
N ASN I 33 32.97 12.22 22.28
CA ASN I 33 32.82 11.52 21.00
C ASN I 33 31.57 12.03 20.21
N ASP I 34 31.43 13.38 20.15
CA ASP I 34 30.27 14.04 19.49
C ASP I 34 28.86 13.75 20.07
N MET I 35 28.76 13.20 21.29
CA MET I 35 27.46 12.88 21.91
C MET I 35 27.35 13.65 23.18
N PRO I 36 26.11 14.11 23.50
CA PRO I 36 25.89 14.82 24.73
C PRO I 36 25.82 13.84 25.92
N ILE I 37 26.65 14.04 26.95
CA ILE I 37 26.50 13.15 28.10
C ILE I 37 26.37 13.91 29.37
N TYR I 38 25.85 13.27 30.43
CA TYR I 38 25.81 13.81 31.74
C TYR I 38 26.67 12.93 32.65
N MET I 39 27.03 13.49 33.80
CA MET I 39 27.84 12.80 34.77
C MET I 39 27.69 13.50 36.11
N TYR I 40 27.81 12.74 37.20
CA TYR I 40 27.85 13.37 38.51
C TYR I 40 29.33 13.49 38.84
N SER I 41 29.79 14.68 39.24
CA SER I 41 31.20 14.83 39.55
C SER I 41 31.46 15.62 40.83
N VAL I 42 32.67 15.46 41.37
CA VAL I 42 33.07 16.13 42.59
C VAL I 42 34.58 16.08 42.65
N CYS I 43 35.18 17.10 43.28
CA CYS I 43 36.64 17.29 43.19
C CYS I 43 37.10 18.31 44.24
N ASN I 44 36.71 18.08 45.49
CA ASN I 44 37.06 18.99 46.56
C ASN I 44 38.28 18.43 47.21
N VAL I 45 39.40 18.50 46.51
CA VAL I 45 40.63 17.87 46.93
C VAL I 45 41.52 18.83 47.74
N MET I 46 41.12 20.10 47.85
CA MET I 46 41.91 21.11 48.55
C MET I 46 41.60 21.16 50.06
N SER I 47 40.35 20.89 50.44
CA SER I 47 39.93 21.06 51.84
C SER I 47 39.36 19.76 52.37
N GLY I 48 39.88 19.35 53.52
CA GLY I 48 39.57 18.03 54.06
C GLY I 48 38.21 17.95 54.70
N ASP I 49 37.96 16.83 55.36
CA ASP I 49 36.66 16.54 55.95
C ASP I 49 35.51 16.57 54.95
N GLN I 50 35.83 16.20 53.71
CA GLN I 50 34.79 15.93 52.70
C GLN I 50 33.97 14.71 53.09
N ASP I 51 32.64 14.83 53.10
CA ASP I 51 31.76 13.70 53.36
C ASP I 51 30.51 13.85 52.48
N ASN I 52 30.69 13.63 51.17
CA ASN I 52 29.68 14.00 50.16
C ASN I 52 28.90 12.80 49.66
N TRP I 53 27.59 12.89 49.72
CA TRP I 53 26.77 11.73 49.42
C TRP I 53 25.87 11.97 48.22
N LEU I 54 25.89 11.02 47.26
CA LEU I 54 25.01 11.01 46.13
C LEU I 54 24.09 9.77 46.24
N ARG I 55 22.79 10.00 46.34
CA ARG I 55 21.83 8.84 46.45
C ARG I 55 20.90 8.69 45.26
N THR I 56 20.77 7.49 44.73
CA THR I 56 19.94 7.31 43.57
C THR I 56 18.50 7.47 44.03
N ASN I 57 17.61 7.48 43.08
CA ASN I 57 16.22 7.39 43.37
C ASN I 57 15.96 5.99 43.96
N TRP I 58 14.75 5.82 44.55
CA TRP I 58 14.33 4.54 45.11
C TRP I 58 14.11 3.62 43.93
N VAL I 59 14.58 2.38 44.03
CA VAL I 59 14.40 1.37 42.93
C VAL I 59 13.46 0.30 43.42
N TYR I 60 12.34 0.17 42.74
CA TYR I 60 11.40 -0.90 43.03
C TYR I 60 12.04 -2.28 42.70
N ARG I 61 12.07 -3.16 43.72
CA ARG I 61 12.83 -4.40 43.64
C ARG I 61 12.15 -5.44 42.72
N GLY I 62 10.81 -5.49 42.74
CA GLY I 62 10.03 -6.50 42.00
C GLY I 62 10.53 -7.88 42.36
N GLU I 63 10.92 -8.66 41.33
CA GLU I 63 11.38 -10.05 41.52
C GLU I 63 12.87 -10.21 41.88
N ALA I 64 13.68 -9.16 41.70
CA ALA I 64 15.12 -9.24 41.93
C ALA I 64 15.47 -9.73 43.31
N GLU I 65 16.32 -10.73 43.37
CA GLU I 65 16.91 -11.14 44.66
C GLU I 65 18.36 -10.65 44.83
N ARG I 66 19.16 -10.80 43.80
CA ARG I 66 20.53 -10.33 43.86
C ARG I 66 20.70 -9.33 42.74
N ILE I 67 21.36 -8.24 43.07
CA ILE I 67 21.59 -7.18 42.10
C ILE I 67 23.06 -7.02 41.83
N PHE I 68 23.32 -6.68 40.55
CA PHE I 68 24.62 -6.35 40.05
C PHE I 68 24.59 -4.89 39.72
N ILE I 69 25.68 -4.25 40.13
CA ILE I 69 25.89 -2.82 40.09
C ILE I 69 27.17 -2.52 39.34
N GLU I 70 26.98 -1.91 38.18
CA GLU I 70 28.05 -1.61 37.29
C GLU I 70 28.22 -0.09 37.22
N LEU I 71 29.42 0.34 37.55
CA LEU I 71 29.77 1.74 37.59
C LEU I 71 30.83 2.04 36.55
N LYS I 72 30.75 3.22 35.91
CA LYS I 72 31.86 3.63 35.01
C LYS I 72 32.19 5.04 35.37
N PHE I 73 33.48 5.29 35.58
CA PHE I 73 33.85 6.52 36.26
C PHE I 73 35.32 6.90 35.94
N THR I 74 35.66 8.19 36.06
CA THR I 74 37.09 8.63 36.01
C THR I 74 37.59 9.09 37.40
N VAL I 75 38.89 8.94 37.65
CA VAL I 75 39.48 9.46 38.88
C VAL I 75 40.75 10.16 38.44
N ARG I 76 40.99 11.34 39.02
CA ARG I 76 42.17 12.10 38.65
C ARG I 76 43.27 11.98 39.71
N ASP I 77 44.52 11.87 39.23
CA ASP I 77 45.74 11.73 40.04
C ASP I 77 45.79 12.83 41.09
N CYS I 78 46.01 12.47 42.36
CA CYS I 78 46.17 13.46 43.43
C CYS I 78 47.43 14.27 43.29
N ASN I 79 48.38 13.77 42.50
CA ASN I 79 49.58 14.54 42.19
C ASN I 79 49.47 15.41 40.93
N SER I 80 48.29 15.42 40.29
CA SER I 80 48.08 16.29 39.11
C SER I 80 47.54 17.70 39.46
N PHE I 81 47.62 18.04 40.77
CA PHE I 81 47.12 19.33 41.26
C PHE I 81 48.26 20.32 41.55
N PRO I 82 48.13 21.55 41.03
CA PRO I 82 49.17 22.55 41.32
C PRO I 82 49.04 23.09 42.75
N GLY I 83 47.79 23.16 43.23
CA GLY I 83 47.47 23.61 44.58
C GLY I 83 48.30 22.95 45.68
N GLY I 84 47.92 21.74 46.04
CA GLY I 84 48.64 21.00 47.09
C GLY I 84 47.96 19.67 47.22
N ALA I 85 46.71 19.71 47.67
CA ALA I 85 45.86 18.53 47.76
C ALA I 85 46.52 17.39 48.58
N SER I 86 46.85 17.70 49.82
CA SER I 86 47.47 16.73 50.70
C SER I 86 46.39 15.84 51.32
N SER I 87 45.17 16.36 51.38
CA SER I 87 44.03 15.61 51.89
C SER I 87 43.18 15.16 50.69
N CYS I 88 43.88 14.69 49.67
CA CYS I 88 43.30 14.21 48.45
C CYS I 88 43.29 12.68 48.44
N LYS I 89 42.20 12.10 47.95
CA LYS I 89 42.05 10.63 47.83
C LYS I 89 41.81 10.16 46.39
N GLU I 90 41.99 8.86 46.17
CA GLU I 90 41.80 8.32 44.85
C GLU I 90 40.83 7.15 44.82
N THR I 91 39.95 7.10 45.81
CA THR I 91 38.87 6.10 45.89
C THR I 91 37.56 6.78 46.33
N PHE I 92 36.44 6.07 46.18
CA PHE I 92 35.18 6.51 46.72
C PHE I 92 34.44 5.22 47.12
N ASN I 93 33.30 5.36 47.79
CA ASN I 93 32.63 4.20 48.42
C ASN I 93 31.22 4.03 47.90
N LEU I 94 30.83 2.77 47.71
CA LEU I 94 29.48 2.35 47.29
C LEU I 94 28.72 1.81 48.47
N TYR I 95 27.48 2.28 48.58
CA TYR I 95 26.57 2.02 49.68
C TYR I 95 25.24 1.60 49.07
N TYR I 96 24.46 0.87 49.86
CA TYR I 96 23.03 0.72 49.56
C TYR I 96 22.20 0.68 50.83
N ALA I 97 20.91 0.91 50.69
CA ALA I 97 19.93 0.70 51.77
C ALA I 97 18.70 0.05 51.16
N GLU I 98 18.08 -0.92 51.84
CA GLU I 98 16.78 -1.40 51.44
C GLU I 98 15.70 -0.63 52.21
N SER I 99 14.54 -0.42 51.59
CA SER I 99 13.36 0.15 52.29
C SER I 99 12.07 -0.28 51.60
N ASP I 100 11.02 -0.36 52.40
CA ASP I 100 9.68 -0.55 51.90
C ASP I 100 8.99 0.67 51.28
N LEU I 101 9.51 1.88 51.54
CA LEU I 101 8.90 3.14 51.07
C LEU I 101 9.97 4.06 50.61
N ASP I 102 9.64 4.92 49.67
CA ASP I 102 10.52 5.93 49.20
C ASP I 102 10.43 7.05 50.25
N TYR I 103 11.58 7.51 50.76
CA TYR I 103 11.63 8.59 51.79
C TYR I 103 11.88 9.96 51.15
N GLY I 104 11.91 9.98 49.82
CA GLY I 104 11.96 11.23 49.11
C GLY I 104 13.19 12.04 49.50
N THR I 105 12.96 13.23 50.07
CA THR I 105 14.10 14.12 50.28
C THR I 105 14.87 13.82 51.56
N ASN I 106 14.35 12.95 52.43
CA ASN I 106 15.12 12.48 53.58
C ASN I 106 16.30 11.53 53.26
N PHE I 107 17.42 11.83 53.88
CA PHE I 107 18.58 11.01 53.67
C PHE I 107 19.33 10.85 54.98
N GLN I 108 19.46 9.59 55.44
CA GLN I 108 20.26 9.34 56.63
C GLN I 108 21.35 8.32 56.29
N LYS I 109 22.60 8.76 56.31
CA LYS I 109 23.74 7.87 56.01
C LYS I 109 23.69 6.62 56.87
N ARG I 110 23.37 6.82 58.16
CA ARG I 110 23.20 5.76 59.15
C ARG I 110 22.50 4.50 58.59
N LEU I 111 21.50 4.69 57.72
CA LEU I 111 20.75 3.56 57.22
C LEU I 111 21.47 2.81 56.06
N PHE I 112 22.64 3.30 55.62
CA PHE I 112 23.32 2.71 54.45
C PHE I 112 24.44 1.73 54.84
N THR I 113 24.55 0.63 54.07
CA THR I 113 25.53 -0.42 54.31
C THR I 113 26.59 -0.32 53.24
N LYS I 114 27.86 -0.28 53.64
CA LYS I 114 28.91 -0.25 52.67
C LYS I 114 28.98 -1.53 51.80
N ILE I 115 29.10 -1.38 50.47
CA ILE I 115 29.31 -2.56 49.60
C ILE I 115 30.81 -2.76 49.49
N ASP I 116 31.48 -1.72 49.02
CA ASP I 116 32.90 -1.80 48.81
C ASP I 116 33.44 -0.41 48.62
N THR I 117 34.75 -0.31 48.75
CA THR I 117 35.52 0.81 48.26
C THR I 117 35.71 0.62 46.75
N ILE I 118 35.42 1.66 45.97
CA ILE I 118 35.69 1.62 44.53
C ILE I 118 37.03 2.24 44.17
N ALA I 119 37.91 1.48 43.51
CA ALA I 119 39.23 1.99 43.13
C ALA I 119 39.41 1.92 41.63
N PRO I 120 40.02 2.96 41.02
CA PRO I 120 40.21 2.96 39.57
C PRO I 120 41.38 2.06 39.16
N ASP I 121 41.26 1.36 38.04
CA ASP I 121 42.45 0.73 37.44
C ASP I 121 43.33 1.79 36.76
N GLU I 122 42.71 2.65 35.95
CA GLU I 122 43.42 3.70 35.25
C GLU I 122 43.15 5.03 35.95
N ILE I 123 44.20 5.62 36.52
CA ILE I 123 44.19 6.99 37.04
C ILE I 123 44.39 8.03 35.91
N THR I 124 43.73 9.19 36.01
CA THR I 124 43.93 10.31 35.06
C THR I 124 45.02 11.26 35.56
N VAL I 125 46.08 11.43 34.77
CA VAL I 125 47.24 12.23 35.20
C VAL I 125 47.30 13.56 34.46
N SER I 126 48.19 14.46 34.90
CA SER I 126 48.24 15.83 34.38
C SER I 126 48.11 15.94 32.86
N SER I 127 48.87 15.10 32.15
CA SER I 127 49.03 15.16 30.69
C SER I 127 47.82 14.65 29.90
N ASP I 128 46.95 13.89 30.56
CA ASP I 128 45.72 13.40 29.96
C ASP I 128 44.81 14.55 29.52
N PHE I 129 44.95 15.71 30.18
CA PHE I 129 44.14 16.88 29.82
C PHE I 129 44.59 17.41 28.44
N GLU I 130 45.88 17.72 28.31
CA GLU I 130 46.42 18.21 27.02
C GLU I 130 46.14 17.21 25.87
N ALA I 131 46.14 15.92 26.20
CA ALA I 131 45.94 14.84 25.23
C ALA I 131 44.49 14.42 25.08
N ARG I 132 43.57 15.17 25.69
CA ARG I 132 42.12 14.85 25.68
C ARG I 132 41.88 13.35 25.89
N HIS I 133 42.65 12.72 26.77
CA HIS I 133 42.45 11.29 26.98
C HIS I 133 41.44 11.10 28.12
N VAL I 134 40.42 10.27 27.87
CA VAL I 134 39.49 9.85 28.90
C VAL I 134 39.76 8.38 29.29
N LYS I 135 40.14 8.14 30.55
CA LYS I 135 40.46 6.78 30.99
C LYS I 135 39.28 6.26 31.80
N LEU I 136 38.38 5.52 31.14
CA LEU I 136 37.11 5.19 31.78
C LEU I 136 37.16 3.80 32.38
N ASN I 137 37.02 3.78 33.71
CA ASN I 137 37.05 2.53 34.49
C ASN I 137 35.70 1.88 34.52
N VAL I 138 35.69 0.55 34.60
CA VAL I 138 34.44 -0.19 34.77
C VAL I 138 34.56 -1.10 36.00
N GLU I 139 33.71 -0.88 37.00
CA GLU I 139 33.71 -1.72 38.20
C GLU I 139 32.32 -2.28 38.43
N GLU I 140 32.27 -3.56 38.81
CA GLU I 140 31.02 -4.21 39.13
C GLU I 140 31.01 -4.82 40.52
N ARG I 141 29.89 -4.66 41.21
CA ARG I 141 29.72 -5.27 42.54
C ARG I 141 28.34 -5.89 42.58
N SER I 142 28.10 -6.80 43.52
CA SER I 142 26.75 -7.37 43.66
C SER I 142 26.38 -7.48 45.14
N VAL I 143 25.07 -7.48 45.43
CA VAL I 143 24.51 -7.55 46.79
C VAL I 143 23.24 -8.45 46.77
N GLY I 144 23.12 -9.30 47.77
CA GLY I 144 21.87 -10.01 47.97
C GLY I 144 21.95 -10.88 49.20
N PRO I 145 20.84 -11.51 49.58
CA PRO I 145 19.57 -11.35 48.85
C PRO I 145 18.88 -10.07 49.33
N LEU I 146 18.07 -9.44 48.47
CA LEU I 146 17.26 -8.27 48.84
C LEU I 146 15.88 -8.76 49.22
N THR I 147 15.25 -8.13 50.19
CA THR I 147 13.94 -8.60 50.65
C THR I 147 12.84 -7.54 50.62
N ARG I 148 13.19 -6.24 50.72
CA ARG I 148 12.19 -5.20 50.94
C ARG I 148 11.62 -4.79 49.59
N LYS I 149 10.66 -3.89 49.58
CA LYS I 149 9.98 -3.54 48.34
C LYS I 149 10.93 -2.82 47.39
N GLY I 150 11.92 -2.12 47.93
CA GLY I 150 12.82 -1.36 47.08
C GLY I 150 14.19 -1.12 47.70
N PHE I 151 15.03 -0.35 47.02
CA PHE I 151 16.34 -0.09 47.50
C PHE I 151 16.92 1.20 46.88
N TYR I 152 17.92 1.76 47.57
CA TYR I 152 18.71 2.86 47.12
C TYR I 152 20.17 2.44 47.08
N LEU I 153 20.87 2.97 46.08
CA LEU I 153 22.29 3.07 46.15
C LEU I 153 22.76 4.46 46.58
N ALA I 154 23.96 4.53 47.16
CA ALA I 154 24.54 5.84 47.39
C ALA I 154 26.02 5.79 47.11
N PHE I 155 26.58 6.91 46.67
CA PHE I 155 28.05 7.02 46.54
C PHE I 155 28.62 8.09 47.50
N GLN I 156 29.62 7.71 48.29
CA GLN I 156 30.24 8.56 49.22
C GLN I 156 31.60 8.97 48.72
N ASP I 157 31.77 10.27 48.58
CA ASP I 157 33.04 10.87 48.25
C ASP I 157 33.71 11.32 49.53
N ILE I 158 35.00 11.00 49.64
CA ILE I 158 35.77 11.35 50.85
C ILE I 158 36.94 12.26 50.46
N GLY I 159 36.80 12.94 49.33
CA GLY I 159 37.79 13.93 48.92
C GLY I 159 38.55 13.56 47.69
N ALA I 160 37.95 12.77 46.80
CA ALA I 160 38.61 12.47 45.52
C ALA I 160 38.11 13.39 44.40
N CYS I 161 38.65 13.18 43.21
CA CYS I 161 38.29 13.96 42.04
C CYS I 161 37.76 12.98 41.04
N VAL I 162 36.43 12.82 41.05
CA VAL I 162 35.75 11.70 40.40
C VAL I 162 34.66 12.16 39.45
N ALA I 163 34.56 11.51 38.31
CA ALA I 163 33.40 11.74 37.49
C ALA I 163 32.76 10.38 37.22
N LEU I 164 31.49 10.30 37.58
CA LEU I 164 30.71 9.06 37.52
C LEU I 164 29.77 9.17 36.33
N LEU I 165 30.02 8.38 35.29
CA LEU I 165 29.33 8.55 34.01
C LEU I 165 28.22 7.52 33.77
N SER I 166 28.36 6.36 34.38
CA SER I 166 27.39 5.33 34.26
C SER I 166 27.16 4.57 35.58
N VAL I 167 25.88 4.25 35.80
CA VAL I 167 25.43 3.42 36.92
C VAL I 167 24.30 2.53 36.34
N ARG I 168 24.58 1.24 36.24
CA ARG I 168 23.66 0.28 35.71
C ARG I 168 23.38 -0.80 36.78
N VAL I 169 22.11 -0.95 37.14
CA VAL I 169 21.72 -2.01 38.09
C VAL I 169 20.82 -2.96 37.36
N TYR I 170 21.14 -4.26 37.44
CA TYR I 170 20.37 -5.28 36.77
C TYR I 170 20.36 -6.54 37.64
N TYR I 171 19.45 -7.46 37.34
CA TYR I 171 19.48 -8.78 37.96
C TYR I 171 19.50 -9.84 36.90
N LYS I 172 19.86 -11.05 37.32
CA LYS I 172 19.96 -12.18 36.40
C LYS I 172 18.78 -13.12 36.62
N LYS I 173 18.18 -13.53 35.49
CA LYS I 173 17.07 -14.50 35.48
C LYS I 173 17.56 -15.95 35.20
N CYS I 174 17.61 -16.77 36.26
CA CYS I 174 17.88 -18.23 36.18
C CYS I 174 19.01 -18.65 35.22
N ALA J 1 25.41 27.65 43.94
CA ALA J 1 26.07 28.84 44.48
C ALA J 1 25.08 30.00 44.34
N ASP J 2 25.53 31.01 43.61
CA ASP J 2 24.60 31.84 42.87
C ASP J 2 24.52 31.22 41.46
N ARG J 3 23.34 31.27 40.90
CA ARG J 3 23.14 30.83 39.53
C ARG J 3 22.79 32.06 38.70
N HIS J 4 23.32 32.09 37.49
CA HIS J 4 23.10 33.19 36.60
C HIS J 4 22.32 32.67 35.39
N THR J 5 21.15 33.19 35.11
CA THR J 5 20.36 32.69 33.93
C THR J 5 20.63 33.52 32.69
N VAL J 6 21.06 32.87 31.59
CA VAL J 6 21.25 33.54 30.28
C VAL J 6 20.27 32.98 29.27
N PHE J 7 19.36 33.79 28.72
CA PHE J 7 18.40 33.28 27.71
C PHE J 7 19.03 33.39 26.30
N TRP J 8 19.44 32.25 25.74
CA TRP J 8 20.25 32.32 24.50
C TRP J 8 19.32 32.33 23.29
N ASN J 9 18.82 33.50 22.91
CA ASN J 9 17.95 33.54 21.70
C ASN J 9 18.03 34.91 21.12
N SER J 10 17.70 35.08 19.84
CA SER J 10 17.94 36.35 19.16
C SER J 10 17.02 37.47 19.56
N SER J 11 15.91 37.18 20.22
CA SER J 11 15.07 38.31 20.66
C SER J 11 15.38 38.83 22.11
N ASN J 12 16.45 38.32 22.73
CA ASN J 12 16.97 38.82 24.02
C ASN J 12 17.87 40.07 23.74
N PRO J 13 17.39 41.25 24.15
CA PRO J 13 18.05 42.55 23.94
C PRO J 13 19.50 42.61 24.48
N LYS J 14 19.79 41.79 25.47
CA LYS J 14 21.10 41.75 26.05
C LYS J 14 22.18 41.40 25.02
N PHE J 15 21.80 40.69 23.92
CA PHE J 15 22.79 40.32 22.92
C PHE J 15 23.00 41.41 21.82
N ARG J 16 22.18 42.48 21.89
CA ARG J 16 22.05 43.46 20.80
C ARG J 16 23.34 44.20 20.39
N ASN J 17 24.28 44.44 21.30
CA ASN J 17 25.49 45.19 20.88
C ASN J 17 26.72 44.29 20.86
N GLU J 18 26.49 42.97 20.88
CA GLU J 18 27.58 42.00 20.79
C GLU J 18 28.54 42.10 21.99
N ASP J 19 28.05 42.60 23.12
CA ASP J 19 28.97 42.86 24.26
C ASP J 19 28.45 42.37 25.63
N TYR J 20 27.44 41.50 25.56
CA TYR J 20 26.87 40.86 26.73
C TYR J 20 27.96 40.17 27.57
N THR J 21 28.13 40.67 28.81
CA THR J 21 29.02 40.10 29.78
C THR J 21 28.27 39.83 31.09
N ILE J 22 28.55 38.71 31.72
CA ILE J 22 28.07 38.51 33.04
C ILE J 22 29.27 38.37 33.98
N HIS J 23 29.04 38.67 35.25
CA HIS J 23 30.15 38.63 36.20
C HIS J 23 29.81 37.68 37.31
N VAL J 24 30.68 36.70 37.49
CA VAL J 24 30.37 35.62 38.41
C VAL J 24 31.43 35.40 39.43
N GLN J 25 31.10 34.70 40.51
CA GLN J 25 32.13 34.27 41.44
C GLN J 25 32.51 32.82 41.14
N LEU J 26 33.70 32.42 41.57
CA LEU J 26 34.13 31.00 41.44
C LEU J 26 33.06 30.16 42.14
N ASN J 27 32.68 29.06 41.49
CA ASN J 27 31.69 28.07 41.93
C ASN J 27 30.27 28.46 41.65
N ASP J 28 30.07 29.64 41.06
CA ASP J 28 28.72 29.99 40.60
C ASP J 28 28.40 29.08 39.44
N TYR J 29 27.12 29.05 39.05
CA TYR J 29 26.71 28.32 37.81
C TYR J 29 26.14 29.31 36.82
N VAL J 30 26.35 29.04 35.54
CA VAL J 30 25.61 29.82 34.57
C VAL J 30 24.65 28.87 33.91
N ASP J 31 23.39 29.27 33.84
CA ASP J 31 22.37 28.43 33.20
C ASP J 31 22.02 29.07 31.85
N ILE J 32 22.53 28.47 30.78
CA ILE J 32 22.21 28.88 29.40
C ILE J 32 20.93 28.17 29.00
N ILE J 33 19.90 28.98 28.79
CA ILE J 33 18.58 28.49 28.48
C ILE J 33 18.41 28.57 26.96
N CYS J 34 18.11 27.44 26.32
CA CYS J 34 18.02 27.37 24.84
C CYS J 34 16.63 27.93 24.44
N PRO J 35 16.53 28.46 23.20
CA PRO J 35 15.21 28.88 22.72
C PRO J 35 14.21 27.71 22.94
N HIS J 36 12.99 28.03 23.32
CA HIS J 36 12.01 27.02 23.59
C HIS J 36 10.63 27.58 23.18
N TYR J 37 9.81 26.72 22.60
CA TYR J 37 8.55 27.12 21.99
C TYR J 37 7.42 26.20 22.48
N GLU J 38 6.33 26.81 23.00
CA GLU J 38 5.05 26.10 23.28
C GLU J 38 4.51 25.40 22.02
N ASP J 39 4.10 24.14 22.20
CA ASP J 39 3.85 23.12 21.11
C ASP J 39 3.25 23.60 19.77
N HIS J 40 2.22 24.46 19.82
CA HIS J 40 1.74 25.16 18.61
C HIS J 40 1.75 26.68 18.90
N SER J 41 2.36 27.48 18.01
CA SER J 41 2.56 28.94 18.24
C SER J 41 3.38 29.67 17.16
N VAL J 42 4.54 29.10 16.83
CA VAL J 42 5.46 29.59 15.78
C VAL J 42 5.77 28.33 14.97
N ALA J 43 5.84 28.44 13.63
CA ALA J 43 6.09 27.27 12.78
C ALA J 43 7.46 26.64 13.06
N ASP J 44 7.56 25.33 12.82
CA ASP J 44 8.80 24.58 13.03
C ASP J 44 10.04 25.29 12.45
N ALA J 45 9.91 25.73 11.20
CA ALA J 45 11.03 26.31 10.47
C ALA J 45 11.59 27.59 11.06
N ALA J 46 10.76 28.27 11.85
CA ALA J 46 11.12 29.53 12.45
C ALA J 46 11.69 29.35 13.89
N MET J 47 11.72 28.12 14.40
CA MET J 47 12.25 27.89 15.76
C MET J 47 13.78 27.95 15.75
N GLU J 48 14.35 28.76 16.65
CA GLU J 48 15.79 28.94 16.72
C GLU J 48 16.47 27.73 17.33
N GLN J 49 17.56 27.31 16.71
CA GLN J 49 18.35 26.24 17.34
C GLN J 49 19.81 26.65 17.19
N TYR J 50 20.67 26.28 18.15
CA TYR J 50 22.04 26.75 18.12
C TYR J 50 23.04 25.63 18.44
N ILE J 51 24.24 25.72 17.83
CA ILE J 51 25.40 24.99 18.38
C ILE J 51 26.10 26.00 19.32
N LEU J 52 26.36 25.60 20.57
CA LEU J 52 27.13 26.42 21.49
C LEU J 52 28.59 25.99 21.55
N TYR J 53 29.49 26.99 21.63
CA TYR J 53 30.93 26.71 21.72
C TYR J 53 31.53 27.47 22.89
N LEU J 54 32.48 26.85 23.59
CA LEU J 54 33.21 27.57 24.68
C LEU J 54 34.61 27.78 24.08
N VAL J 55 35.02 29.02 23.90
CA VAL J 55 36.14 29.37 22.98
C VAL J 55 37.11 30.39 23.61
N GLU J 56 38.26 30.57 23.01
CA GLU J 56 39.21 31.55 23.50
C GLU J 56 38.85 32.96 23.02
N HIS J 57 39.52 33.98 23.54
CA HIS J 57 39.15 35.34 23.15
C HIS J 57 39.20 35.59 21.61
N GLU J 58 40.28 35.17 20.94
CA GLU J 58 40.37 35.39 19.47
C GLU J 58 39.10 34.86 18.74
N GLU J 59 38.62 33.65 19.11
CA GLU J 59 37.41 33.08 18.49
C GLU J 59 36.17 33.92 18.81
N TYR J 60 36.11 34.38 20.05
CA TYR J 60 35.00 35.22 20.46
C TYR J 60 35.00 36.49 19.61
N GLN J 61 36.15 37.13 19.47
CA GLN J 61 36.21 38.34 18.65
C GLN J 61 35.80 38.13 17.20
N LEU J 62 36.24 37.03 16.59
CA LEU J 62 35.80 36.65 15.25
C LEU J 62 34.41 36.05 15.20
N CYS J 63 33.82 35.70 16.34
CA CYS J 63 32.57 34.99 16.37
C CYS J 63 32.65 33.75 15.46
N GLN J 64 33.74 33.00 15.57
CA GLN J 64 33.94 31.83 14.72
C GLN J 64 34.76 30.82 15.55
N PRO J 65 34.28 29.56 15.65
CA PRO J 65 35.04 28.53 16.38
C PRO J 65 36.25 28.09 15.66
N GLN J 66 37.28 27.66 16.40
CA GLN J 66 38.52 27.21 15.75
C GLN J 66 38.39 25.71 15.41
N SER J 67 37.58 24.96 16.17
CA SER J 67 37.35 23.56 15.83
C SER J 67 36.17 22.94 16.52
N LYS J 68 35.77 21.77 16.00
CA LYS J 68 34.64 21.03 16.53
C LYS J 68 34.95 20.68 17.99
N ASP J 69 36.23 20.66 18.37
CA ASP J 69 36.60 20.32 19.75
C ASP J 69 36.00 21.32 20.73
N GLN J 70 35.60 22.50 20.22
CA GLN J 70 35.04 23.49 21.13
C GLN J 70 33.55 23.48 21.29
N VAL J 71 32.88 22.58 20.61
CA VAL J 71 31.44 22.43 20.79
C VAL J 71 31.18 22.17 22.30
N ARG J 72 30.28 22.95 22.85
CA ARG J 72 29.97 22.80 24.24
C ARG J 72 28.60 22.10 24.50
N TRP J 73 27.59 22.41 23.70
CA TRP J 73 26.23 21.80 23.80
C TRP J 73 25.47 22.16 22.52
N GLN J 74 24.37 21.46 22.23
CA GLN J 74 23.50 21.93 21.16
C GLN J 74 22.10 22.27 21.65
N CYS J 75 21.60 23.44 21.26
CA CYS J 75 20.22 23.80 21.58
C CYS J 75 19.43 23.17 20.41
N ASN J 76 19.16 21.87 20.48
CA ASN J 76 18.51 21.12 19.36
C ASN J 76 17.13 20.51 19.81
N ARG J 77 16.57 21.10 20.88
CA ARG J 77 15.25 20.65 21.34
C ARG J 77 14.31 21.83 21.47
N PRO J 78 14.01 22.52 20.35
CA PRO J 78 13.22 23.76 20.58
C PRO J 78 11.82 23.47 21.09
N SER J 79 11.25 22.29 20.89
CA SER J 79 9.96 22.16 21.54
C SER J 79 9.82 21.03 22.58
N ALA J 80 10.89 20.79 23.32
CA ALA J 80 10.92 19.68 24.23
C ALA J 80 9.67 19.77 25.17
N LYS J 81 8.95 18.68 25.43
CA LYS J 81 7.77 18.71 26.31
C LYS J 81 8.05 19.29 27.72
N HIS J 82 9.18 18.86 28.30
CA HIS J 82 9.56 19.14 29.71
C HIS J 82 9.93 20.62 29.99
N GLY J 83 10.17 21.40 28.93
CA GLY J 83 10.73 22.75 29.11
C GLY J 83 11.98 22.98 28.26
N PRO J 84 12.62 24.14 28.43
CA PRO J 84 13.82 24.44 27.66
C PRO J 84 14.98 23.50 27.90
N GLU J 85 15.67 23.17 26.84
CA GLU J 85 17.01 22.55 26.98
C GLU J 85 17.93 23.60 27.66
N LYS J 86 18.87 23.13 28.49
CA LYS J 86 19.65 24.00 29.38
C LYS J 86 21.09 23.48 29.44
N LEU J 87 22.08 24.33 29.24
CA LEU J 87 23.42 23.98 29.56
C LEU J 87 23.77 24.69 30.90
N SER J 88 24.00 23.93 31.97
CA SER J 88 24.42 24.45 33.27
C SER J 88 25.91 24.31 33.47
N GLU J 89 26.66 25.40 33.32
CA GLU J 89 28.09 25.34 33.56
C GLU J 89 28.44 25.78 35.01
N LYS J 90 29.28 25.02 35.69
CA LYS J 90 29.78 25.42 37.00
C LYS J 90 31.17 25.90 36.88
N PHE J 91 31.37 27.12 37.32
CA PHE J 91 32.67 27.79 37.17
C PHE J 91 33.62 27.36 38.27
N GLN J 92 34.02 26.10 38.21
CA GLN J 92 34.80 25.44 39.27
C GLN J 92 36.24 25.51 38.86
N ARG J 93 37.15 25.53 39.83
CA ARG J 93 38.61 25.61 39.59
C ARG J 93 39.13 24.30 38.99
N PHE J 94 38.73 23.15 39.53
CA PHE J 94 39.25 21.84 39.02
C PHE J 94 38.15 20.92 38.52
N THR J 95 38.47 20.01 37.59
CA THR J 95 37.49 18.99 37.06
C THR J 95 38.16 17.63 36.96
N PRO J 96 37.43 16.54 37.25
CA PRO J 96 38.02 15.24 37.08
C PRO J 96 37.97 14.82 35.61
N PHE J 97 37.47 15.68 34.74
CA PHE J 97 37.04 15.16 33.42
C PHE J 97 37.78 15.94 32.40
N THR J 98 38.65 15.22 31.71
CA THR J 98 39.52 15.83 30.73
C THR J 98 38.65 15.84 29.48
N LEU J 99 38.32 17.05 29.04
CA LEU J 99 37.31 17.32 28.01
C LEU J 99 36.46 18.43 28.59
N GLY J 100 36.45 18.56 29.95
CA GLY J 100 35.68 19.61 30.64
C GLY J 100 36.55 20.86 30.95
N LYS J 101 35.95 21.91 31.45
CA LYS J 101 36.69 23.15 31.60
C LYS J 101 36.95 23.57 33.10
N GLU J 102 38.14 24.10 33.31
CA GLU J 102 38.53 24.62 34.60
C GLU J 102 38.52 26.14 34.46
N PHE J 103 38.09 26.83 35.51
CA PHE J 103 37.91 28.25 35.51
C PHE J 103 38.70 28.82 36.70
N LYS J 104 39.24 30.04 36.55
CA LYS J 104 40.14 30.63 37.55
C LYS J 104 39.64 31.98 37.98
N GLU J 105 39.88 32.34 39.24
CA GLU J 105 39.46 33.64 39.72
C GLU J 105 40.22 34.70 38.98
N GLY J 106 39.52 35.73 38.51
CA GLY J 106 40.22 36.91 37.93
C GLY J 106 40.46 36.78 36.42
N HIS J 107 39.86 35.78 35.84
CA HIS J 107 39.95 35.45 34.43
C HIS J 107 38.61 35.49 33.75
N SER J 108 38.66 35.69 32.41
CA SER J 108 37.45 35.82 31.62
C SER J 108 37.33 34.68 30.61
N TYR J 109 36.10 34.35 30.25
CA TYR J 109 35.77 33.16 29.42
C TYR J 109 34.67 33.55 28.44
N TYR J 110 34.53 32.76 27.37
CA TYR J 110 33.73 33.19 26.19
C TYR J 110 32.87 32.06 25.68
N TYR J 111 31.61 32.36 25.41
CA TYR J 111 30.78 31.47 24.57
C TYR J 111 30.43 32.12 23.26
N ILE J 112 30.27 31.33 22.20
CA ILE J 112 29.68 31.83 20.97
C ILE J 112 28.71 30.72 20.44
N SER J 113 27.84 31.08 19.51
CA SER J 113 26.94 30.11 18.93
C SER J 113 27.01 30.22 17.41
N LYS J 114 26.63 29.12 16.74
CA LYS J 114 26.30 29.13 15.32
C LYS J 114 24.86 28.63 15.19
N PRO J 115 24.08 29.24 14.26
CA PRO J 115 22.66 28.82 14.18
C PRO J 115 22.54 27.49 13.40
N ILE J 116 21.54 26.67 13.74
CA ILE J 116 21.18 25.48 12.95
C ILE J 116 19.92 25.82 12.11
N HIS J 117 19.03 26.69 12.63
CA HIS J 117 17.92 27.26 11.83
C HIS J 117 18.52 28.21 10.76
N GLN J 118 19.84 28.34 10.80
CA GLN J 118 20.66 28.76 9.66
C GLN J 118 20.50 30.23 9.23
N HIS J 119 19.79 31.01 10.05
CA HIS J 119 19.68 32.46 9.82
C HIS J 119 20.95 33.13 10.30
N GLU J 120 22.06 32.80 9.60
CA GLU J 120 23.43 33.09 10.10
C GLU J 120 23.72 34.55 10.00
N ASP J 121 22.75 35.33 10.41
CA ASP J 121 22.92 36.74 10.51
C ASP J 121 23.10 36.92 12.00
N ARG J 122 23.89 37.90 12.43
CA ARG J 122 24.01 38.18 13.86
C ARG J 122 24.97 37.24 14.56
N CYS J 123 25.93 37.83 15.23
CA CYS J 123 26.75 37.08 16.11
C CYS J 123 26.03 37.03 17.49
N LEU J 124 25.79 35.82 18.01
CA LEU J 124 25.45 35.67 19.42
C LEU J 124 26.67 35.19 20.18
N ARG J 125 27.06 35.96 21.20
CA ARG J 125 28.21 35.62 22.02
C ARG J 125 28.04 36.10 23.47
N LEU J 126 28.81 35.48 24.34
CA LEU J 126 28.80 35.93 25.75
C LEU J 126 30.16 35.92 26.34
N LYS J 127 30.44 36.93 27.18
CA LYS J 127 31.60 36.90 27.99
C LYS J 127 31.26 36.68 29.47
N VAL J 128 32.04 35.83 30.11
CA VAL J 128 31.87 35.62 31.55
C VAL J 128 33.15 35.96 32.25
N THR J 129 33.13 36.92 33.20
CA THR J 129 34.30 37.27 33.99
C THR J 129 34.15 36.64 35.38
N VAL J 130 35.16 35.92 35.84
CA VAL J 130 35.17 35.34 37.17
C VAL J 130 35.91 36.30 38.11
N LYS J 131 35.29 36.74 39.19
CA LYS J 131 35.99 37.74 40.04
C LYS J 131 37.18 37.13 40.83
N ILE J 132 38.20 37.86 41.33
CA ILE J 132 38.65 37.31 42.67
C ILE J 132 37.85 38.00 43.75
N GLU K 1 54.33 20.81 -13.91
CA GLU K 1 53.66 19.49 -14.08
C GLU K 1 52.18 19.73 -14.41
N VAL K 2 51.65 19.03 -15.39
CA VAL K 2 50.26 19.25 -15.77
C VAL K 2 49.53 17.97 -15.52
N VAL K 3 48.52 18.04 -14.67
CA VAL K 3 47.76 16.82 -14.31
C VAL K 3 46.66 16.43 -15.32
N LEU K 4 46.71 15.21 -15.86
CA LEU K 4 45.73 14.70 -16.85
C LEU K 4 44.65 13.82 -16.18
N LEU K 5 45.02 13.22 -15.05
CA LEU K 5 44.07 12.33 -14.35
C LEU K 5 44.48 12.26 -12.92
N ASP K 6 43.50 12.31 -12.03
CA ASP K 6 43.76 12.25 -10.57
C ASP K 6 42.56 11.58 -9.89
N PHE K 7 42.70 10.29 -9.60
CA PHE K 7 41.57 9.52 -9.03
C PHE K 7 41.18 10.01 -7.63
N ALA K 8 42.18 10.19 -6.76
CA ALA K 8 41.87 10.69 -5.38
C ALA K 8 41.12 12.02 -5.39
N ALA K 9 41.50 12.91 -6.30
CA ALA K 9 40.82 14.19 -6.40
C ALA K 9 39.31 14.13 -6.77
N ALA K 10 38.89 13.05 -7.40
CA ALA K 10 37.53 12.97 -7.87
C ALA K 10 36.57 12.65 -6.74
N GLY K 11 37.09 12.33 -5.56
CA GLY K 11 36.18 12.21 -4.38
C GLY K 11 35.14 11.11 -4.57
N GLY K 12 35.53 9.97 -5.15
CA GLY K 12 34.54 8.87 -5.34
C GLY K 12 33.56 8.96 -6.55
N GLU K 13 33.54 10.11 -7.23
CA GLU K 13 32.57 10.36 -8.33
C GLU K 13 33.02 9.74 -9.66
N LEU K 14 34.19 9.11 -9.67
CA LEU K 14 34.74 8.59 -10.90
C LEU K 14 34.48 7.09 -10.89
N GLY K 15 33.81 6.58 -11.92
CA GLY K 15 33.47 5.15 -12.02
C GLY K 15 34.29 4.54 -13.15
N TRP K 16 35.19 3.64 -12.82
CA TRP K 16 35.95 2.96 -13.82
C TRP K 16 35.37 1.61 -14.16
N LEU K 17 35.52 1.26 -15.42
CA LEU K 17 35.08 -0.06 -15.94
C LEU K 17 35.86 -1.20 -15.29
N THR K 18 35.16 -2.28 -14.91
CA THR K 18 35.81 -3.50 -14.38
C THR K 18 35.48 -4.71 -15.31
N HIS K 19 36.37 -5.69 -15.40
CA HIS K 19 36.10 -6.86 -16.19
C HIS K 19 36.79 -8.00 -15.49
N PRO K 20 36.17 -9.21 -15.47
CA PRO K 20 34.84 -9.51 -15.99
C PRO K 20 33.80 -8.80 -15.11
N TYR K 21 32.65 -8.52 -15.69
CA TYR K 21 31.57 -7.77 -15.02
C TYR K 21 31.24 -8.35 -13.64
N GLY K 22 31.23 -7.48 -12.63
CA GLY K 22 30.98 -7.88 -11.26
C GLY K 22 31.93 -8.89 -10.61
N LYS K 23 33.09 -9.15 -11.21
CA LYS K 23 34.06 -9.96 -10.52
C LYS K 23 35.17 -8.94 -10.24
N GLY K 24 36.04 -9.18 -9.29
CA GLY K 24 37.29 -8.41 -9.34
C GLY K 24 37.21 -7.12 -8.56
N TRP K 25 37.75 -6.05 -9.14
CA TRP K 25 37.96 -4.83 -8.44
C TRP K 25 36.61 -4.22 -8.02
N ASP K 26 36.54 -3.61 -6.82
CA ASP K 26 35.38 -2.91 -6.37
C ASP K 26 35.80 -1.55 -5.81
N LEU K 27 34.93 -0.55 -5.96
CA LEU K 27 35.18 0.72 -5.31
C LEU K 27 34.80 0.64 -3.81
N MET K 28 35.75 0.87 -2.91
CA MET K 28 35.50 0.74 -1.43
C MET K 28 35.65 2.09 -0.82
N GLN K 29 34.97 2.30 0.31
CA GLN K 29 35.05 3.60 1.01
C GLN K 29 35.68 3.38 2.37
N ASN K 30 36.49 4.34 2.87
CA ASN K 30 37.00 4.24 4.24
C ASN K 30 37.30 5.64 4.75
N ILE K 31 37.64 5.74 6.03
CA ILE K 31 38.01 7.02 6.59
C ILE K 31 39.48 6.84 6.96
N MET K 32 40.33 7.74 6.48
CA MET K 32 41.73 7.74 6.87
C MET K 32 42.07 9.13 7.45
N ASN K 33 42.60 9.14 8.66
CA ASN K 33 42.97 10.40 9.26
C ASN K 33 41.82 11.37 9.25
N ASP K 34 40.67 10.91 9.73
CA ASP K 34 39.43 11.70 9.77
C ASP K 34 38.98 12.26 8.41
N MET K 35 39.43 11.67 7.29
CA MET K 35 39.02 12.13 5.96
C MET K 35 38.40 10.97 5.20
N PRO K 36 37.28 11.20 4.52
CA PRO K 36 36.69 10.09 3.72
C PRO K 36 37.48 9.84 2.45
N ILE K 37 37.80 8.57 2.21
CA ILE K 37 38.51 8.28 1.02
C ILE K 37 37.89 7.05 0.32
N TYR K 38 38.23 6.96 -0.96
CA TYR K 38 37.80 5.91 -1.87
C TYR K 38 39.03 5.14 -2.41
N MET K 39 38.84 3.87 -2.81
CA MET K 39 39.93 3.07 -3.32
C MET K 39 39.34 1.97 -4.12
N TYR K 40 40.08 1.55 -5.12
CA TYR K 40 39.73 0.34 -5.81
C TYR K 40 40.49 -0.85 -5.22
N SER K 41 39.75 -1.88 -4.88
CA SER K 41 40.26 -2.99 -4.08
C SER K 41 39.93 -4.34 -4.72
N VAL K 42 40.90 -5.27 -4.71
CA VAL K 42 40.58 -6.65 -5.01
C VAL K 42 41.39 -7.57 -4.07
N CYS K 43 40.77 -8.67 -3.64
CA CYS K 43 41.44 -9.63 -2.77
C CYS K 43 40.85 -11.05 -2.95
N ASN K 44 40.84 -11.53 -4.17
CA ASN K 44 40.20 -12.85 -4.39
C ASN K 44 41.24 -13.93 -4.21
N VAL K 45 41.78 -14.08 -3.01
CA VAL K 45 42.92 -15.00 -2.85
C VAL K 45 42.47 -16.39 -2.46
N MET K 46 41.25 -16.53 -1.97
CA MET K 46 40.86 -17.85 -1.51
C MET K 46 40.36 -18.65 -2.69
N SER K 47 39.86 -17.92 -3.69
CA SER K 47 39.29 -18.49 -4.88
C SER K 47 40.46 -18.56 -5.84
N GLY K 48 40.35 -19.60 -6.68
CA GLY K 48 41.23 -19.90 -7.79
C GLY K 48 41.51 -18.81 -8.81
N ASP K 49 41.87 -19.18 -10.05
CA ASP K 49 42.61 -18.23 -10.91
C ASP K 49 41.87 -16.92 -11.17
N GLN K 50 42.64 -15.84 -11.11
CA GLN K 50 42.09 -14.49 -11.21
C GLN K 50 42.68 -13.83 -12.41
N ASP K 51 41.83 -13.07 -13.09
CA ASP K 51 42.29 -12.22 -14.18
C ASP K 51 41.34 -11.02 -14.21
N ASN K 52 41.54 -10.09 -13.27
CA ASN K 52 40.60 -9.00 -13.10
C ASN K 52 41.13 -7.68 -13.57
N TRP K 53 40.36 -7.00 -14.42
CA TRP K 53 40.85 -5.72 -15.00
C TRP K 53 40.06 -4.52 -14.56
N LEU K 54 40.77 -3.40 -14.39
CA LEU K 54 40.12 -2.14 -13.94
C LEU K 54 40.67 -1.13 -14.96
N ARG K 55 39.84 -0.39 -15.68
CA ARG K 55 40.38 0.47 -16.78
C ARG K 55 39.89 1.86 -16.48
N THR K 56 40.76 2.86 -16.64
CA THR K 56 40.36 4.21 -16.42
C THR K 56 39.41 4.65 -17.50
N ASN K 57 38.80 5.82 -17.28
CA ASN K 57 38.07 6.57 -18.28
C ASN K 57 39.14 6.86 -19.31
N TRP K 58 38.71 7.25 -20.50
CA TRP K 58 39.59 7.70 -21.60
C TRP K 58 40.19 9.08 -21.20
N VAL K 59 41.50 9.24 -21.36
CA VAL K 59 42.13 10.47 -20.92
C VAL K 59 42.60 11.20 -22.16
N TYR K 60 42.22 12.46 -22.29
CA TYR K 60 42.60 13.29 -23.41
C TYR K 60 44.06 13.75 -23.23
N ARG K 61 44.86 13.52 -24.28
CA ARG K 61 46.29 13.61 -24.15
C ARG K 61 46.72 15.08 -24.14
N GLY K 62 45.98 15.93 -24.85
CA GLY K 62 46.38 17.34 -25.08
C GLY K 62 47.74 17.42 -25.74
N GLU K 63 48.69 18.04 -25.05
CA GLU K 63 50.06 18.09 -25.59
C GLU K 63 51.12 17.30 -24.84
N ALA K 64 50.68 16.40 -23.97
CA ALA K 64 51.59 15.46 -23.38
C ALA K 64 52.17 14.66 -24.54
N GLU K 65 53.47 14.44 -24.49
CA GLU K 65 54.06 13.44 -25.35
C GLU K 65 54.52 12.27 -24.49
N ARG K 66 55.08 12.56 -23.33
CA ARG K 66 55.38 11.49 -22.44
C ARG K 66 54.58 11.65 -21.11
N ILE K 67 53.99 10.57 -20.60
CA ILE K 67 53.13 10.68 -19.38
C ILE K 67 53.75 9.90 -18.26
N PHE K 68 53.52 10.41 -17.06
CA PHE K 68 54.07 9.86 -15.85
C PHE K 68 52.89 9.40 -15.02
N ILE K 69 52.99 8.19 -14.51
CA ILE K 69 51.84 7.58 -13.87
C ILE K 69 52.27 7.20 -12.48
N GLU K 70 51.67 7.84 -11.46
CA GLU K 70 52.04 7.56 -10.11
C GLU K 70 50.89 6.87 -9.42
N LEU K 71 51.19 5.69 -8.86
CA LEU K 71 50.22 4.84 -8.12
C LEU K 71 50.55 4.81 -6.61
N LYS K 72 49.51 4.83 -5.77
CA LYS K 72 49.70 4.68 -4.31
C LYS K 72 48.75 3.54 -3.97
N PHE K 73 49.26 2.55 -3.25
CA PHE K 73 48.56 1.25 -3.07
C PHE K 73 49.10 0.51 -1.86
N THR K 74 48.29 -0.40 -1.33
CA THR K 74 48.76 -1.33 -0.34
C THR K 74 48.67 -2.72 -0.96
N VAL K 75 49.42 -3.66 -0.40
CA VAL K 75 49.49 -5.04 -0.90
C VAL K 75 49.63 -5.88 0.35
N ARG K 76 48.89 -6.97 0.40
CA ARG K 76 48.93 -7.80 1.58
C ARG K 76 49.81 -9.02 1.32
N ASP K 77 50.55 -9.43 2.34
CA ASP K 77 51.41 -10.62 2.35
C ASP K 77 50.61 -11.90 2.17
N CYS K 78 50.98 -12.70 1.16
CA CYS K 78 50.35 -13.98 0.96
C CYS K 78 50.37 -14.94 2.17
N ASN K 79 51.30 -14.77 3.11
CA ASN K 79 51.29 -15.66 4.26
C ASN K 79 50.07 -15.48 5.14
N SER K 80 49.41 -14.33 5.07
CA SER K 80 48.40 -14.03 6.08
C SER K 80 47.03 -14.55 5.75
N PHE K 81 46.91 -15.54 4.88
CA PHE K 81 45.56 -15.97 4.57
C PHE K 81 45.17 -17.33 5.16
N PRO K 82 44.95 -17.38 6.53
CA PRO K 82 45.08 -18.53 7.52
C PRO K 82 45.10 -20.01 7.01
N GLY K 83 44.77 -20.22 5.73
CA GLY K 83 45.21 -21.40 4.95
C GLY K 83 46.45 -20.98 4.15
N GLY K 84 46.38 -19.77 3.59
CA GLY K 84 47.51 -19.07 2.94
C GLY K 84 47.10 -18.52 1.57
N ALA K 85 45.94 -18.99 1.09
CA ALA K 85 45.54 -18.78 -0.33
C ALA K 85 46.52 -19.52 -1.33
N SER K 86 46.12 -20.69 -1.83
CA SER K 86 47.08 -21.58 -2.52
C SER K 86 48.05 -20.83 -3.47
N SER K 87 47.51 -19.88 -4.28
CA SER K 87 48.13 -19.41 -5.59
C SER K 87 48.04 -17.89 -5.62
N CYS K 88 48.65 -17.32 -4.62
CA CYS K 88 48.46 -15.94 -4.23
C CYS K 88 49.66 -15.14 -4.79
N LYS K 89 49.45 -13.86 -5.11
CA LYS K 89 50.56 -13.06 -5.72
C LYS K 89 50.70 -11.78 -4.89
N GLU K 90 51.84 -11.09 -5.02
CA GLU K 90 52.04 -9.88 -4.30
C GLU K 90 52.42 -8.77 -5.24
N THR K 91 52.01 -8.85 -6.49
CA THR K 91 52.29 -7.81 -7.49
C THR K 91 50.97 -7.63 -8.24
N PHE K 92 50.88 -6.57 -9.05
CA PHE K 92 49.85 -6.43 -10.09
C PHE K 92 50.45 -5.80 -11.33
N ASN K 93 49.69 -5.74 -12.44
CA ASN K 93 50.28 -5.25 -13.70
C ASN K 93 49.65 -3.95 -14.17
N LEU K 94 50.48 -3.11 -14.79
CA LEU K 94 50.02 -1.82 -15.30
C LEU K 94 50.13 -1.88 -16.80
N TYR K 95 49.01 -1.49 -17.48
CA TYR K 95 48.91 -1.42 -18.93
C TYR K 95 48.41 -0.07 -19.40
N TYR K 96 48.56 0.19 -20.70
CA TYR K 96 47.90 1.32 -21.31
C TYR K 96 47.48 0.96 -22.74
N ALA K 97 46.69 1.83 -23.34
CA ALA K 97 46.30 1.70 -24.71
C ALA K 97 45.99 3.08 -25.21
N GLU K 98 46.38 3.37 -26.43
CA GLU K 98 46.07 4.68 -26.97
C GLU K 98 44.90 4.48 -27.90
N SER K 99 44.09 5.52 -28.11
CA SER K 99 43.05 5.44 -29.12
C SER K 99 42.62 6.83 -29.45
N ASP K 100 42.05 7.02 -30.63
CA ASP K 100 41.57 8.33 -30.94
C ASP K 100 40.14 8.58 -30.49
N LEU K 101 39.48 7.58 -29.92
CA LEU K 101 38.16 7.82 -29.39
C LEU K 101 37.86 6.98 -28.19
N ASP K 102 36.88 7.45 -27.44
CA ASP K 102 36.48 6.72 -26.27
C ASP K 102 35.56 5.60 -26.77
N TYR K 103 35.84 4.39 -26.34
CA TYR K 103 35.06 3.21 -26.78
C TYR K 103 34.06 2.84 -25.73
N GLY K 104 33.95 3.66 -24.65
CA GLY K 104 32.85 3.42 -23.74
C GLY K 104 33.01 2.12 -23.01
N THR K 105 31.95 1.35 -22.92
CA THR K 105 32.01 0.08 -22.21
C THR K 105 32.66 -1.07 -22.97
N ASN K 106 33.13 -0.85 -24.21
CA ASN K 106 33.86 -1.90 -24.93
C ASN K 106 35.21 -2.01 -24.34
N PHE K 107 35.61 -3.24 -24.08
CA PHE K 107 36.92 -3.39 -23.52
C PHE K 107 37.55 -4.63 -24.11
N GLN K 108 38.67 -4.44 -24.80
CA GLN K 108 39.38 -5.54 -25.42
C GLN K 108 40.75 -5.51 -24.82
N LYS K 109 41.10 -6.54 -24.04
CA LYS K 109 42.40 -6.54 -23.36
C LYS K 109 43.46 -6.54 -24.43
N ARG K 110 43.14 -7.19 -25.58
CA ARG K 110 44.04 -7.35 -26.71
C ARG K 110 44.77 -6.07 -27.09
N LEU K 111 44.06 -4.95 -27.08
CA LEU K 111 44.55 -3.64 -27.49
C LEU K 111 45.51 -2.95 -26.45
N PHE K 112 45.68 -3.55 -25.25
CA PHE K 112 46.58 -3.00 -24.17
C PHE K 112 48.03 -3.49 -24.20
N THR K 113 48.96 -2.60 -23.85
CA THR K 113 50.33 -2.96 -23.84
C THR K 113 50.73 -2.89 -22.41
N LYS K 114 51.48 -3.88 -21.94
CA LYS K 114 51.94 -3.84 -20.54
C LYS K 114 53.04 -2.80 -20.38
N ILE K 115 52.96 -2.01 -19.27
CA ILE K 115 54.03 -1.07 -18.93
C ILE K 115 55.01 -1.81 -18.02
N ASP K 116 54.50 -2.38 -16.94
CA ASP K 116 55.33 -3.08 -16.00
C ASP K 116 54.49 -3.79 -14.96
N THR K 117 55.18 -4.67 -14.26
CA THR K 117 54.74 -5.34 -13.09
C THR K 117 54.97 -4.33 -11.98
N ILE K 118 53.95 -4.11 -11.13
CA ILE K 118 54.09 -3.22 -10.02
C ILE K 118 54.15 -4.04 -8.74
N ALA K 119 55.15 -3.74 -7.91
CA ALA K 119 55.46 -4.47 -6.68
C ALA K 119 55.63 -3.51 -5.51
N PRO K 120 55.14 -3.88 -4.28
CA PRO K 120 55.21 -3.03 -3.10
C PRO K 120 56.62 -3.06 -2.48
N ASP K 121 57.19 -1.92 -2.14
CA ASP K 121 58.40 -1.88 -1.28
C ASP K 121 58.10 -2.35 0.16
N GLU K 122 56.89 -2.14 0.63
CA GLU K 122 56.56 -2.47 2.01
C GLU K 122 55.24 -3.23 1.98
N ILE K 123 55.33 -4.51 2.26
CA ILE K 123 54.19 -5.44 2.21
C ILE K 123 53.38 -5.29 3.56
N THR K 124 52.06 -5.33 3.53
CA THR K 124 51.22 -5.28 4.74
C THR K 124 51.08 -6.68 5.36
N VAL K 125 51.26 -6.77 6.68
CA VAL K 125 51.23 -8.06 7.33
C VAL K 125 50.06 -8.17 8.30
N SER K 126 49.80 -9.37 8.82
CA SER K 126 48.67 -9.62 9.71
C SER K 126 48.58 -8.63 10.88
N SER K 127 49.73 -8.39 11.51
CA SER K 127 49.80 -7.56 12.71
C SER K 127 49.52 -6.09 12.40
N ASP K 128 49.58 -5.72 11.14
CA ASP K 128 49.28 -4.40 10.72
C ASP K 128 47.84 -3.99 10.96
N PHE K 129 46.90 -4.94 10.99
CA PHE K 129 45.50 -4.66 11.31
C PHE K 129 45.31 -4.17 12.77
N GLU K 130 45.97 -4.83 13.71
CA GLU K 130 45.80 -4.41 15.08
C GLU K 130 46.53 -3.12 15.35
N ALA K 131 47.64 -2.89 14.63
CA ALA K 131 48.34 -1.60 14.78
C ALA K 131 47.59 -0.44 14.07
N ARG K 132 46.56 -0.77 13.28
CA ARG K 132 46.03 0.17 12.27
C ARG K 132 47.18 0.87 11.48
N HIS K 133 48.14 0.09 11.00
CA HIS K 133 49.26 0.65 10.28
C HIS K 133 49.02 0.54 8.77
N VAL K 134 48.84 1.68 8.10
CA VAL K 134 48.68 1.73 6.62
C VAL K 134 50.08 1.96 5.98
N LYS K 135 50.52 1.01 5.17
CA LYS K 135 51.85 1.01 4.62
C LYS K 135 51.62 1.34 3.18
N LEU K 136 51.61 2.64 2.91
CA LEU K 136 51.23 3.08 1.56
C LEU K 136 52.40 3.15 0.59
N ASN K 137 52.37 2.33 -0.47
CA ASN K 137 53.45 2.28 -1.39
C ASN K 137 53.22 3.32 -2.48
N VAL K 138 54.32 3.75 -3.09
CA VAL K 138 54.26 4.66 -4.22
C VAL K 138 55.14 4.17 -5.34
N GLU K 139 54.58 3.94 -6.51
CA GLU K 139 55.42 3.53 -7.64
C GLU K 139 55.06 4.46 -8.79
N GLU K 140 56.09 4.81 -9.56
CA GLU K 140 55.87 5.63 -10.72
C GLU K 140 56.51 5.00 -11.96
N ARG K 141 55.80 5.05 -13.08
CA ARG K 141 56.35 4.66 -14.40
C ARG K 141 56.03 5.74 -15.42
N SER K 142 56.72 5.72 -16.55
CA SER K 142 56.40 6.63 -17.65
C SER K 142 56.27 5.88 -18.97
N VAL K 143 55.59 6.50 -19.93
CA VAL K 143 55.47 5.88 -21.28
C VAL K 143 55.43 6.98 -22.20
N GLY K 144 56.08 6.79 -23.33
CA GLY K 144 55.97 7.70 -24.43
C GLY K 144 56.84 7.20 -25.58
N PRO K 145 56.74 7.84 -26.76
CA PRO K 145 55.97 9.05 -27.01
C PRO K 145 54.56 8.67 -27.38
N LEU K 146 53.56 9.41 -26.92
CA LEU K 146 52.20 9.06 -27.26
C LEU K 146 51.73 9.89 -28.45
N THR K 147 50.83 9.37 -29.30
CA THR K 147 50.54 10.07 -30.55
C THR K 147 49.05 10.19 -30.85
N ARG K 148 48.21 9.41 -30.15
CA ARG K 148 46.79 9.41 -30.51
C ARG K 148 46.10 10.46 -29.68
N LYS K 149 44.81 10.71 -29.94
CA LYS K 149 44.07 11.77 -29.25
C LYS K 149 43.97 11.51 -27.74
N GLY K 150 43.86 10.26 -27.31
CA GLY K 150 43.78 9.93 -25.87
C GLY K 150 44.31 8.55 -25.56
N PHE K 151 44.19 8.16 -24.28
CA PHE K 151 44.70 6.88 -23.87
C PHE K 151 43.83 6.35 -22.72
N TYR K 152 44.00 5.07 -22.42
CA TYR K 152 43.52 4.51 -21.19
C TYR K 152 44.67 3.91 -20.43
N LEU K 153 44.50 3.76 -19.11
CA LEU K 153 45.32 2.89 -18.31
C LEU K 153 44.46 1.75 -17.88
N ALA K 154 45.10 0.61 -17.59
CA ALA K 154 44.39 -0.50 -16.92
C ALA K 154 45.30 -1.16 -15.93
N PHE K 155 44.66 -1.80 -14.94
CA PHE K 155 45.34 -2.53 -13.89
C PHE K 155 44.79 -3.93 -13.88
N GLN K 156 45.73 -4.87 -13.90
CA GLN K 156 45.39 -6.25 -14.02
C GLN K 156 45.76 -6.92 -12.72
N ASP K 157 44.75 -7.50 -12.07
CA ASP K 157 45.04 -8.35 -10.93
C ASP K 157 45.02 -9.84 -11.35
N ILE K 158 46.07 -10.57 -10.95
CA ILE K 158 46.18 -12.00 -11.24
C ILE K 158 46.07 -12.92 -10.03
N GLY K 159 45.66 -12.34 -8.91
CA GLY K 159 45.51 -13.12 -7.67
C GLY K 159 46.23 -12.56 -6.46
N ALA K 160 46.20 -11.23 -6.30
CA ALA K 160 46.80 -10.52 -5.20
C ALA K 160 45.75 -9.91 -4.25
N CYS K 161 46.21 -9.25 -3.20
CA CYS K 161 45.26 -8.59 -2.31
C CYS K 161 45.72 -7.14 -2.23
N VAL K 162 45.09 -6.27 -3.00
CA VAL K 162 45.65 -4.96 -3.28
C VAL K 162 44.58 -3.90 -3.15
N ALA K 163 44.94 -2.78 -2.55
CA ALA K 163 44.05 -1.59 -2.61
C ALA K 163 44.82 -0.44 -3.30
N LEU K 164 44.25 0.14 -4.34
CA LEU K 164 44.74 1.30 -5.11
C LEU K 164 44.02 2.57 -4.65
N LEU K 165 44.72 3.45 -3.94
CA LEU K 165 44.17 4.66 -3.38
C LEU K 165 44.40 5.91 -4.23
N SER K 166 45.33 5.83 -5.17
CA SER K 166 45.72 7.08 -5.90
C SER K 166 46.34 6.71 -7.24
N VAL K 167 45.90 7.42 -8.27
CA VAL K 167 46.40 7.23 -9.66
C VAL K 167 46.46 8.65 -10.17
N ARG K 168 47.67 9.17 -10.36
CA ARG K 168 47.82 10.52 -10.79
C ARG K 168 48.66 10.43 -12.07
N VAL K 169 48.12 10.99 -13.14
CA VAL K 169 48.81 10.92 -14.44
C VAL K 169 49.14 12.31 -14.84
N TYR K 170 50.40 12.57 -15.18
CA TYR K 170 50.74 13.94 -15.55
C TYR K 170 51.84 13.95 -16.60
N TYR K 171 52.06 15.12 -17.20
CA TYR K 171 53.27 15.36 -18.00
C TYR K 171 54.11 16.55 -17.48
N LYS K 172 55.38 16.60 -17.88
CA LYS K 172 56.31 17.57 -17.30
C LYS K 172 56.49 18.67 -18.35
N LYS K 173 56.66 19.90 -17.88
CA LYS K 173 56.88 21.08 -18.71
C LYS K 173 58.35 21.28 -19.06
N CYS K 174 59.24 20.85 -18.17
CA CYS K 174 60.66 20.89 -18.50
C CYS K 174 61.18 19.57 -19.02
N ALA L 1 27.78 -10.18 -4.16
CA ALA L 1 26.88 -10.55 -5.30
C ALA L 1 25.57 -9.74 -5.22
N ASP L 2 24.65 -10.25 -4.37
CA ASP L 2 23.38 -9.60 -4.09
C ASP L 2 23.62 -8.32 -3.30
N ARG L 3 22.79 -7.31 -3.53
CA ARG L 3 22.92 -6.04 -2.78
C ARG L 3 21.64 -5.92 -1.92
N HIS L 4 21.81 -5.41 -0.72
CA HIS L 4 20.76 -5.17 0.25
C HIS L 4 20.69 -3.67 0.46
N THR L 5 19.55 -3.05 0.17
CA THR L 5 19.47 -1.57 0.43
C THR L 5 18.90 -1.26 1.80
N VAL L 6 19.57 -0.36 2.57
CA VAL L 6 19.06 0.08 3.84
C VAL L 6 18.89 1.60 3.78
N PHE L 7 17.65 2.08 3.99
CA PHE L 7 17.35 3.51 3.99
C PHE L 7 17.48 3.99 5.43
N TRP L 8 18.62 4.58 5.72
CA TRP L 8 18.96 4.98 7.10
C TRP L 8 18.35 6.33 7.42
N ASN L 9 17.06 6.34 7.75
CA ASN L 9 16.38 7.56 8.19
C ASN L 9 15.38 7.23 9.31
N SER L 10 14.94 8.24 10.08
CA SER L 10 14.06 7.95 11.26
C SER L 10 12.66 7.62 10.83
N SER L 11 12.39 7.73 9.55
CA SER L 11 11.02 7.66 9.22
C SER L 11 10.76 6.27 8.58
N ASN L 12 11.83 5.46 8.54
CA ASN L 12 11.78 4.09 8.03
C ASN L 12 11.26 3.13 9.14
N PRO L 13 10.10 2.52 8.92
CA PRO L 13 9.44 1.69 10.00
C PRO L 13 10.33 0.47 10.43
N LYS L 14 11.23 0.04 9.54
CA LYS L 14 12.09 -1.10 9.81
C LYS L 14 13.02 -0.85 11.00
N PHE L 15 13.25 0.42 11.32
CA PHE L 15 14.03 0.75 12.55
C PHE L 15 13.25 0.87 13.89
N ARG L 16 11.92 0.72 13.89
CA ARG L 16 11.19 1.21 15.09
C ARG L 16 11.27 0.34 16.32
N ASN L 17 11.57 -0.93 16.13
CA ASN L 17 11.71 -1.78 17.29
C ASN L 17 13.20 -2.03 17.67
N GLU L 18 14.11 -1.27 17.04
CA GLU L 18 15.53 -1.35 17.35
C GLU L 18 16.13 -2.72 17.06
N ASP L 19 15.48 -3.52 16.19
CA ASP L 19 15.89 -4.93 15.86
C ASP L 19 15.99 -5.24 14.35
N TYR L 20 16.09 -4.18 13.55
CA TYR L 20 16.41 -4.30 12.14
C TYR L 20 17.60 -5.21 11.92
N THR L 21 17.36 -6.31 11.18
CA THR L 21 18.34 -7.38 11.04
C THR L 21 18.30 -7.85 9.60
N ILE L 22 19.46 -7.95 8.97
CA ILE L 22 19.46 -8.45 7.62
C ILE L 22 20.47 -9.61 7.52
N HIS L 23 20.09 -10.66 6.80
CA HIS L 23 20.93 -11.82 6.59
C HIS L 23 21.55 -11.68 5.20
N VAL L 24 22.86 -11.87 5.12
CA VAL L 24 23.57 -11.67 3.86
C VAL L 24 24.47 -12.88 3.61
N GLN L 25 24.81 -13.10 2.35
CA GLN L 25 25.80 -14.08 1.94
C GLN L 25 27.23 -13.42 1.96
N LEU L 26 28.27 -14.17 2.35
CA LEU L 26 29.62 -13.72 2.12
C LEU L 26 29.73 -13.12 0.72
N ASN L 27 30.38 -11.95 0.62
CA ASN L 27 30.59 -11.22 -0.66
C ASN L 27 29.38 -10.44 -1.13
N ASP L 28 28.25 -10.48 -0.39
CA ASP L 28 27.15 -9.53 -0.63
C ASP L 28 27.58 -8.10 -0.32
N TYR L 29 26.75 -7.13 -0.72
CA TYR L 29 26.97 -5.74 -0.36
C TYR L 29 25.78 -5.24 0.44
N VAL L 30 26.03 -4.37 1.40
CA VAL L 30 24.90 -3.66 1.97
C VAL L 30 24.99 -2.19 1.58
N ASP L 31 23.95 -1.61 0.99
CA ASP L 31 24.10 -0.20 0.54
C ASP L 31 23.26 0.62 1.52
N ILE L 32 23.93 1.36 2.40
CA ILE L 32 23.26 2.23 3.42
C ILE L 32 22.99 3.59 2.80
N ILE L 33 21.70 3.88 2.60
CA ILE L 33 21.31 5.13 1.92
C ILE L 33 21.04 6.22 3.02
N CYS L 34 21.82 7.33 2.98
CA CYS L 34 21.67 8.46 3.86
C CYS L 34 20.39 9.21 3.53
N PRO L 35 19.79 9.88 4.55
CA PRO L 35 18.66 10.74 4.31
C PRO L 35 19.03 11.67 3.17
N HIS L 36 18.06 11.96 2.31
CA HIS L 36 18.37 12.87 1.17
C HIS L 36 17.15 13.75 0.85
N TYR L 37 17.36 14.98 0.41
CA TYR L 37 16.25 15.90 0.19
C TYR L 37 16.44 16.69 -1.08
N GLU L 38 15.35 16.90 -1.82
CA GLU L 38 15.43 17.76 -3.02
C GLU L 38 15.53 19.24 -2.62
N ASP L 39 16.22 20.03 -3.47
CA ASP L 39 16.63 21.45 -3.20
C ASP L 39 15.78 22.33 -2.23
N HIS L 40 14.46 22.42 -2.47
CA HIS L 40 13.56 23.13 -1.53
C HIS L 40 12.30 22.28 -1.39
N SER L 41 12.03 21.90 -0.15
CA SER L 41 10.90 21.02 0.20
C SER L 41 10.89 20.94 1.71
N VAL L 42 12.09 20.90 2.30
CA VAL L 42 12.25 20.82 3.76
C VAL L 42 13.22 21.94 4.24
N ALA L 43 12.90 22.54 5.39
CA ALA L 43 13.79 23.52 6.02
C ALA L 43 15.06 22.76 6.36
N ASP L 44 16.20 23.44 6.22
CA ASP L 44 17.50 22.83 6.46
C ASP L 44 17.61 22.16 7.87
N ALA L 45 17.09 22.79 8.93
CA ALA L 45 17.06 22.15 10.28
C ALA L 45 16.39 20.76 10.36
N ALA L 46 15.34 20.55 9.57
CA ALA L 46 14.63 19.24 9.57
C ALA L 46 15.32 18.14 8.73
N MET L 47 16.39 18.48 8.03
CA MET L 47 17.08 17.45 7.27
C MET L 47 17.95 16.61 8.16
N GLU L 48 17.70 15.30 8.18
CA GLU L 48 18.48 14.37 8.98
C GLU L 48 19.94 14.19 8.55
N GLN L 49 20.81 14.06 9.54
CA GLN L 49 22.25 13.85 9.25
C GLN L 49 22.79 12.93 10.33
N TYR L 50 23.68 12.02 9.96
CA TYR L 50 24.17 11.07 10.92
C TYR L 50 25.66 10.83 10.78
N ILE L 51 26.27 10.43 11.90
CA ILE L 51 27.54 9.74 11.85
C ILE L 51 27.24 8.24 11.93
N LEU L 52 27.86 7.43 11.06
CA LEU L 52 27.59 5.95 11.06
C LEU L 52 28.79 5.29 11.67
N TYR L 53 28.57 4.30 12.53
CA TYR L 53 29.67 3.61 13.21
C TYR L 53 29.52 2.11 12.98
N LEU L 54 30.65 1.41 12.87
CA LEU L 54 30.68 -0.06 12.76
C LEU L 54 31.26 -0.50 14.12
N VAL L 55 30.48 -1.24 14.92
CA VAL L 55 30.84 -1.48 16.30
C VAL L 55 30.65 -2.94 16.68
N GLU L 56 31.18 -3.32 17.83
CA GLU L 56 30.96 -4.67 18.34
C GLU L 56 29.63 -4.79 19.08
N HIS L 57 29.30 -6.02 19.44
CA HIS L 57 27.98 -6.31 19.95
C HIS L 57 27.61 -5.43 21.18
N GLU L 58 28.60 -5.23 22.04
CA GLU L 58 28.39 -4.49 23.30
C GLU L 58 27.93 -3.02 23.04
N GLU L 59 28.64 -2.33 22.13
CA GLU L 59 28.30 -1.02 21.65
C GLU L 59 26.94 -0.99 20.97
N TYR L 60 26.62 -2.05 20.22
CA TYR L 60 25.33 -2.10 19.58
C TYR L 60 24.21 -2.21 20.64
N GLN L 61 24.39 -3.08 21.63
CA GLN L 61 23.43 -3.17 22.82
C GLN L 61 23.25 -1.86 23.57
N LEU L 62 24.37 -1.22 23.85
CA LEU L 62 24.38 0.09 24.51
C LEU L 62 23.98 1.24 23.59
N CYS L 63 23.92 1.01 22.25
CA CYS L 63 23.77 2.11 21.28
C CYS L 63 24.80 3.24 21.49
N GLN L 64 26.04 2.87 21.84
CA GLN L 64 27.11 3.87 21.96
C GLN L 64 28.45 3.38 21.46
N PRO L 65 29.09 4.13 20.61
CA PRO L 65 30.42 3.69 20.18
C PRO L 65 31.44 3.78 21.28
N GLN L 66 32.43 2.89 21.20
CA GLN L 66 33.54 2.89 22.18
C GLN L 66 34.51 4.03 21.89
N SER L 67 34.70 4.35 20.62
CA SER L 67 35.65 5.39 20.25
C SER L 67 35.42 5.93 18.86
N LYS L 68 36.09 7.04 18.59
CA LYS L 68 36.17 7.67 17.27
C LYS L 68 36.70 6.73 16.18
N ASP L 69 37.59 5.81 16.53
CA ASP L 69 38.09 4.81 15.56
C ASP L 69 36.96 3.97 14.91
N GLN L 70 35.79 3.92 15.55
CA GLN L 70 34.67 3.18 14.93
C GLN L 70 33.78 3.95 13.93
N VAL L 71 34.10 5.21 13.64
CA VAL L 71 33.34 5.98 12.63
C VAL L 71 33.48 5.22 11.31
N ARG L 72 32.35 4.93 10.65
CA ARG L 72 32.40 4.22 9.38
C ARG L 72 32.22 5.16 8.20
N TRP L 73 31.31 6.11 8.31
CA TRP L 73 31.02 7.01 7.19
C TRP L 73 30.20 8.19 7.76
N GLN L 74 30.18 9.32 7.05
CA GLN L 74 29.24 10.34 7.46
C GLN L 74 28.15 10.60 6.48
N CYS L 75 26.91 10.61 7.01
CA CYS L 75 25.75 11.07 6.27
C CYS L 75 25.62 12.55 6.53
N ASN L 76 26.56 13.32 5.98
CA ASN L 76 26.59 14.78 6.17
C ASN L 76 26.36 15.58 4.91
N ARG L 77 25.69 14.99 3.93
CA ARG L 77 25.35 15.68 2.69
C ARG L 77 23.86 15.50 2.38
N PRO L 78 22.99 16.08 3.22
CA PRO L 78 21.57 15.81 3.06
C PRO L 78 20.94 16.27 1.73
N SER L 79 21.54 17.24 1.08
CA SER L 79 20.94 17.75 -0.14
C SER L 79 21.92 17.66 -1.32
N ALA L 80 22.77 16.66 -1.25
CA ALA L 80 23.74 16.40 -2.31
C ALA L 80 23.04 16.42 -3.70
N LYS L 81 23.65 17.16 -4.64
CA LYS L 81 23.15 17.39 -6.01
C LYS L 81 22.87 16.12 -6.78
N HIS L 82 23.81 15.19 -6.75
CA HIS L 82 23.70 13.94 -7.58
C HIS L 82 22.64 12.95 -7.06
N GLY L 83 22.21 13.12 -5.82
CA GLY L 83 21.55 12.01 -5.11
C GLY L 83 22.05 11.71 -3.69
N PRO L 84 21.38 10.79 -2.99
CA PRO L 84 21.79 10.44 -1.62
C PRO L 84 23.25 10.03 -1.44
N GLU L 85 23.86 10.49 -0.37
CA GLU L 85 25.11 9.92 0.08
C GLU L 85 24.86 8.44 0.42
N LYS L 86 25.87 7.60 0.16
CA LYS L 86 25.67 6.14 0.17
C LYS L 86 26.96 5.53 0.76
N LEU L 87 26.83 4.64 1.74
CA LEU L 87 27.92 3.80 2.17
C LEU L 87 27.68 2.38 1.62
N SER L 88 28.58 1.92 0.74
CA SER L 88 28.43 0.55 0.21
C SER L 88 29.48 -0.36 0.82
N GLU L 89 29.03 -1.21 1.72
CA GLU L 89 29.94 -2.13 2.41
C GLU L 89 29.96 -3.55 1.74
N LYS L 90 31.12 -4.04 1.30
CA LYS L 90 31.17 -5.41 0.81
C LYS L 90 31.50 -6.36 1.94
N PHE L 91 30.67 -7.35 2.16
CA PHE L 91 30.89 -8.30 3.26
C PHE L 91 31.91 -9.38 2.84
N GLN L 92 33.16 -8.94 2.60
CA GLN L 92 34.24 -9.80 2.13
C GLN L 92 35.05 -10.35 3.31
N ARG L 93 35.68 -11.51 3.07
CA ARG L 93 36.38 -12.25 4.09
C ARG L 93 37.71 -11.55 4.40
N PHE L 94 38.38 -11.04 3.37
CA PHE L 94 39.68 -10.41 3.55
C PHE L 94 39.73 -9.04 2.89
N THR L 95 40.53 -8.13 3.46
CA THR L 95 40.74 -6.83 2.87
C THR L 95 42.18 -6.51 2.77
N PRO L 96 42.62 -5.78 1.72
CA PRO L 96 44.02 -5.28 1.71
C PRO L 96 44.28 -4.01 2.55
N PHE L 97 43.23 -3.40 3.05
CA PHE L 97 43.31 -2.09 3.71
C PHE L 97 43.10 -2.21 5.26
N THR L 98 44.16 -2.07 6.04
CA THR L 98 44.06 -2.13 7.48
C THR L 98 43.23 -0.89 7.87
N LEU L 99 42.30 -0.96 8.73
CA LEU L 99 41.29 0.19 8.82
C LEU L 99 39.95 -0.26 8.28
N GLY L 100 39.99 -1.20 7.31
CA GLY L 100 38.77 -1.82 6.80
C GLY L 100 38.42 -3.02 7.67
N LYS L 101 37.26 -3.60 7.41
CA LYS L 101 36.79 -4.69 8.24
C LYS L 101 36.72 -5.94 7.41
N GLU L 102 37.07 -7.06 8.03
CA GLU L 102 36.94 -8.40 7.44
C GLU L 102 35.73 -9.03 8.08
N PHE L 103 34.96 -9.76 7.26
CA PHE L 103 33.71 -10.35 7.70
C PHE L 103 33.73 -11.89 7.52
N LYS L 104 33.11 -12.63 8.44
CA LYS L 104 33.20 -14.09 8.37
C LYS L 104 31.80 -14.75 8.40
N GLU L 105 31.70 -15.92 7.76
CA GLU L 105 30.46 -16.69 7.71
C GLU L 105 30.08 -17.03 9.11
N GLY L 106 28.79 -16.98 9.42
CA GLY L 106 28.35 -17.38 10.74
C GLY L 106 28.52 -16.31 11.80
N HIS L 107 29.06 -15.14 11.41
CA HIS L 107 29.21 -14.07 12.35
C HIS L 107 28.23 -12.92 12.04
N SER L 108 27.97 -12.11 13.07
CA SER L 108 27.13 -10.93 12.90
C SER L 108 27.92 -9.66 13.11
N TYR L 109 27.48 -8.58 12.48
CA TYR L 109 28.15 -7.27 12.52
C TYR L 109 27.12 -6.19 12.77
N TYR L 110 27.56 -5.03 13.30
CA TYR L 110 26.60 -4.06 13.87
C TYR L 110 26.91 -2.64 13.47
N TYR L 111 25.89 -1.90 13.07
CA TYR L 111 26.00 -0.47 12.78
C TYR L 111 25.10 0.25 13.74
N ILE L 112 25.58 1.39 14.21
CA ILE L 112 24.70 2.29 14.97
C ILE L 112 24.99 3.66 14.41
N SER L 113 24.11 4.61 14.66
CA SER L 113 24.34 6.01 14.27
C SER L 113 24.19 6.93 15.44
N LYS L 114 24.75 8.15 15.28
CA LYS L 114 24.38 9.24 16.10
C LYS L 114 24.00 10.45 15.22
N PRO L 115 23.00 11.24 15.66
CA PRO L 115 22.64 12.36 14.82
C PRO L 115 23.70 13.44 14.93
N ILE L 116 23.95 14.17 13.86
CA ILE L 116 24.94 15.24 13.92
C ILE L 116 24.41 16.51 14.58
N HIS L 117 23.18 16.92 14.27
CA HIS L 117 22.60 18.12 14.93
C HIS L 117 21.23 17.95 15.62
N GLN L 118 20.47 16.95 15.17
CA GLN L 118 19.17 16.70 15.78
C GLN L 118 19.30 16.03 17.15
N HIS L 119 18.28 16.16 17.99
CA HIS L 119 18.19 15.38 19.24
C HIS L 119 17.96 13.88 19.00
N GLU L 120 18.81 13.03 19.57
CA GLU L 120 18.67 11.61 19.52
C GLU L 120 17.44 11.18 20.42
N ASP L 121 16.31 11.13 19.77
CA ASP L 121 15.03 10.61 20.23
C ASP L 121 14.97 9.11 20.48
N ARG L 122 15.72 8.37 19.69
CA ARG L 122 15.63 6.94 19.66
C ARG L 122 16.93 6.40 19.01
N CYS L 123 17.23 5.13 19.29
CA CYS L 123 18.42 4.47 18.76
C CYS L 123 18.21 3.89 17.34
N LEU L 124 19.01 4.36 16.38
CA LEU L 124 18.97 3.75 15.07
C LEU L 124 20.18 2.82 14.95
N ARG L 125 19.91 1.53 14.63
CA ARG L 125 21.00 0.58 14.56
C ARG L 125 20.60 -0.57 13.66
N LEU L 126 21.59 -1.37 13.29
CA LEU L 126 21.35 -2.40 12.28
C LEU L 126 22.22 -3.58 12.61
N LYS L 127 21.63 -4.77 12.66
CA LYS L 127 22.40 -6.01 12.74
C LYS L 127 22.47 -6.71 11.38
N VAL L 128 23.68 -7.14 11.00
CA VAL L 128 23.92 -7.83 9.78
C VAL L 128 24.55 -9.17 10.08
N THR L 129 23.87 -10.24 9.68
CA THR L 129 24.40 -11.58 9.93
C THR L 129 24.87 -12.24 8.67
N VAL L 130 26.12 -12.69 8.65
CA VAL L 130 26.66 -13.36 7.43
C VAL L 130 26.32 -14.83 7.57
N LYS L 131 25.68 -15.38 6.56
CA LYS L 131 25.22 -16.75 6.75
C LYS L 131 26.40 -17.71 6.63
N ILE L 132 26.28 -18.89 7.22
CA ILE L 132 27.17 -19.97 6.80
C ILE L 132 26.47 -20.69 5.64
N GLU M 1 -46.73 -15.59 -25.58
CA GLU M 1 -45.70 -14.50 -25.38
C GLU M 1 -46.32 -13.12 -25.57
N VAL M 2 -46.03 -12.22 -24.66
CA VAL M 2 -46.50 -10.85 -24.76
C VAL M 2 -45.28 -9.92 -24.81
N VAL M 3 -45.15 -9.18 -25.90
CA VAL M 3 -43.95 -8.35 -26.15
C VAL M 3 -44.15 -7.02 -25.43
N LEU M 4 -43.13 -6.66 -24.64
CA LEU M 4 -43.14 -5.42 -23.92
C LEU M 4 -42.25 -4.36 -24.60
N LEU M 5 -41.23 -4.81 -25.33
CA LEU M 5 -40.38 -3.91 -26.09
C LEU M 5 -39.85 -4.63 -27.33
N ASP M 6 -39.79 -3.90 -28.45
CA ASP M 6 -39.24 -4.50 -29.66
C ASP M 6 -38.51 -3.44 -30.51
N PHE M 7 -37.19 -3.35 -30.40
CA PHE M 7 -36.43 -2.25 -31.06
C PHE M 7 -36.62 -2.27 -32.55
N ALA M 8 -36.46 -3.45 -33.13
CA ALA M 8 -36.40 -3.58 -34.61
C ALA M 8 -37.75 -3.21 -35.21
N ALA M 9 -38.85 -3.38 -34.45
CA ALA M 9 -40.18 -3.01 -35.00
C ALA M 9 -40.44 -1.49 -34.91
N ALA M 10 -39.59 -0.76 -34.20
CA ALA M 10 -39.81 0.69 -34.04
C ALA M 10 -39.48 1.52 -35.27
N GLY M 11 -38.79 0.95 -36.23
CA GLY M 11 -38.44 1.70 -37.44
C GLY M 11 -37.48 2.88 -37.26
N GLY M 12 -36.57 2.81 -36.30
CA GLY M 12 -35.69 3.95 -36.15
C GLY M 12 -36.22 5.14 -35.32
N GLU M 13 -37.47 5.02 -34.84
CA GLU M 13 -38.19 6.12 -34.19
C GLU M 13 -37.94 6.19 -32.70
N LEU M 14 -37.29 5.14 -32.20
CA LEU M 14 -37.10 4.96 -30.79
C LEU M 14 -35.69 5.44 -30.54
N GLY M 15 -35.57 6.41 -29.66
CA GLY M 15 -34.29 7.00 -29.44
C GLY M 15 -33.79 6.75 -28.06
N TRP M 16 -32.83 5.84 -27.94
CA TRP M 16 -32.34 5.51 -26.61
C TRP M 16 -31.25 6.42 -26.16
N LEU M 17 -31.17 6.62 -24.85
CA LEU M 17 -30.15 7.42 -24.20
C LEU M 17 -28.75 6.75 -24.30
N THR M 18 -27.72 7.56 -24.51
CA THR M 18 -26.38 7.04 -24.51
C THR M 18 -25.52 7.81 -23.51
N HIS M 19 -24.54 7.13 -22.95
CA HIS M 19 -23.66 7.79 -21.98
C HIS M 19 -22.25 7.24 -22.12
N PRO M 20 -21.21 8.10 -22.02
CA PRO M 20 -21.23 9.59 -21.88
C PRO M 20 -21.89 10.18 -23.13
N TYR M 21 -22.56 11.32 -23.03
CA TYR M 21 -23.21 11.84 -24.24
C TYR M 21 -22.14 12.10 -25.33
N GLY M 22 -22.43 11.67 -26.56
CA GLY M 22 -21.49 11.97 -27.63
C GLY M 22 -20.37 10.96 -27.87
N LYS M 23 -20.14 10.07 -26.91
CA LYS M 23 -19.14 9.04 -27.14
C LYS M 23 -19.91 7.75 -27.38
N GLY M 24 -19.23 6.69 -27.81
CA GLY M 24 -19.86 5.36 -27.77
C GLY M 24 -20.97 5.02 -28.79
N TRP M 25 -22.06 4.44 -28.29
CA TRP M 25 -23.14 3.91 -29.11
C TRP M 25 -23.73 4.95 -30.05
N ASP M 26 -23.82 4.57 -31.32
CA ASP M 26 -24.49 5.37 -32.36
C ASP M 26 -25.63 4.66 -33.07
N LEU M 27 -26.69 5.43 -33.40
CA LEU M 27 -27.75 4.84 -34.24
C LEU M 27 -27.34 4.83 -35.69
N MET M 28 -27.26 3.64 -36.30
CA MET M 28 -26.75 3.54 -37.72
C MET M 28 -27.88 2.99 -38.60
N GLN M 29 -27.88 3.36 -39.88
CA GLN M 29 -28.90 2.89 -40.82
C GLN M 29 -28.22 2.08 -41.91
N ASN M 30 -28.80 0.92 -42.28
CA ASN M 30 -28.27 0.11 -43.41
C ASN M 30 -29.45 -0.55 -44.14
N ILE M 31 -29.21 -1.11 -45.31
CA ILE M 31 -30.23 -1.86 -46.01
C ILE M 31 -29.70 -3.32 -45.98
N MET M 32 -30.55 -4.27 -45.60
CA MET M 32 -30.19 -5.70 -45.53
C MET M 32 -31.39 -6.39 -46.06
N ASN M 33 -31.13 -7.23 -47.08
CA ASN M 33 -32.15 -7.97 -47.83
C ASN M 33 -33.14 -6.97 -48.39
N ASP M 34 -32.61 -5.86 -48.93
CA ASP M 34 -33.48 -4.84 -49.54
C ASP M 34 -34.52 -4.26 -48.58
N MET M 35 -34.25 -4.33 -47.28
CA MET M 35 -35.08 -3.69 -46.29
C MET M 35 -34.23 -2.66 -45.50
N PRO M 36 -34.79 -1.47 -45.23
CA PRO M 36 -34.03 -0.50 -44.43
C PRO M 36 -34.05 -0.93 -42.98
N ILE M 37 -32.89 -1.07 -42.37
CA ILE M 37 -32.85 -1.40 -40.91
C ILE M 37 -32.01 -0.37 -40.13
N TYR M 38 -32.25 -0.33 -38.82
CA TYR M 38 -31.45 0.49 -37.92
C TYR M 38 -30.71 -0.42 -36.96
N MET M 39 -29.62 0.06 -36.36
CA MET M 39 -28.95 -0.65 -35.31
C MET M 39 -28.17 0.34 -34.45
N TYR M 40 -27.90 -0.02 -33.19
CA TYR M 40 -27.00 0.71 -32.39
C TYR M 40 -25.66 0.05 -32.46
N SER M 41 -24.63 0.81 -32.76
CA SER M 41 -23.35 0.20 -32.78
C SER M 41 -22.28 1.01 -32.10
N VAL M 42 -21.22 0.32 -31.70
CA VAL M 42 -20.08 1.00 -31.17
C VAL M 42 -18.80 0.22 -31.59
N CYS M 43 -17.71 0.93 -31.85
CA CYS M 43 -16.53 0.21 -32.23
C CYS M 43 -15.29 1.03 -31.87
N ASN M 44 -15.08 1.35 -30.59
CA ASN M 44 -13.83 2.02 -30.19
C ASN M 44 -12.78 1.02 -29.72
N VAL M 45 -12.16 0.30 -30.64
CA VAL M 45 -11.21 -0.72 -30.23
C VAL M 45 -9.72 -0.25 -30.20
N MET M 46 -9.51 1.05 -30.43
CA MET M 46 -8.17 1.61 -30.61
C MET M 46 -7.67 2.35 -29.36
N SER M 47 -8.61 3.00 -28.69
CA SER M 47 -8.35 3.73 -27.47
C SER M 47 -9.06 2.94 -26.41
N GLY M 48 -8.33 2.61 -25.34
CA GLY M 48 -8.89 1.70 -24.31
C GLY M 48 -9.73 2.45 -23.30
N ASP M 49 -10.02 1.81 -22.17
CA ASP M 49 -10.77 2.50 -21.13
C ASP M 49 -12.16 2.84 -21.63
N GLN M 50 -12.78 1.98 -22.44
CA GLN M 50 -14.13 2.29 -22.88
C GLN M 50 -15.12 1.87 -21.82
N ASP M 51 -16.19 2.64 -21.71
CA ASP M 51 -17.25 2.38 -20.74
C ASP M 51 -18.49 3.10 -21.28
N ASN M 52 -19.09 2.56 -22.36
CA ASN M 52 -20.18 3.20 -23.07
C ASN M 52 -21.55 2.50 -22.86
N TRP M 53 -22.55 3.32 -22.47
CA TRP M 53 -23.81 2.85 -22.02
C TRP M 53 -24.94 3.24 -22.98
N LEU M 54 -25.78 2.26 -23.32
CA LEU M 54 -27.03 2.48 -24.06
C LEU M 54 -28.19 1.99 -23.20
N ARG M 55 -29.09 2.91 -22.82
CA ARG M 55 -30.21 2.60 -21.92
C ARG M 55 -31.53 2.68 -22.70
N THR M 56 -32.33 1.63 -22.63
CA THR M 56 -33.62 1.65 -23.28
C THR M 56 -34.50 2.75 -22.69
N ASN M 57 -35.57 3.06 -23.38
CA ASN M 57 -36.64 3.80 -22.75
C ASN M 57 -37.13 2.98 -21.53
N TRP M 58 -37.94 3.61 -20.68
CA TRP M 58 -38.58 2.94 -19.54
C TRP M 58 -39.65 2.02 -20.08
N VAL M 59 -39.73 0.82 -19.52
CA VAL M 59 -40.66 -0.18 -20.01
C VAL M 59 -41.66 -0.46 -18.91
N TYR M 60 -42.94 -0.20 -19.21
CA TYR M 60 -44.05 -0.62 -18.33
C TYR M 60 -44.04 -2.14 -18.16
N ARG M 61 -44.00 -2.58 -16.89
CA ARG M 61 -43.91 -4.00 -16.59
C ARG M 61 -45.28 -4.67 -16.83
N GLY M 62 -46.35 -3.92 -16.59
CA GLY M 62 -47.74 -4.45 -16.67
C GLY M 62 -47.84 -5.63 -15.73
N GLU M 63 -48.17 -6.79 -16.25
CA GLU M 63 -48.22 -7.89 -15.31
C GLU M 63 -47.24 -9.02 -15.57
N ALA M 64 -46.10 -8.69 -16.19
CA ALA M 64 -44.92 -9.57 -16.27
C ALA M 64 -44.29 -9.72 -14.88
N GLU M 65 -43.82 -10.93 -14.56
CA GLU M 65 -43.11 -11.15 -13.32
C GLU M 65 -41.67 -11.55 -13.67
N ARG M 66 -41.53 -12.36 -14.68
CA ARG M 66 -40.22 -12.73 -15.19
C ARG M 66 -40.17 -12.30 -16.68
N ILE M 67 -39.13 -11.55 -17.04
CA ILE M 67 -38.93 -11.10 -18.41
C ILE M 67 -37.83 -11.85 -19.14
N PHE M 68 -38.05 -12.03 -20.43
CA PHE M 68 -37.10 -12.63 -21.33
C PHE M 68 -36.61 -11.56 -22.30
N ILE M 69 -35.29 -11.53 -22.46
CA ILE M 69 -34.67 -10.48 -23.23
C ILE M 69 -33.88 -11.17 -24.33
N GLU M 70 -34.32 -11.01 -25.55
CA GLU M 70 -33.62 -11.63 -26.68
C GLU M 70 -32.86 -10.54 -27.40
N LEU M 71 -31.57 -10.72 -27.63
CA LEU M 71 -30.74 -9.74 -28.31
C LEU M 71 -30.21 -10.35 -29.65
N LYS M 72 -30.30 -9.61 -30.75
CA LYS M 72 -29.58 -10.01 -31.98
C LYS M 72 -28.49 -8.96 -32.36
N PHE M 73 -27.28 -9.46 -32.66
CA PHE M 73 -26.08 -8.63 -32.71
C PHE M 73 -24.93 -9.25 -33.54
N THR M 74 -24.01 -8.43 -34.00
CA THR M 74 -22.78 -8.93 -34.54
C THR M 74 -21.62 -8.51 -33.63
N VAL M 75 -20.52 -9.27 -33.65
CA VAL M 75 -19.34 -8.89 -32.92
C VAL M 75 -18.19 -9.13 -33.86
N ARG M 76 -17.25 -8.19 -33.91
CA ARG M 76 -16.15 -8.27 -34.87
C ARG M 76 -14.92 -8.76 -34.15
N ASP M 77 -14.13 -9.60 -34.84
CA ASP M 77 -12.94 -10.26 -34.29
C ASP M 77 -11.81 -9.26 -33.99
N CYS M 78 -11.31 -9.26 -32.75
CA CYS M 78 -10.27 -8.30 -32.35
C CYS M 78 -9.03 -8.41 -33.20
N ASN M 79 -8.95 -9.47 -33.99
CA ASN M 79 -7.78 -9.68 -34.81
C ASN M 79 -7.96 -9.22 -36.24
N SER M 80 -9.12 -8.64 -36.53
CA SER M 80 -9.47 -8.27 -37.89
C SER M 80 -9.22 -6.79 -38.21
N PHE M 81 -8.48 -6.08 -37.36
CA PHE M 81 -8.24 -4.64 -37.54
C PHE M 81 -6.83 -4.25 -38.05
N PRO M 82 -6.73 -3.79 -39.31
CA PRO M 82 -5.46 -3.37 -39.99
C PRO M 82 -4.40 -2.58 -39.16
N GLY M 83 -4.85 -1.76 -38.20
CA GLY M 83 -3.92 -1.14 -37.22
C GLY M 83 -3.43 -2.07 -36.11
N GLY M 84 -4.31 -2.92 -35.57
CA GLY M 84 -3.97 -3.84 -34.49
C GLY M 84 -5.06 -4.10 -33.44
N ALA M 85 -5.46 -3.03 -32.73
CA ALA M 85 -6.38 -3.11 -31.59
C ALA M 85 -5.89 -3.99 -30.42
N SER M 86 -5.04 -3.41 -29.56
CA SER M 86 -4.89 -3.96 -28.19
C SER M 86 -6.15 -3.86 -27.30
N SER M 87 -6.83 -2.72 -27.40
CA SER M 87 -7.87 -2.36 -26.44
C SER M 87 -9.18 -2.86 -26.98
N CYS M 88 -9.16 -4.13 -27.36
CA CYS M 88 -10.28 -4.78 -28.00
C CYS M 88 -10.74 -6.01 -27.20
N LYS M 89 -12.05 -6.14 -27.07
CA LYS M 89 -12.66 -7.24 -26.36
C LYS M 89 -13.74 -7.73 -27.29
N GLU M 90 -14.27 -8.91 -27.02
CA GLU M 90 -15.31 -9.52 -27.88
C GLU M 90 -16.58 -9.85 -27.10
N THR M 91 -16.87 -9.07 -26.06
CA THR M 91 -18.15 -9.28 -25.33
C THR M 91 -18.75 -7.92 -25.03
N PHE M 92 -20.02 -7.92 -24.60
CA PHE M 92 -20.63 -6.74 -24.02
C PHE M 92 -21.48 -7.14 -22.84
N ASN M 93 -21.80 -6.19 -21.98
CA ASN M 93 -22.61 -6.54 -20.82
C ASN M 93 -24.03 -6.09 -20.86
N LEU M 94 -24.90 -6.94 -20.32
CA LEU M 94 -26.31 -6.65 -20.24
C LEU M 94 -26.72 -6.29 -18.79
N TYR M 95 -27.43 -5.18 -18.60
CA TYR M 95 -27.91 -4.72 -17.28
C TYR M 95 -29.40 -4.38 -17.30
N TYR M 96 -29.98 -4.21 -16.11
CA TYR M 96 -31.37 -3.74 -15.93
C TYR M 96 -31.50 -2.93 -14.64
N ALA M 97 -32.52 -2.09 -14.55
CA ALA M 97 -32.85 -1.38 -13.31
C ALA M 97 -34.36 -1.38 -13.27
N GLU M 98 -34.94 -1.68 -12.11
CA GLU M 98 -36.36 -1.53 -11.92
C GLU M 98 -36.50 -0.12 -11.38
N SER M 99 -37.61 0.54 -11.66
CA SER M 99 -37.93 1.79 -10.90
C SER M 99 -39.41 1.97 -11.03
N ASP M 100 -40.01 2.83 -10.21
CA ASP M 100 -41.44 3.10 -10.30
C ASP M 100 -41.76 4.34 -11.10
N LEU M 101 -40.71 5.00 -11.60
CA LEU M 101 -40.87 6.14 -12.47
C LEU M 101 -39.77 6.22 -13.51
N ASP M 102 -40.11 6.92 -14.56
CA ASP M 102 -39.19 7.15 -15.64
C ASP M 102 -38.43 8.42 -15.22
N TYR M 103 -37.12 8.26 -15.16
CA TYR M 103 -36.19 9.34 -14.80
C TYR M 103 -35.67 10.09 -16.01
N GLY M 104 -36.20 9.74 -17.18
CA GLY M 104 -35.94 10.47 -18.37
C GLY M 104 -34.46 10.50 -18.68
N THR M 105 -33.89 11.70 -18.75
CA THR M 105 -32.50 11.76 -19.20
C THR M 105 -31.52 11.55 -18.05
N ASN M 106 -32.04 11.57 -16.83
CA ASN M 106 -31.33 11.06 -15.69
C ASN M 106 -30.88 9.65 -15.77
N PHE M 107 -29.60 9.46 -16.03
CA PHE M 107 -29.11 8.13 -16.09
C PHE M 107 -28.16 7.93 -14.96
N GLN M 108 -28.63 7.09 -14.05
CA GLN M 108 -27.95 6.82 -12.85
C GLN M 108 -27.47 5.40 -12.97
N LYS M 109 -26.24 5.29 -13.47
CA LYS M 109 -25.54 4.05 -13.71
C LYS M 109 -25.43 3.14 -12.52
N ARG M 110 -25.37 3.75 -11.32
CA ARG M 110 -25.20 3.01 -10.08
C ARG M 110 -26.44 2.23 -9.67
N LEU M 111 -27.60 2.68 -10.18
CA LEU M 111 -28.87 1.99 -9.94
C LEU M 111 -29.12 0.68 -10.74
N PHE M 112 -28.22 0.33 -11.68
CA PHE M 112 -28.38 -0.87 -12.57
C PHE M 112 -27.68 -2.10 -12.02
N THR M 113 -28.17 -3.26 -12.41
CA THR M 113 -27.69 -4.54 -11.91
C THR M 113 -27.28 -5.42 -13.08
N LYS M 114 -26.12 -6.06 -13.02
CA LYS M 114 -25.66 -6.84 -14.19
C LYS M 114 -26.39 -8.18 -14.36
N ILE M 115 -26.93 -8.45 -15.56
CA ILE M 115 -27.61 -9.74 -15.87
C ILE M 115 -26.56 -10.75 -16.29
N ASP M 116 -25.71 -10.39 -17.26
CA ASP M 116 -24.68 -11.31 -17.74
C ASP M 116 -23.79 -10.66 -18.80
N THR M 117 -22.63 -11.26 -19.01
CA THR M 117 -21.83 -11.07 -20.20
C THR M 117 -22.54 -11.71 -21.40
N ILE M 118 -22.52 -11.01 -22.52
CA ILE M 118 -23.12 -11.49 -23.76
C ILE M 118 -21.93 -11.72 -24.68
N ALA M 119 -21.75 -12.96 -25.10
CA ALA M 119 -20.70 -13.37 -26.01
C ALA M 119 -21.36 -13.84 -27.31
N PRO M 120 -20.70 -13.65 -28.46
CA PRO M 120 -21.13 -14.10 -29.79
C PRO M 120 -20.84 -15.59 -29.99
N ASP M 121 -21.78 -16.36 -30.52
CA ASP M 121 -21.46 -17.72 -30.93
C ASP M 121 -20.67 -17.70 -32.24
N GLU M 122 -20.90 -16.67 -33.07
CA GLU M 122 -20.24 -16.52 -34.37
C GLU M 122 -19.57 -15.16 -34.41
N ILE M 123 -18.24 -15.15 -34.45
CA ILE M 123 -17.50 -13.89 -34.46
C ILE M 123 -17.27 -13.49 -35.91
N THR M 124 -17.36 -12.21 -36.24
CA THR M 124 -17.16 -11.71 -37.61
C THR M 124 -15.65 -11.55 -37.86
N VAL M 125 -15.17 -12.07 -38.99
CA VAL M 125 -13.72 -11.99 -39.31
C VAL M 125 -13.51 -11.21 -40.61
N SER M 126 -12.26 -10.95 -40.98
CA SER M 126 -11.93 -10.21 -42.20
C SER M 126 -12.69 -10.68 -43.43
N SER M 127 -12.62 -11.99 -43.69
CA SER M 127 -13.21 -12.60 -44.87
C SER M 127 -14.71 -12.33 -44.96
N ASP M 128 -15.36 -12.11 -43.82
CA ASP M 128 -16.78 -11.82 -43.84
C ASP M 128 -17.08 -10.49 -44.49
N PHE M 129 -16.12 -9.58 -44.44
CA PHE M 129 -16.35 -8.29 -45.04
C PHE M 129 -16.42 -8.40 -46.57
N GLU M 130 -15.44 -9.06 -47.18
CA GLU M 130 -15.40 -9.19 -48.65
C GLU M 130 -16.58 -9.96 -49.23
N ALA M 131 -17.07 -10.94 -48.47
CA ALA M 131 -18.14 -11.77 -48.93
C ALA M 131 -19.49 -11.26 -48.40
N ARG M 132 -19.48 -10.14 -47.68
CA ARG M 132 -20.71 -9.47 -47.21
C ARG M 132 -21.65 -10.45 -46.50
N HIS M 133 -21.06 -11.30 -45.68
CA HIS M 133 -21.76 -12.25 -44.85
C HIS M 133 -22.05 -11.57 -43.49
N VAL M 134 -23.32 -11.53 -43.11
CA VAL M 134 -23.76 -11.10 -41.81
C VAL M 134 -23.88 -12.29 -40.87
N LYS M 135 -23.09 -12.30 -39.77
CA LYS M 135 -23.20 -13.39 -38.78
C LYS M 135 -23.98 -12.86 -37.59
N LEU M 136 -25.28 -13.09 -37.61
CA LEU M 136 -26.15 -12.46 -36.64
C LEU M 136 -26.37 -13.42 -35.49
N ASN M 137 -25.78 -13.10 -34.34
CA ASN M 137 -25.91 -13.91 -33.12
C ASN M 137 -27.23 -13.61 -32.43
N VAL M 138 -27.77 -14.61 -31.73
CA VAL M 138 -28.99 -14.45 -30.89
C VAL M 138 -28.59 -14.96 -29.52
N GLU M 139 -28.88 -14.15 -28.52
CA GLU M 139 -28.69 -14.51 -27.12
C GLU M 139 -29.96 -14.06 -26.35
N GLU M 140 -30.40 -14.87 -25.38
CA GLU M 140 -31.55 -14.52 -24.53
C GLU M 140 -31.18 -14.75 -23.09
N ARG M 141 -31.61 -13.85 -22.20
CA ARG M 141 -31.45 -14.01 -20.76
C ARG M 141 -32.84 -13.67 -20.18
N SER M 142 -33.08 -14.07 -18.93
CA SER M 142 -34.28 -13.67 -18.21
C SER M 142 -33.97 -13.11 -16.83
N VAL M 143 -34.90 -12.32 -16.29
CA VAL M 143 -34.77 -11.74 -14.93
C VAL M 143 -36.11 -11.73 -14.29
N GLY M 144 -36.12 -11.91 -12.98
CA GLY M 144 -37.34 -11.77 -12.20
C GLY M 144 -37.16 -12.43 -10.84
N PRO M 145 -38.15 -12.30 -9.97
CA PRO M 145 -39.41 -11.64 -10.27
C PRO M 145 -39.26 -10.16 -10.28
N LEU M 146 -39.99 -9.48 -11.16
CA LEU M 146 -40.01 -8.00 -11.07
C LEU M 146 -41.24 -7.53 -10.28
N THR M 147 -41.06 -6.47 -9.51
CA THR M 147 -42.07 -5.94 -8.58
C THR M 147 -42.38 -4.44 -8.74
N ARG M 148 -41.56 -3.71 -9.50
CA ARG M 148 -41.76 -2.26 -9.63
C ARG M 148 -42.61 -1.96 -10.83
N LYS M 149 -43.17 -0.76 -10.91
CA LYS M 149 -44.02 -0.38 -12.03
C LYS M 149 -43.37 -0.51 -13.39
N GLY M 150 -42.05 -0.45 -13.46
CA GLY M 150 -41.38 -0.57 -14.81
C GLY M 150 -39.89 -0.84 -14.69
N PHE M 151 -39.20 -0.87 -15.83
CA PHE M 151 -37.78 -1.17 -15.83
C PHE M 151 -37.03 -0.61 -17.03
N TYR M 152 -35.72 -0.53 -16.87
CA TYR M 152 -34.88 -0.24 -18.00
C TYR M 152 -33.96 -1.39 -18.36
N LEU M 153 -33.56 -1.43 -19.62
CA LEU M 153 -32.40 -2.23 -19.94
C LEU M 153 -31.21 -1.36 -20.26
N ALA M 154 -30.00 -1.87 -19.98
CA ALA M 154 -28.80 -1.18 -20.46
C ALA M 154 -27.71 -2.11 -21.02
N PHE M 155 -27.03 -1.63 -22.03
CA PHE M 155 -25.95 -2.35 -22.63
C PHE M 155 -24.68 -1.51 -22.40
N GLN M 156 -23.72 -2.17 -21.78
CA GLN M 156 -22.46 -1.54 -21.50
C GLN M 156 -21.40 -2.16 -22.38
N ASP M 157 -20.72 -1.27 -23.09
CA ASP M 157 -19.61 -1.65 -23.93
C ASP M 157 -18.34 -1.24 -23.22
N ILE M 158 -17.43 -2.21 -23.15
CA ILE M 158 -16.17 -2.02 -22.44
C ILE M 158 -14.99 -1.95 -23.42
N GLY M 159 -15.30 -1.99 -24.72
CA GLY M 159 -14.28 -1.80 -25.77
C GLY M 159 -14.34 -2.88 -26.81
N ALA M 160 -15.56 -3.15 -27.28
CA ALA M 160 -15.82 -4.14 -28.32
C ALA M 160 -16.27 -3.47 -29.62
N CYS M 161 -16.46 -4.28 -30.64
CA CYS M 161 -16.92 -3.77 -31.92
C CYS M 161 -18.14 -4.55 -32.17
N VAL M 162 -19.29 -3.93 -31.88
CA VAL M 162 -20.57 -4.63 -31.73
C VAL M 162 -21.65 -3.85 -32.43
N ALA M 163 -22.50 -4.53 -33.23
CA ALA M 163 -23.78 -3.90 -33.63
C ALA M 163 -24.94 -4.61 -33.04
N LEU M 164 -25.90 -3.84 -32.54
CA LEU M 164 -27.08 -4.41 -31.92
C LEU M 164 -28.30 -4.17 -32.81
N LEU M 165 -28.86 -5.25 -33.43
CA LEU M 165 -29.91 -5.13 -34.45
C LEU M 165 -31.33 -5.31 -33.88
N SER M 166 -31.47 -6.03 -32.77
CA SER M 166 -32.79 -6.40 -32.21
C SER M 166 -32.70 -6.54 -30.69
N VAL M 167 -33.67 -5.98 -30.00
CA VAL M 167 -33.87 -6.23 -28.59
C VAL M 167 -35.39 -6.49 -28.46
N ARG M 168 -35.75 -7.72 -28.13
CA ARG M 168 -37.15 -8.08 -27.93
C ARG M 168 -37.30 -8.46 -26.42
N VAL M 169 -38.18 -7.77 -25.70
CA VAL M 169 -38.47 -8.10 -24.33
C VAL M 169 -39.90 -8.59 -24.26
N TYR M 170 -40.09 -9.75 -23.63
CA TYR M 170 -41.38 -10.40 -23.60
C TYR M 170 -41.51 -11.13 -22.27
N TYR M 171 -42.73 -11.46 -21.93
CA TYR M 171 -42.99 -12.45 -20.90
C TYR M 171 -43.88 -13.58 -21.45
N LYS M 172 -43.95 -14.70 -20.73
CA LYS M 172 -44.65 -15.89 -21.24
C LYS M 172 -45.99 -16.07 -20.54
N LYS M 173 -46.97 -16.65 -21.22
CA LYS M 173 -48.30 -16.84 -20.68
C LYS M 173 -48.35 -18.10 -19.84
N CYS M 174 -47.59 -19.09 -20.28
CA CYS M 174 -47.26 -20.28 -19.51
C CYS M 174 -45.77 -20.26 -19.24
N ALA N 1 -20.50 14.32 -33.31
CA ALA N 1 -19.13 14.74 -33.63
C ALA N 1 -19.23 16.20 -34.10
N ASP N 2 -18.65 16.60 -35.25
CA ASP N 2 -19.20 17.77 -36.00
C ASP N 2 -20.30 17.17 -36.96
N ARG N 3 -21.46 17.79 -37.17
CA ARG N 3 -22.43 17.25 -38.11
C ARG N 3 -22.48 18.20 -39.33
N HIS N 4 -22.62 17.65 -40.53
CA HIS N 4 -22.69 18.41 -41.79
C HIS N 4 -24.06 18.10 -42.37
N THR N 5 -24.82 19.17 -42.60
CA THR N 5 -26.19 18.97 -43.06
C THR N 5 -26.20 19.15 -44.56
N VAL N 6 -26.86 18.23 -45.28
CA VAL N 6 -26.91 18.31 -46.71
C VAL N 6 -28.39 18.19 -47.12
N PHE N 7 -28.93 19.24 -47.77
CA PHE N 7 -30.34 19.20 -48.23
C PHE N 7 -30.41 18.65 -49.65
N TRP N 8 -30.78 17.40 -49.81
CA TRP N 8 -30.72 16.77 -51.15
C TRP N 8 -32.01 17.08 -51.93
N ASN N 9 -32.12 18.22 -52.69
CA ASN N 9 -33.51 18.89 -53.21
C ASN N 9 -32.86 19.26 -54.54
N SER N 10 -33.57 19.22 -55.68
CA SER N 10 -33.06 19.90 -56.94
C SER N 10 -33.05 21.43 -56.88
N SER N 11 -33.67 21.96 -55.84
CA SER N 11 -33.71 23.38 -55.60
C SER N 11 -32.46 23.89 -54.86
N ASN N 12 -31.64 23.02 -54.31
CA ASN N 12 -30.49 23.48 -53.54
C ASN N 12 -29.41 23.96 -54.53
N PRO N 13 -29.02 25.26 -54.51
CA PRO N 13 -28.02 25.72 -55.52
C PRO N 13 -26.64 25.08 -55.34
N LYS N 14 -26.36 24.50 -54.17
CA LYS N 14 -25.07 23.79 -53.99
C LYS N 14 -24.85 22.60 -54.89
N PHE N 15 -25.95 22.04 -55.46
CA PHE N 15 -25.80 20.97 -56.44
C PHE N 15 -25.64 21.40 -57.92
N ARG N 16 -25.67 22.73 -58.19
CA ARG N 16 -25.96 23.20 -59.57
C ARG N 16 -24.89 22.87 -60.55
N ASN N 17 -23.65 22.80 -60.06
CA ASN N 17 -22.48 22.60 -60.97
C ASN N 17 -21.93 21.19 -60.89
N GLU N 18 -22.67 20.32 -60.24
CA GLU N 18 -22.34 18.91 -60.15
C GLU N 18 -21.02 18.66 -59.38
N ASP N 19 -20.61 19.63 -58.53
CA ASP N 19 -19.27 19.57 -57.89
C ASP N 19 -19.37 19.84 -56.37
N TYR N 20 -20.56 19.61 -55.82
CA TYR N 20 -20.76 19.71 -54.37
C TYR N 20 -19.81 18.77 -53.64
N THR N 21 -18.96 19.36 -52.81
CA THR N 21 -17.86 18.71 -52.14
C THR N 21 -17.85 19.25 -50.69
N ILE N 22 -17.71 18.33 -49.73
CA ILE N 22 -17.57 18.76 -48.34
C ILE N 22 -16.40 18.06 -47.68
N HIS N 23 -15.72 18.77 -46.83
CA HIS N 23 -14.54 18.23 -46.17
C HIS N 23 -14.99 17.84 -44.76
N VAL N 24 -14.61 16.67 -44.30
CA VAL N 24 -15.03 16.22 -42.96
C VAL N 24 -13.86 15.65 -42.20
N GLN N 25 -13.99 15.64 -40.88
CA GLN N 25 -12.99 14.92 -40.10
C GLN N 25 -13.49 13.46 -39.90
N LEU N 26 -12.56 12.51 -39.76
CA LEU N 26 -12.95 11.20 -39.28
C LEU N 26 -13.88 11.32 -38.06
N ASN N 27 -14.97 10.54 -38.07
CA ASN N 27 -15.96 10.47 -36.97
C ASN N 27 -16.95 11.55 -37.01
N ASP N 28 -16.85 12.47 -37.99
CA ASP N 28 -17.94 13.42 -38.22
C ASP N 28 -19.16 12.68 -38.81
N TYR N 29 -20.31 13.34 -38.83
CA TYR N 29 -21.53 12.76 -39.42
C TYR N 29 -21.95 13.64 -40.56
N VAL N 30 -22.44 13.05 -41.66
CA VAL N 30 -23.17 13.85 -42.63
C VAL N 30 -24.63 13.44 -42.66
N ASP N 31 -25.48 14.45 -42.52
CA ASP N 31 -26.88 14.19 -42.34
C ASP N 31 -27.45 14.62 -43.64
N ILE N 32 -27.85 13.65 -44.43
CA ILE N 32 -28.42 13.90 -45.78
C ILE N 32 -29.94 13.98 -45.61
N ILE N 33 -30.50 15.16 -45.90
CA ILE N 33 -31.88 15.41 -45.65
C ILE N 33 -32.70 15.32 -46.95
N CYS N 34 -33.64 14.39 -46.93
CA CYS N 34 -34.49 14.05 -48.07
C CYS N 34 -35.46 15.22 -48.30
N PRO N 35 -35.91 15.44 -49.55
CA PRO N 35 -36.96 16.40 -49.77
C PRO N 35 -38.14 16.06 -48.93
N HIS N 36 -38.80 17.12 -48.47
CA HIS N 36 -39.92 16.98 -47.53
C HIS N 36 -40.90 18.15 -47.69
N TYR N 37 -42.20 17.84 -47.64
CA TYR N 37 -43.26 18.78 -47.90
C TYR N 37 -44.32 18.75 -46.81
N GLU N 38 -44.82 19.92 -46.45
CA GLU N 38 -45.86 20.09 -45.41
C GLU N 38 -47.08 19.39 -45.97
N ASP N 39 -47.79 18.72 -45.07
CA ASP N 39 -48.85 17.70 -45.39
C ASP N 39 -49.62 17.80 -46.73
N HIS N 40 -50.21 18.98 -47.02
CA HIS N 40 -50.48 19.38 -48.43
C HIS N 40 -49.89 20.77 -48.54
N SER N 41 -49.37 21.07 -49.75
CA SER N 41 -48.71 22.34 -50.09
C SER N 41 -48.34 22.35 -51.58
N VAL N 42 -47.66 21.28 -52.00
CA VAL N 42 -47.27 21.01 -53.39
C VAL N 42 -48.18 19.88 -53.94
N ALA N 43 -48.36 19.78 -55.26
CA ALA N 43 -49.07 18.60 -55.79
C ALA N 43 -48.18 17.35 -55.64
N ASP N 44 -48.79 16.18 -55.47
CA ASP N 44 -48.08 14.89 -55.37
C ASP N 44 -46.92 14.68 -56.37
N ALA N 45 -47.14 14.85 -57.67
CA ALA N 45 -46.11 14.55 -58.68
C ALA N 45 -44.93 15.48 -58.55
N ALA N 46 -45.14 16.65 -57.92
CA ALA N 46 -44.07 17.66 -57.79
C ALA N 46 -43.17 17.34 -56.60
N MET N 47 -43.52 16.35 -55.78
CA MET N 47 -42.67 16.01 -54.62
C MET N 47 -41.49 15.17 -55.03
N GLU N 48 -40.29 15.65 -54.74
CA GLU N 48 -39.10 14.92 -55.17
C GLU N 48 -38.92 13.72 -54.29
N GLN N 49 -38.48 12.63 -54.93
CA GLN N 49 -38.15 11.37 -54.26
C GLN N 49 -36.86 10.83 -54.92
N TYR N 50 -35.98 10.21 -54.13
CA TYR N 50 -34.77 9.67 -54.71
C TYR N 50 -34.38 8.32 -54.11
N ILE N 51 -33.64 7.56 -54.90
CA ILE N 51 -32.82 6.47 -54.39
C ILE N 51 -31.39 7.10 -54.22
N LEU N 52 -30.77 6.91 -53.04
CA LEU N 52 -29.37 7.35 -52.73
C LEU N 52 -28.41 6.18 -52.79
N TYR N 53 -27.30 6.34 -53.53
CA TYR N 53 -26.32 5.27 -53.71
C TYR N 53 -25.02 5.79 -53.12
N LEU N 54 -24.18 4.90 -52.63
CA LEU N 54 -22.81 5.24 -52.28
C LEU N 54 -21.91 4.46 -53.23
N VAL N 55 -21.04 5.15 -54.01
CA VAL N 55 -20.45 4.56 -55.18
C VAL N 55 -18.95 4.91 -55.22
N GLU N 56 -18.22 4.23 -56.11
CA GLU N 56 -16.80 4.56 -56.25
C GLU N 56 -16.69 5.77 -57.19
N HIS N 57 -15.47 6.26 -57.29
CA HIS N 57 -15.23 7.50 -58.05
C HIS N 57 -15.72 7.39 -59.53
N GLU N 58 -15.48 6.24 -60.14
CA GLU N 58 -15.85 6.07 -61.55
C GLU N 58 -17.37 6.21 -61.71
N GLU N 59 -18.16 5.54 -60.84
CA GLU N 59 -19.60 5.63 -60.85
C GLU N 59 -20.05 7.06 -60.63
N TYR N 60 -19.41 7.78 -59.66
CA TYR N 60 -19.67 9.20 -59.44
C TYR N 60 -19.42 10.05 -60.74
N GLN N 61 -18.29 9.83 -61.40
CA GLN N 61 -18.02 10.57 -62.66
C GLN N 61 -19.06 10.36 -63.78
N LEU N 62 -19.49 9.12 -64.00
CA LEU N 62 -20.57 8.75 -64.92
C LEU N 62 -21.94 9.04 -64.37
N CYS N 63 -22.04 9.40 -63.08
CA CYS N 63 -23.35 9.52 -62.41
C CYS N 63 -24.27 8.27 -62.53
N GLN N 64 -23.71 7.08 -62.41
CA GLN N 64 -24.56 5.88 -62.46
C GLN N 64 -23.93 4.76 -61.67
N PRO N 65 -24.76 4.07 -60.88
CA PRO N 65 -24.26 3.04 -59.99
C PRO N 65 -23.86 1.85 -60.85
N GLN N 66 -22.91 1.08 -60.37
CA GLN N 66 -22.57 -0.20 -60.99
C GLN N 66 -23.68 -1.26 -60.62
N SER N 67 -24.23 -1.20 -59.40
CA SER N 67 -25.26 -2.14 -59.05
C SER N 67 -26.26 -1.80 -57.95
N LYS N 68 -27.29 -2.64 -57.83
CA LYS N 68 -28.24 -2.51 -56.70
C LYS N 68 -27.58 -2.64 -55.34
N ASP N 69 -26.48 -3.37 -55.24
CA ASP N 69 -25.74 -3.44 -53.95
C ASP N 69 -25.25 -2.06 -53.44
N GLN N 70 -25.26 -1.06 -54.30
CA GLN N 70 -24.70 0.23 -53.87
C GLN N 70 -25.79 1.16 -53.29
N VAL N 71 -27.04 0.70 -53.30
CA VAL N 71 -28.14 1.46 -52.71
C VAL N 71 -27.81 1.76 -51.23
N ARG N 72 -27.93 3.02 -50.84
CA ARG N 72 -27.55 3.39 -49.49
C ARG N 72 -28.82 3.69 -48.65
N TRP N 73 -29.82 4.35 -49.24
CA TRP N 73 -31.01 4.77 -48.49
C TRP N 73 -32.07 5.20 -49.52
N GLN N 74 -33.34 5.19 -49.14
CA GLN N 74 -34.32 5.76 -50.03
C GLN N 74 -34.95 6.99 -49.43
N CYS N 75 -35.06 8.03 -50.24
CA CYS N 75 -35.90 9.19 -49.88
C CYS N 75 -37.25 8.93 -50.53
N ASN N 76 -38.05 8.04 -49.96
CA ASN N 76 -39.35 7.74 -50.55
C ASN N 76 -40.47 8.03 -49.58
N ARG N 77 -40.25 9.06 -48.75
CA ARG N 77 -41.27 9.48 -47.75
C ARG N 77 -41.44 11.02 -47.75
N PRO N 78 -41.78 11.60 -48.92
CA PRO N 78 -41.73 13.04 -49.15
C PRO N 78 -42.61 13.84 -48.20
N SER N 79 -43.58 13.20 -47.63
CA SER N 79 -44.45 13.95 -46.74
C SER N 79 -44.65 13.25 -45.38
N ALA N 80 -43.57 12.56 -44.91
CA ALA N 80 -43.55 11.88 -43.61
C ALA N 80 -44.03 12.81 -42.49
N LYS N 81 -44.90 12.29 -41.65
CA LYS N 81 -45.58 13.03 -40.62
C LYS N 81 -44.61 13.67 -39.66
N HIS N 82 -43.59 12.91 -39.28
CA HIS N 82 -42.60 13.34 -38.26
C HIS N 82 -41.63 14.44 -38.78
N GLY N 83 -41.36 14.47 -40.08
CA GLY N 83 -40.47 15.44 -40.66
C GLY N 83 -39.64 14.75 -41.74
N PRO N 84 -38.58 15.40 -42.25
CA PRO N 84 -37.83 14.80 -43.33
C PRO N 84 -37.21 13.48 -42.95
N GLU N 85 -37.27 12.55 -43.88
CA GLU N 85 -36.48 11.37 -43.87
C GLU N 85 -35.05 11.81 -44.00
N LYS N 86 -34.16 11.09 -43.33
CA LYS N 86 -32.77 11.56 -43.19
C LYS N 86 -31.87 10.33 -43.13
N LEU N 87 -30.74 10.37 -43.85
CA LEU N 87 -29.71 9.38 -43.73
C LEU N 87 -28.51 10.05 -43.03
N SER N 88 -28.17 9.52 -41.85
CA SER N 88 -27.05 10.01 -41.06
C SER N 88 -25.91 8.99 -41.13
N GLU N 89 -24.93 9.35 -41.89
CA GLU N 89 -23.71 8.55 -42.10
C GLU N 89 -22.58 8.96 -41.18
N LYS N 90 -22.09 8.07 -40.33
CA LYS N 90 -20.94 8.42 -39.51
C LYS N 90 -19.71 7.99 -40.27
N PHE N 91 -18.78 8.93 -40.50
CA PHE N 91 -17.53 8.63 -41.19
C PHE N 91 -16.53 8.00 -40.24
N GLN N 92 -16.85 6.77 -39.81
CA GLN N 92 -16.02 6.01 -38.88
C GLN N 92 -15.04 5.14 -39.66
N ARG N 93 -13.93 4.83 -39.03
CA ARG N 93 -12.89 4.09 -39.71
C ARG N 93 -13.27 2.63 -39.76
N PHE N 94 -13.90 2.14 -38.68
CA PHE N 94 -14.34 0.72 -38.61
C PHE N 94 -15.80 0.50 -38.24
N THR N 95 -16.36 -0.60 -38.78
CA THR N 95 -17.72 -1.02 -38.48
C THR N 95 -17.78 -2.51 -38.09
N PRO N 96 -18.70 -2.86 -37.17
CA PRO N 96 -19.01 -4.28 -36.83
C PRO N 96 -19.95 -4.96 -37.82
N PHE N 97 -20.44 -4.19 -38.75
CA PHE N 97 -21.50 -4.62 -39.69
C PHE N 97 -20.97 -4.70 -41.14
N THR N 98 -20.86 -5.91 -41.68
CA THR N 98 -20.37 -6.10 -43.04
C THR N 98 -21.58 -5.58 -43.82
N LEU N 99 -21.48 -5.03 -44.98
CA LEU N 99 -22.69 -4.35 -45.56
C LEU N 99 -22.63 -2.89 -45.30
N GLY N 100 -22.08 -2.52 -44.13
CA GLY N 100 -21.80 -1.10 -43.84
C GLY N 100 -20.47 -0.68 -44.46
N LYS N 101 -20.14 0.61 -44.34
CA LYS N 101 -18.97 1.18 -45.01
C LYS N 101 -17.98 1.76 -43.98
N GLU N 102 -16.70 1.68 -44.33
CA GLU N 102 -15.60 2.10 -43.48
C GLU N 102 -14.98 3.27 -44.22
N PHE N 103 -14.53 4.26 -43.46
CA PHE N 103 -14.08 5.49 -44.06
C PHE N 103 -12.68 5.83 -43.55
N LYS N 104 -11.79 6.23 -44.45
CA LYS N 104 -10.38 6.36 -44.12
C LYS N 104 -9.88 7.82 -44.23
N GLU N 105 -9.02 8.25 -43.29
CA GLU N 105 -8.34 9.57 -43.43
C GLU N 105 -7.67 9.77 -44.77
N GLY N 106 -7.86 10.94 -45.35
CA GLY N 106 -7.24 11.24 -46.63
C GLY N 106 -7.90 10.59 -47.82
N HIS N 107 -9.07 9.99 -47.65
CA HIS N 107 -9.75 9.47 -48.86
C HIS N 107 -11.05 10.23 -49.08
N SER N 108 -11.60 10.06 -50.29
CA SER N 108 -12.91 10.59 -50.66
C SER N 108 -13.94 9.53 -50.96
N TYR N 109 -15.20 9.87 -50.70
CA TYR N 109 -16.35 8.98 -50.87
C TYR N 109 -17.40 9.73 -51.65
N TYR N 110 -18.28 8.97 -52.31
CA TYR N 110 -19.13 9.58 -53.32
C TYR N 110 -20.59 9.14 -53.23
N TYR N 111 -21.51 10.09 -53.28
CA TYR N 111 -22.93 9.72 -53.30
C TYR N 111 -23.55 10.22 -54.58
N ILE N 112 -24.49 9.42 -55.18
CA ILE N 112 -25.25 9.89 -56.30
C ILE N 112 -26.70 9.49 -56.06
N SER N 113 -27.64 10.17 -56.76
CA SER N 113 -29.01 9.79 -56.59
C SER N 113 -29.62 9.54 -57.94
N LYS N 114 -30.77 8.87 -57.93
CA LYS N 114 -31.64 8.70 -59.12
C LYS N 114 -33.11 9.01 -58.67
N PRO N 115 -33.84 9.78 -59.43
CA PRO N 115 -35.20 10.08 -59.00
C PRO N 115 -36.10 8.84 -59.11
N ILE N 116 -37.03 8.64 -58.18
CA ILE N 116 -37.90 7.47 -58.30
C ILE N 116 -38.96 7.64 -59.39
N HIS N 117 -39.57 8.82 -59.50
CA HIS N 117 -40.63 9.01 -60.54
C HIS N 117 -40.38 10.19 -61.48
N GLN N 118 -39.73 11.24 -61.01
CA GLN N 118 -39.43 12.40 -61.90
C GLN N 118 -38.39 12.07 -62.96
N HIS N 119 -38.36 12.87 -64.05
CA HIS N 119 -37.34 12.77 -65.07
C HIS N 119 -36.03 13.34 -64.56
N GLU N 120 -34.97 12.57 -64.78
CA GLU N 120 -33.66 13.00 -64.33
C GLU N 120 -33.08 13.98 -65.36
N ASP N 121 -33.11 15.28 -65.10
CA ASP N 121 -32.65 16.20 -66.15
C ASP N 121 -31.30 16.84 -65.76
N ARG N 122 -30.77 16.39 -64.61
CA ARG N 122 -29.51 16.85 -63.98
C ARG N 122 -28.94 15.79 -63.01
N CYS N 123 -27.63 15.69 -62.89
CA CYS N 123 -27.02 14.71 -61.98
C CYS N 123 -26.89 15.33 -60.59
N LEU N 124 -27.49 14.68 -59.59
CA LEU N 124 -27.30 15.07 -58.17
C LEU N 124 -26.28 14.12 -57.54
N ARG N 125 -25.22 14.68 -57.00
CA ARG N 125 -24.10 13.89 -56.47
C ARG N 125 -23.36 14.72 -55.46
N LEU N 126 -22.60 14.04 -54.61
CA LEU N 126 -21.94 14.69 -53.52
C LEU N 126 -20.56 13.99 -53.36
N LYS N 127 -19.46 14.76 -53.22
CA LYS N 127 -18.20 14.22 -52.87
C LYS N 127 -17.89 14.61 -51.41
N VAL N 128 -17.49 13.62 -50.61
CA VAL N 128 -17.11 13.81 -49.21
C VAL N 128 -15.65 13.46 -49.00
N THR N 129 -14.83 14.43 -48.56
CA THR N 129 -13.40 14.14 -48.41
C THR N 129 -13.09 14.11 -46.92
N VAL N 130 -12.45 13.04 -46.44
CA VAL N 130 -12.08 12.90 -45.05
C VAL N 130 -10.66 13.49 -44.89
N LYS N 131 -10.50 14.47 -44.00
CA LYS N 131 -9.22 15.14 -43.90
C LYS N 131 -8.12 14.16 -43.46
N ILE N 132 -6.89 14.32 -43.98
CA ILE N 132 -5.79 13.46 -43.51
C ILE N 132 -5.21 14.07 -42.26
N GLU O 1 -31.39 -33.71 12.22
CA GLU O 1 -30.21 -33.48 11.34
C GLU O 1 -29.17 -34.64 11.44
N VAL O 2 -28.84 -35.27 10.30
CA VAL O 2 -27.72 -36.20 10.23
C VAL O 2 -26.55 -35.55 9.44
N VAL O 3 -25.39 -35.47 10.06
CA VAL O 3 -24.27 -34.69 9.55
C VAL O 3 -23.42 -35.57 8.67
N LEU O 4 -23.15 -35.13 7.43
CA LEU O 4 -22.29 -35.85 6.54
C LEU O 4 -20.89 -35.31 6.54
N LEU O 5 -20.73 -34.04 6.92
CA LEU O 5 -19.43 -33.47 6.91
C LEU O 5 -19.38 -32.36 7.91
N ASP O 6 -18.24 -32.25 8.58
CA ASP O 6 -18.03 -31.19 9.60
C ASP O 6 -16.59 -30.80 9.70
N PHE O 7 -16.22 -29.75 8.96
CA PHE O 7 -14.84 -29.25 9.01
C PHE O 7 -14.30 -28.91 10.39
N ALA O 8 -14.97 -28.06 11.17
CA ALA O 8 -14.40 -27.60 12.47
C ALA O 8 -14.17 -28.74 13.46
N ALA O 9 -14.94 -29.81 13.32
CA ALA O 9 -14.85 -31.01 14.18
C ALA O 9 -13.62 -31.89 13.95
N ALA O 10 -12.99 -31.75 12.78
CA ALA O 10 -12.01 -32.72 12.42
C ALA O 10 -10.63 -32.32 12.84
N GLY O 11 -10.56 -31.20 13.55
CA GLY O 11 -9.35 -30.66 14.16
C GLY O 11 -8.13 -30.61 13.26
N GLY O 12 -8.25 -30.01 12.08
CA GLY O 12 -7.10 -29.87 11.16
C GLY O 12 -6.74 -31.16 10.40
N GLU O 13 -7.53 -32.20 10.56
CA GLU O 13 -7.15 -33.52 10.02
C GLU O 13 -7.62 -33.78 8.60
N LEU O 14 -8.57 -32.99 8.10
CA LEU O 14 -9.06 -33.27 6.74
C LEU O 14 -8.18 -32.40 5.91
N GLY O 15 -7.66 -32.97 4.87
CA GLY O 15 -6.64 -32.28 4.13
C GLY O 15 -7.25 -32.12 2.76
N TRP O 16 -8.07 -31.09 2.62
CA TRP O 16 -8.76 -30.80 1.41
C TRP O 16 -7.79 -30.36 0.28
N LEU O 17 -8.07 -30.80 -0.93
CA LEU O 17 -7.39 -30.36 -2.14
C LEU O 17 -7.57 -28.87 -2.40
N THR O 18 -6.47 -28.23 -2.73
CA THR O 18 -6.46 -26.90 -3.29
C THR O 18 -5.88 -26.89 -4.68
N HIS O 19 -6.38 -25.97 -5.50
CA HIS O 19 -5.96 -25.78 -6.83
C HIS O 19 -5.96 -24.27 -7.14
N PRO O 20 -4.94 -23.78 -7.88
CA PRO O 20 -3.79 -24.56 -8.38
C PRO O 20 -2.83 -24.96 -7.26
N TYR O 21 -2.04 -26.00 -7.50
CA TYR O 21 -1.12 -26.50 -6.49
C TYR O 21 -0.24 -25.34 -5.95
N GLY O 22 -0.15 -25.27 -4.63
CA GLY O 22 0.77 -24.38 -3.87
C GLY O 22 0.37 -22.92 -3.81
N LYS O 23 -0.89 -22.63 -4.16
CA LYS O 23 -1.36 -21.25 -4.26
C LYS O 23 -2.75 -21.21 -3.79
N GLY O 24 -3.20 -20.02 -3.41
CA GLY O 24 -4.56 -19.83 -3.02
C GLY O 24 -4.77 -20.20 -1.57
N TRP O 25 -5.81 -21.00 -1.33
CA TRP O 25 -6.22 -21.32 0.03
C TRP O 25 -5.17 -22.09 0.83
N ASP O 26 -5.03 -21.75 2.10
CA ASP O 26 -4.05 -22.35 3.01
C ASP O 26 -4.74 -22.73 4.30
N LEU O 27 -4.40 -23.89 4.85
CA LEU O 27 -4.93 -24.27 6.16
C LEU O 27 -4.12 -23.50 7.24
N MET O 28 -4.79 -22.66 8.02
CA MET O 28 -4.14 -21.83 9.06
C MET O 28 -4.65 -22.26 10.46
N GLN O 29 -3.91 -21.87 11.51
CA GLN O 29 -4.22 -22.25 12.91
C GLN O 29 -4.30 -21.01 13.71
N ASN O 30 -5.25 -20.95 14.63
CA ASN O 30 -5.25 -19.83 15.58
C ASN O 30 -5.94 -20.28 16.87
N ILE O 31 -5.82 -19.43 17.88
CA ILE O 31 -6.56 -19.66 19.09
C ILE O 31 -7.71 -18.68 19.09
N MET O 32 -8.88 -19.20 19.33
CA MET O 32 -10.07 -18.39 19.40
C MET O 32 -10.86 -18.77 20.67
N ASN O 33 -10.98 -17.79 21.54
CA ASN O 33 -11.75 -17.99 22.74
C ASN O 33 -11.05 -19.12 23.53
N ASP O 34 -9.72 -18.93 23.75
CA ASP O 34 -8.94 -19.94 24.45
C ASP O 34 -9.02 -21.40 23.84
N MET O 35 -9.46 -21.60 22.60
CA MET O 35 -9.41 -22.96 21.98
C MET O 35 -8.74 -23.01 20.59
N PRO O 36 -8.09 -24.16 20.26
CA PRO O 36 -7.33 -24.22 19.00
C PRO O 36 -8.27 -24.42 17.85
N ILE O 37 -8.15 -23.60 16.83
CA ILE O 37 -9.05 -23.83 15.71
C ILE O 37 -8.27 -23.77 14.42
N TYR O 38 -8.83 -24.37 13.37
CA TYR O 38 -8.21 -24.32 12.06
C TYR O 38 -9.13 -23.49 11.16
N MET O 39 -8.64 -23.03 10.02
CA MET O 39 -9.53 -22.39 9.05
C MET O 39 -8.83 -22.45 7.71
N TYR O 40 -9.60 -22.41 6.65
CA TYR O 40 -8.97 -22.28 5.30
C TYR O 40 -8.99 -20.81 4.97
N SER O 41 -7.87 -20.24 4.58
CA SER O 41 -7.93 -18.83 4.21
C SER O 41 -7.14 -18.46 2.96
N VAL O 42 -7.52 -17.31 2.40
CA VAL O 42 -6.88 -16.82 1.17
C VAL O 42 -7.09 -15.30 1.15
N CYS O 43 -6.04 -14.59 0.75
CA CYS O 43 -6.06 -13.13 0.79
C CYS O 43 -5.21 -12.51 -0.30
N ASN O 44 -5.32 -13.04 -1.52
CA ASN O 44 -4.57 -12.55 -2.66
C ASN O 44 -5.29 -11.39 -3.31
N VAL O 45 -5.32 -10.24 -2.62
CA VAL O 45 -6.12 -9.09 -3.05
C VAL O 45 -5.32 -8.06 -3.85
N MET O 46 -4.01 -8.26 -3.90
CA MET O 46 -3.16 -7.42 -4.72
C MET O 46 -3.21 -7.98 -6.15
N SER O 47 -2.23 -8.84 -6.46
CA SER O 47 -2.34 -9.90 -7.46
C SER O 47 -3.72 -10.04 -8.16
N GLY O 48 -3.79 -9.75 -9.45
CA GLY O 48 -5.06 -9.93 -10.21
C GLY O 48 -5.49 -11.38 -10.45
N ASP O 49 -6.42 -11.59 -11.39
CA ASP O 49 -6.79 -12.95 -11.85
C ASP O 49 -6.66 -14.12 -10.86
N GLN O 50 -7.42 -14.07 -9.75
CA GLN O 50 -7.41 -15.15 -8.81
C GLN O 50 -8.46 -16.19 -9.17
N ASP O 51 -8.07 -17.45 -9.12
CA ASP O 51 -9.06 -18.48 -9.38
C ASP O 51 -8.65 -19.65 -8.55
N ASN O 52 -8.85 -19.52 -7.23
CA ASN O 52 -8.38 -20.48 -6.28
C ASN O 52 -9.49 -21.38 -5.80
N TRP O 53 -9.26 -22.68 -5.90
CA TRP O 53 -10.27 -23.63 -5.50
C TRP O 53 -9.89 -24.50 -4.32
N LEU O 54 -10.88 -24.73 -3.46
CA LEU O 54 -10.75 -25.60 -2.32
C LEU O 54 -11.89 -26.56 -2.42
N ARG O 55 -11.58 -27.85 -2.49
CA ARG O 55 -12.60 -28.88 -2.65
C ARG O 55 -12.62 -29.81 -1.44
N THR O 56 -13.80 -30.18 -0.98
CA THR O 56 -13.80 -31.09 0.17
C THR O 56 -13.42 -32.48 -0.33
N ASN O 57 -13.29 -33.40 0.61
CA ASN O 57 -13.07 -34.81 0.30
C ASN O 57 -14.37 -35.29 -0.34
N TRP O 58 -14.38 -36.47 -0.98
CA TRP O 58 -15.62 -37.09 -1.41
C TRP O 58 -16.51 -37.45 -0.21
N VAL O 59 -17.81 -37.18 -0.33
CA VAL O 59 -18.78 -37.44 0.75
C VAL O 59 -19.77 -38.49 0.29
N TYR O 60 -19.80 -39.64 0.99
CA TYR O 60 -20.74 -40.73 0.65
C TYR O 60 -22.15 -40.18 0.86
N ARG O 61 -23.00 -40.25 -0.18
CA ARG O 61 -24.37 -39.71 -0.12
C ARG O 61 -25.31 -40.55 0.78
N GLY O 62 -25.13 -41.88 0.80
CA GLY O 62 -26.06 -42.76 1.50
C GLY O 62 -27.50 -42.49 1.05
N GLU O 63 -28.40 -42.36 2.02
CA GLU O 63 -29.84 -42.17 1.77
C GLU O 63 -30.21 -40.68 1.61
N ALA O 64 -29.23 -39.79 1.77
CA ALA O 64 -29.46 -38.36 1.61
C ALA O 64 -29.90 -38.01 0.19
N GLU O 65 -30.92 -37.16 0.09
CA GLU O 65 -31.46 -36.71 -1.19
C GLU O 65 -31.40 -35.17 -1.32
N ARG O 66 -31.73 -34.45 -0.24
CA ARG O 66 -31.46 -33.00 -0.16
C ARG O 66 -30.49 -32.66 0.96
N ILE O 67 -29.38 -32.02 0.59
CA ILE O 67 -28.40 -31.66 1.57
C ILE O 67 -28.45 -30.18 1.92
N PHE O 68 -28.24 -29.91 3.21
CA PHE O 68 -28.01 -28.57 3.65
C PHE O 68 -26.51 -28.32 3.98
N ILE O 69 -26.03 -27.19 3.49
CA ILE O 69 -24.61 -26.72 3.59
C ILE O 69 -24.54 -25.42 4.42
N GLU O 70 -23.96 -25.51 5.62
CA GLU O 70 -23.81 -24.36 6.51
C GLU O 70 -22.37 -23.90 6.55
N LEU O 71 -22.16 -22.64 6.20
CA LEU O 71 -20.82 -22.06 6.17
C LEU O 71 -20.67 -20.97 7.22
N LYS O 72 -19.51 -20.95 7.89
CA LYS O 72 -19.17 -19.85 8.83
C LYS O 72 -17.82 -19.30 8.39
N PHE O 73 -17.78 -17.98 8.21
CA PHE O 73 -16.65 -17.36 7.58
C PHE O 73 -16.51 -15.84 7.91
N THR O 74 -15.30 -15.29 7.84
CA THR O 74 -15.08 -13.84 7.84
C THR O 74 -14.66 -13.34 6.44
N VAL O 75 -14.95 -12.08 6.14
CA VAL O 75 -14.50 -11.44 4.90
C VAL O 75 -13.98 -10.06 5.30
N ARG O 76 -12.81 -9.66 4.76
CA ARG O 76 -12.19 -8.35 5.03
C ARG O 76 -12.44 -7.30 3.95
N ASP O 77 -12.69 -6.06 4.42
CA ASP O 77 -13.05 -4.90 3.62
C ASP O 77 -11.94 -4.61 2.65
N CYS O 78 -12.28 -4.47 1.37
CA CYS O 78 -11.29 -4.18 0.30
C CYS O 78 -10.65 -2.80 0.50
N ASN O 79 -11.32 -1.95 1.28
CA ASN O 79 -10.89 -0.60 1.62
C ASN O 79 -9.88 -0.60 2.77
N SER O 80 -9.71 -1.77 3.41
CA SER O 80 -8.86 -1.85 4.60
C SER O 80 -7.40 -2.20 4.31
N PHE O 81 -7.01 -2.20 3.04
CA PHE O 81 -5.67 -2.58 2.66
C PHE O 81 -4.81 -1.39 2.37
N PRO O 82 -3.73 -1.25 3.15
CA PRO O 82 -2.80 -0.11 3.03
C PRO O 82 -2.47 0.14 1.56
N GLY O 83 -2.26 -0.92 0.79
CA GLY O 83 -2.03 -0.80 -0.65
C GLY O 83 -3.13 -0.06 -1.40
N GLY O 84 -4.31 -0.71 -1.51
CA GLY O 84 -5.40 -0.23 -2.36
C GLY O 84 -6.05 -1.42 -3.03
N ALA O 85 -5.23 -2.16 -3.81
CA ALA O 85 -5.56 -3.49 -4.27
C ALA O 85 -6.75 -3.50 -5.24
N SER O 86 -6.53 -2.97 -6.44
CA SER O 86 -7.65 -2.73 -7.37
C SER O 86 -8.56 -3.93 -7.62
N SER O 87 -7.99 -5.14 -7.64
CA SER O 87 -8.76 -6.31 -8.06
C SER O 87 -9.26 -7.15 -6.88
N CYS O 88 -9.56 -6.46 -5.78
CA CYS O 88 -10.06 -7.10 -4.56
C CYS O 88 -11.58 -7.27 -4.64
N LYS O 89 -12.09 -8.42 -4.23
CA LYS O 89 -13.54 -8.65 -4.19
C LYS O 89 -13.98 -8.98 -2.76
N GLU O 90 -15.28 -8.98 -2.50
CA GLU O 90 -15.83 -9.29 -1.18
C GLU O 90 -16.81 -10.45 -1.17
N THR O 91 -16.74 -11.33 -2.17
CA THR O 91 -17.52 -12.56 -2.16
C THR O 91 -16.67 -13.73 -2.56
N PHE O 92 -17.19 -14.93 -2.31
CA PHE O 92 -16.67 -16.18 -2.90
C PHE O 92 -17.80 -17.11 -3.37
N ASN O 93 -17.49 -18.17 -4.12
CA ASN O 93 -18.55 -18.92 -4.78
C ASN O 93 -18.63 -20.32 -4.24
N LEU O 94 -19.86 -20.86 -4.14
CA LEU O 94 -20.03 -22.20 -3.64
C LEU O 94 -20.44 -23.12 -4.76
N TYR O 95 -19.70 -24.20 -4.92
CA TYR O 95 -19.92 -25.16 -5.97
C TYR O 95 -20.20 -26.55 -5.41
N TYR O 96 -20.70 -27.41 -6.25
CA TYR O 96 -20.74 -28.81 -5.86
C TYR O 96 -20.67 -29.70 -7.10
N ALA O 97 -20.47 -30.99 -6.87
CA ALA O 97 -20.45 -31.97 -7.98
C ALA O 97 -20.78 -33.30 -7.40
N GLU O 98 -21.72 -34.01 -8.04
CA GLU O 98 -21.92 -35.40 -7.76
C GLU O 98 -21.04 -36.27 -8.69
N SER O 99 -20.59 -37.41 -8.17
CA SER O 99 -19.94 -38.43 -9.02
C SER O 99 -20.21 -39.78 -8.40
N ASP O 100 -20.01 -40.83 -9.18
CA ASP O 100 -20.12 -42.16 -8.61
C ASP O 100 -18.81 -42.68 -8.04
N LEU O 101 -17.69 -42.04 -8.38
CA LEU O 101 -16.44 -42.34 -7.72
C LEU O 101 -15.73 -41.14 -7.20
N ASP O 102 -14.75 -41.42 -6.37
CA ASP O 102 -13.91 -40.39 -5.86
C ASP O 102 -12.81 -40.33 -6.92
N TYR O 103 -12.57 -39.12 -7.42
CA TYR O 103 -11.53 -38.85 -8.40
C TYR O 103 -10.20 -38.55 -7.73
N GLY O 104 -10.18 -38.44 -6.41
CA GLY O 104 -8.91 -38.31 -5.69
C GLY O 104 -8.24 -36.96 -5.92
N THR O 105 -6.96 -37.02 -6.30
CA THR O 105 -6.20 -35.82 -6.55
C THR O 105 -6.54 -35.26 -7.91
N ASN O 106 -7.23 -36.05 -8.73
CA ASN O 106 -7.62 -35.64 -10.05
C ASN O 106 -8.86 -34.71 -9.98
N PHE O 107 -8.60 -33.40 -9.82
CA PHE O 107 -9.63 -32.35 -9.74
C PHE O 107 -9.90 -31.70 -11.06
N GLN O 108 -11.18 -31.65 -11.40
CA GLN O 108 -11.63 -31.06 -12.63
C GLN O 108 -12.77 -30.09 -12.34
N LYS O 109 -12.47 -28.81 -12.51
CA LYS O 109 -13.41 -27.72 -12.30
C LYS O 109 -14.67 -27.87 -13.10
N ARG O 110 -14.52 -28.30 -14.36
CA ARG O 110 -15.58 -28.30 -15.35
C ARG O 110 -16.73 -29.25 -14.95
N LEU O 111 -16.41 -30.13 -14.02
CA LEU O 111 -17.36 -31.05 -13.45
C LEU O 111 -18.22 -30.40 -12.35
N PHE O 112 -17.79 -29.23 -11.85
CA PHE O 112 -18.53 -28.53 -10.80
C PHE O 112 -19.60 -27.60 -11.31
N THR O 113 -20.65 -27.51 -10.47
CA THR O 113 -21.85 -26.73 -10.71
C THR O 113 -22.00 -25.68 -9.62
N LYS O 114 -22.31 -24.44 -10.01
CA LYS O 114 -22.39 -23.37 -9.02
C LYS O 114 -23.69 -23.47 -8.22
N ILE O 115 -23.56 -23.38 -6.90
CA ILE O 115 -24.74 -23.26 -6.07
C ILE O 115 -25.13 -21.80 -5.92
N ASP O 116 -24.19 -20.95 -5.49
CA ASP O 116 -24.53 -19.55 -5.25
C ASP O 116 -23.28 -18.78 -5.00
N THR O 117 -23.38 -17.46 -5.15
CA THR O 117 -22.44 -16.47 -4.62
C THR O 117 -22.68 -16.41 -3.12
N ILE O 118 -21.59 -16.43 -2.35
CA ILE O 118 -21.65 -16.30 -0.90
C ILE O 118 -21.10 -14.93 -0.50
N ALA O 119 -21.94 -14.13 0.14
CA ALA O 119 -21.65 -12.73 0.48
C ALA O 119 -21.77 -12.59 1.99
N PRO O 120 -20.92 -11.77 2.63
CA PRO O 120 -21.01 -11.62 4.11
C PRO O 120 -22.11 -10.64 4.57
N ASP O 121 -22.78 -10.91 5.69
CA ASP O 121 -23.65 -9.90 6.31
C ASP O 121 -22.79 -8.83 6.98
N GLU O 122 -21.64 -9.25 7.50
CA GLU O 122 -20.74 -8.33 8.20
C GLU O 122 -19.29 -8.40 7.72
N ILE O 123 -18.84 -7.30 7.14
CA ILE O 123 -17.50 -7.12 6.63
C ILE O 123 -16.58 -6.68 7.80
N THR O 124 -15.32 -7.10 7.72
CA THR O 124 -14.25 -6.85 8.72
C THR O 124 -13.47 -5.65 8.24
N VAL O 125 -13.36 -4.60 9.06
CA VAL O 125 -12.69 -3.36 8.64
C VAL O 125 -11.34 -3.20 9.32
N SER O 126 -10.62 -2.11 8.99
CA SER O 126 -9.31 -1.76 9.60
C SER O 126 -9.28 -1.80 11.13
N SER O 127 -10.21 -1.05 11.73
CA SER O 127 -10.44 -0.99 13.19
C SER O 127 -10.79 -2.35 13.83
N ASP O 128 -11.33 -3.28 13.05
CA ASP O 128 -11.64 -4.60 13.62
C ASP O 128 -10.41 -5.38 14.09
N PHE O 129 -9.23 -5.06 13.57
CA PHE O 129 -7.99 -5.73 14.01
C PHE O 129 -7.53 -5.25 15.40
N GLU O 130 -7.74 -3.98 15.71
CA GLU O 130 -7.43 -3.59 17.08
C GLU O 130 -8.42 -3.97 18.15
N ALA O 131 -9.69 -3.87 17.81
CA ALA O 131 -10.75 -4.29 18.70
C ALA O 131 -10.68 -5.82 18.84
N ARG O 132 -9.80 -6.45 18.07
CA ARG O 132 -9.69 -7.91 18.04
C ARG O 132 -11.09 -8.54 17.95
N HIS O 133 -11.86 -7.95 17.04
CA HIS O 133 -13.26 -8.29 16.86
C HIS O 133 -13.35 -9.24 15.67
N VAL O 134 -13.87 -10.42 15.94
CA VAL O 134 -14.16 -11.38 14.89
C VAL O 134 -15.66 -11.29 14.55
N LYS O 135 -15.94 -10.96 13.30
CA LYS O 135 -17.30 -10.86 12.81
C LYS O 135 -17.63 -12.10 11.97
N LEU O 136 -18.28 -13.07 12.63
CA LEU O 136 -18.49 -14.37 12.02
C LEU O 136 -19.85 -14.51 11.37
N ASN O 137 -19.83 -14.48 10.03
CA ASN O 137 -20.99 -14.67 9.20
C ASN O 137 -21.45 -16.13 9.15
N VAL O 138 -22.77 -16.34 9.11
CA VAL O 138 -23.31 -17.67 8.81
C VAL O 138 -24.14 -17.63 7.52
N GLU O 139 -23.88 -18.57 6.61
CA GLU O 139 -24.66 -18.70 5.39
C GLU O 139 -25.05 -20.18 5.16
N GLU O 140 -26.27 -20.41 4.74
CA GLU O 140 -26.72 -21.77 4.50
C GLU O 140 -27.35 -21.86 3.11
N ARG O 141 -27.03 -22.91 2.38
CA ARG O 141 -27.77 -23.22 1.15
C ARG O 141 -28.18 -24.69 1.21
N SER O 142 -28.98 -25.12 0.23
CA SER O 142 -29.30 -26.52 0.06
C SER O 142 -29.35 -26.87 -1.41
N VAL O 143 -29.18 -28.16 -1.69
CA VAL O 143 -29.06 -28.67 -3.04
C VAL O 143 -29.78 -30.01 -3.08
N GLY O 144 -30.56 -30.24 -4.13
CA GLY O 144 -31.16 -31.52 -4.33
C GLY O 144 -32.12 -31.50 -5.49
N PRO O 145 -32.61 -32.69 -5.89
CA PRO O 145 -32.28 -33.99 -5.28
C PRO O 145 -30.94 -34.53 -5.78
N LEU O 146 -30.17 -35.15 -4.88
CA LEU O 146 -28.92 -35.84 -5.25
C LEU O 146 -29.17 -37.31 -5.60
N THR O 147 -28.38 -37.94 -6.47
CA THR O 147 -28.65 -39.37 -6.83
C THR O 147 -27.41 -40.26 -6.93
N ARG O 148 -26.22 -39.64 -7.00
CA ARG O 148 -25.02 -40.43 -7.32
C ARG O 148 -24.50 -41.01 -5.99
N LYS O 149 -23.55 -41.94 -6.04
CA LYS O 149 -22.96 -42.52 -4.83
C LYS O 149 -22.52 -41.39 -3.84
N GLY O 150 -21.86 -40.36 -4.36
CA GLY O 150 -21.35 -39.27 -3.53
C GLY O 150 -21.36 -37.91 -4.19
N PHE O 151 -20.75 -36.95 -3.49
CA PHE O 151 -20.59 -35.60 -3.96
C PHE O 151 -19.39 -34.94 -3.27
N TYR O 152 -18.93 -33.84 -3.88
CA TYR O 152 -17.93 -32.93 -3.32
C TYR O 152 -18.60 -31.57 -3.22
N LEU O 153 -18.11 -30.73 -2.31
CA LEU O 153 -18.29 -29.29 -2.39
C LEU O 153 -16.97 -28.69 -2.83
N ALA O 154 -17.01 -27.50 -3.41
CA ALA O 154 -15.84 -26.70 -3.58
C ALA O 154 -16.14 -25.21 -3.35
N PHE O 155 -15.08 -24.45 -3.06
CA PHE O 155 -15.19 -23.06 -2.73
C PHE O 155 -14.28 -22.34 -3.70
N GLN O 156 -14.82 -21.38 -4.42
CA GLN O 156 -13.96 -20.70 -5.36
C GLN O 156 -13.71 -19.28 -4.98
N ASP O 157 -12.42 -18.95 -4.86
CA ASP O 157 -11.95 -17.61 -4.53
C ASP O 157 -11.58 -16.89 -5.82
N ILE O 158 -12.11 -15.69 -5.96
CA ILE O 158 -11.94 -14.89 -7.16
C ILE O 158 -11.03 -13.67 -6.90
N GLY O 159 -10.59 -13.48 -5.65
CA GLY O 159 -9.79 -12.30 -5.29
C GLY O 159 -10.15 -11.60 -4.00
N ALA O 160 -10.62 -12.34 -3.01
CA ALA O 160 -11.12 -11.77 -1.75
C ALA O 160 -10.22 -12.21 -0.59
N CYS O 161 -10.46 -11.65 0.59
CA CYS O 161 -9.70 -11.97 1.76
C CYS O 161 -10.71 -12.63 2.69
N VAL O 162 -10.67 -13.97 2.74
CA VAL O 162 -11.71 -14.77 3.36
C VAL O 162 -11.12 -15.84 4.29
N ALA O 163 -11.78 -16.03 5.41
CA ALA O 163 -11.40 -17.12 6.27
C ALA O 163 -12.63 -17.98 6.50
N LEU O 164 -12.53 -19.26 6.12
CA LEU O 164 -13.60 -20.25 6.21
C LEU O 164 -13.33 -21.16 7.41
N LEU O 165 -14.16 -21.04 8.41
CA LEU O 165 -13.96 -21.67 9.67
C LEU O 165 -14.83 -22.90 9.89
N SER O 166 -15.98 -22.94 9.24
CA SER O 166 -16.89 -24.04 9.49
C SER O 166 -17.63 -24.38 8.21
N VAL O 167 -17.70 -25.68 7.95
CA VAL O 167 -18.42 -26.22 6.79
C VAL O 167 -19.15 -27.41 7.35
N ARG O 168 -20.46 -27.27 7.46
CA ARG O 168 -21.23 -28.32 8.00
C ARG O 168 -22.26 -28.77 6.97
N VAL O 169 -22.26 -30.05 6.65
CA VAL O 169 -23.23 -30.54 5.67
C VAL O 169 -24.13 -31.62 6.24
N TYR O 170 -25.42 -31.46 6.09
CA TYR O 170 -26.35 -32.38 6.77
C TYR O 170 -27.62 -32.56 5.97
N TYR O 171 -28.40 -33.59 6.32
CA TYR O 171 -29.73 -33.74 5.71
C TYR O 171 -30.76 -33.95 6.78
N LYS O 172 -31.98 -33.52 6.49
CA LYS O 172 -33.10 -33.65 7.45
C LYS O 172 -33.83 -34.99 7.20
N LYS O 173 -33.99 -35.78 8.25
CA LYS O 173 -34.89 -36.94 8.22
C LYS O 173 -35.73 -36.91 9.52
N CYS O 174 -37.05 -36.74 9.36
CA CYS O 174 -38.00 -36.54 10.48
C CYS O 174 -37.78 -35.27 11.31
N ALA P 1 6.69 -20.08 0.36
CA ALA P 1 7.19 -20.99 -0.65
C ALA P 1 8.06 -22.10 -0.08
N ASP P 2 9.14 -21.71 0.58
CA ASP P 2 9.96 -22.70 1.21
C ASP P 2 9.40 -22.91 2.61
N ARG P 3 9.57 -24.09 3.17
CA ARG P 3 9.21 -24.26 4.57
C ARG P 3 10.47 -24.47 5.40
N HIS P 4 10.43 -24.00 6.64
CA HIS P 4 11.53 -24.04 7.58
C HIS P 4 11.04 -24.86 8.74
N THR P 5 11.78 -25.88 9.10
CA THR P 5 11.40 -26.82 10.15
C THR P 5 12.10 -26.43 11.43
N VAL P 6 11.31 -26.24 12.52
CA VAL P 6 11.87 -25.98 13.82
C VAL P 6 11.41 -27.03 14.85
N PHE P 7 12.36 -27.79 15.42
CA PHE P 7 12.03 -28.79 16.45
C PHE P 7 12.06 -28.18 17.83
N TRP P 8 10.87 -27.98 18.40
CA TRP P 8 10.80 -27.17 19.61
C TRP P 8 10.93 -28.05 20.84
N ASN P 9 12.17 -28.30 21.26
CA ASN P 9 12.43 -29.16 22.43
C ASN P 9 13.80 -28.94 23.03
N SER P 10 13.90 -29.18 24.33
CA SER P 10 15.09 -28.80 25.11
C SER P 10 16.32 -29.59 24.67
N SER P 11 16.15 -30.71 23.97
CA SER P 11 17.41 -31.30 23.53
C SER P 11 17.91 -30.89 22.16
N ASN P 12 17.24 -29.94 21.51
CA ASN P 12 17.74 -29.38 20.24
C ASN P 12 18.89 -28.39 20.49
N PRO P 13 20.15 -28.73 20.08
CA PRO P 13 21.21 -27.82 20.48
C PRO P 13 21.02 -26.39 19.91
N LYS P 14 20.16 -26.21 18.92
CA LYS P 14 20.06 -24.87 18.30
C LYS P 14 19.53 -23.81 19.29
N PHE P 15 18.84 -24.29 20.32
CA PHE P 15 18.34 -23.43 21.35
C PHE P 15 19.38 -23.17 22.44
N ARG P 16 20.52 -23.85 22.39
CA ARG P 16 21.45 -23.84 23.53
C ARG P 16 22.00 -22.46 23.98
N ASN P 17 22.09 -21.47 23.09
CA ASN P 17 22.65 -20.15 23.44
C ASN P 17 21.59 -19.06 23.51
N GLU P 18 20.33 -19.47 23.57
CA GLU P 18 19.18 -18.58 23.65
C GLU P 18 19.09 -17.58 22.50
N ASP P 19 19.67 -17.95 21.35
CA ASP P 19 19.79 -17.04 20.16
C ASP P 19 19.41 -17.65 18.78
N TYR P 20 18.73 -18.79 18.83
CA TYR P 20 18.19 -19.45 17.67
C TYR P 20 17.51 -18.39 16.81
N THR P 21 18.00 -18.22 15.60
CA THR P 21 17.35 -17.33 14.64
C THR P 21 17.22 -18.03 13.30
N ILE P 22 16.11 -17.84 12.60
CA ILE P 22 16.03 -18.29 11.19
C ILE P 22 15.69 -17.12 10.28
N HIS P 23 16.03 -17.22 9.02
CA HIS P 23 15.77 -16.16 8.09
C HIS P 23 14.88 -16.68 6.99
N VAL P 24 13.76 -15.99 6.75
CA VAL P 24 12.75 -16.55 5.83
C VAL P 24 12.40 -15.48 4.84
N GLN P 25 11.72 -15.90 3.77
CA GLN P 25 11.18 -14.97 2.81
C GLN P 25 9.70 -14.70 3.06
N LEU P 26 9.18 -13.54 2.67
CA LEU P 26 7.72 -13.36 2.71
C LEU P 26 7.01 -14.51 2.02
N ASN P 27 5.90 -15.00 2.63
CA ASN P 27 5.13 -16.15 2.17
C ASN P 27 5.75 -17.52 2.38
N ASP P 28 6.91 -17.56 3.04
CA ASP P 28 7.44 -18.86 3.46
C ASP P 28 6.57 -19.35 4.61
N TYR P 29 6.74 -20.63 4.95
CA TYR P 29 6.21 -21.17 6.17
C TYR P 29 7.27 -21.58 7.17
N VAL P 30 6.92 -21.47 8.44
CA VAL P 30 7.67 -22.12 9.49
C VAL P 30 6.77 -23.16 10.15
N ASP P 31 7.30 -24.36 10.19
CA ASP P 31 6.62 -25.46 10.86
C ASP P 31 7.37 -25.69 12.16
N ILE P 32 6.69 -25.41 13.23
CA ILE P 32 7.24 -25.57 14.59
C ILE P 32 6.74 -26.94 15.02
N ILE P 33 7.69 -27.84 15.26
CA ILE P 33 7.35 -29.25 15.56
C ILE P 33 7.47 -29.48 17.04
N CYS P 34 6.35 -29.90 17.65
CA CYS P 34 6.26 -30.03 19.10
C CYS P 34 7.04 -31.27 19.49
N PRO P 35 7.50 -31.35 20.78
CA PRO P 35 8.07 -32.63 21.27
C PRO P 35 7.13 -33.79 21.04
N HIS P 36 7.67 -34.96 20.63
CA HIS P 36 6.80 -36.06 20.27
C HIS P 36 7.53 -37.35 20.57
N TYR P 37 6.81 -38.31 21.16
CA TYR P 37 7.37 -39.54 21.71
C TYR P 37 6.63 -40.77 21.14
N GLU P 38 7.35 -41.78 20.67
CA GLU P 38 6.75 -43.13 20.45
C GLU P 38 6.12 -43.65 21.82
N ASP P 39 4.90 -44.23 21.78
CA ASP P 39 4.00 -44.49 22.98
C ASP P 39 4.51 -45.35 24.18
N HIS P 40 5.83 -45.61 24.21
CA HIS P 40 6.52 -46.36 25.25
C HIS P 40 7.99 -45.84 25.30
N SER P 41 8.59 -45.93 26.49
CA SER P 41 10.07 -45.81 26.77
C SER P 41 10.60 -44.49 27.38
N VAL P 42 9.79 -43.43 27.36
CA VAL P 42 10.05 -42.23 28.18
C VAL P 42 8.84 -42.18 29.12
N ALA P 43 9.05 -41.96 30.43
CA ALA P 43 7.91 -41.87 31.35
C ALA P 43 6.96 -40.74 30.88
N ASP P 44 5.65 -40.91 31.14
CA ASP P 44 4.67 -39.87 30.79
C ASP P 44 5.08 -38.48 31.36
N ALA P 45 5.55 -38.45 32.59
CA ALA P 45 5.97 -37.21 33.25
C ALA P 45 7.23 -36.55 32.65
N ALA P 46 8.00 -37.32 31.90
CA ALA P 46 9.25 -36.82 31.35
C ALA P 46 8.97 -36.12 30.00
N MET P 47 7.82 -36.42 29.39
CA MET P 47 7.46 -35.81 28.10
C MET P 47 7.30 -34.29 28.18
N GLU P 48 8.03 -33.59 27.32
CA GLU P 48 8.03 -32.13 27.25
C GLU P 48 6.76 -31.61 26.61
N GLN P 49 6.18 -30.54 27.19
CA GLN P 49 4.95 -29.95 26.66
C GLN P 49 5.07 -28.44 26.83
N TYR P 50 4.65 -27.66 25.83
CA TYR P 50 4.82 -26.24 25.84
C TYR P 50 3.60 -25.45 25.47
N ILE P 51 3.53 -24.26 26.09
CA ILE P 51 2.66 -23.20 25.57
C ILE P 51 3.57 -22.36 24.72
N LEU P 52 3.19 -22.14 23.46
CA LEU P 52 3.92 -21.27 22.51
C LEU P 52 3.25 -19.93 22.39
N TYR P 53 4.05 -18.85 22.43
CA TYR P 53 3.56 -17.51 22.24
C TYR P 53 4.27 -16.78 21.10
N LEU P 54 3.52 -15.90 20.44
CA LEU P 54 4.05 -15.05 19.41
C LEU P 54 4.07 -13.66 20.05
N VAL P 55 5.25 -13.13 20.28
CA VAL P 55 5.41 -11.95 21.13
C VAL P 55 6.24 -10.84 20.51
N GLU P 56 6.22 -9.65 21.15
CA GLU P 56 7.15 -8.57 20.71
C GLU P 56 8.58 -8.75 21.30
N HIS P 57 9.50 -7.94 20.81
CA HIS P 57 10.91 -8.08 21.19
C HIS P 57 11.12 -7.97 22.71
N GLU P 58 10.41 -7.07 23.38
CA GLU P 58 10.68 -6.95 24.83
C GLU P 58 10.33 -8.27 25.55
N GLU P 59 9.20 -8.89 25.16
CA GLU P 59 8.75 -10.15 25.76
C GLU P 59 9.74 -11.27 25.45
N TYR P 60 10.21 -11.30 24.21
CA TYR P 60 11.32 -12.18 23.83
C TYR P 60 12.54 -11.96 24.73
N GLN P 61 13.01 -10.73 24.89
CA GLN P 61 14.19 -10.50 25.72
C GLN P 61 14.03 -11.02 27.18
N LEU P 62 12.87 -10.73 27.77
CA LEU P 62 12.49 -11.23 29.11
C LEU P 62 12.10 -12.71 29.17
N CYS P 63 11.87 -13.27 28.00
CA CYS P 63 11.32 -14.61 27.86
C CYS P 63 10.08 -14.78 28.75
N GLN P 64 9.17 -13.80 28.76
CA GLN P 64 7.92 -13.90 29.51
C GLN P 64 6.85 -13.18 28.68
N PRO P 65 5.68 -13.82 28.46
CA PRO P 65 4.63 -13.15 27.70
C PRO P 65 3.98 -12.00 28.42
N GLN P 66 3.42 -11.06 27.66
CA GLN P 66 2.74 -9.91 28.28
C GLN P 66 1.30 -10.28 28.67
N SER P 67 0.76 -11.33 28.07
CA SER P 67 -0.66 -11.62 28.26
C SER P 67 -1.07 -12.90 27.60
N LYS P 68 -2.10 -13.53 28.17
CA LYS P 68 -2.69 -14.72 27.56
C LYS P 68 -3.08 -14.49 26.06
N ASP P 69 -3.31 -13.23 25.64
CA ASP P 69 -3.68 -12.92 24.25
C ASP P 69 -2.53 -13.31 23.27
N GLN P 70 -1.37 -13.60 23.82
CA GLN P 70 -0.27 -13.87 22.95
C GLN P 70 -0.09 -15.34 22.69
N VAL P 71 -0.81 -16.18 23.41
CA VAL P 71 -0.78 -17.61 23.16
C VAL P 71 -0.98 -17.87 21.65
N ARG P 72 -0.09 -18.70 21.09
CA ARG P 72 -0.10 -18.98 19.69
C ARG P 72 -0.62 -20.42 19.37
N TRP P 73 -0.27 -21.35 20.26
CA TRP P 73 -0.57 -22.81 20.11
C TRP P 73 -0.03 -23.54 21.30
N GLN P 74 -0.47 -24.76 21.55
CA GLN P 74 -0.02 -25.54 22.70
C GLN P 74 0.51 -26.86 22.17
N CYS P 75 1.74 -27.19 22.56
CA CYS P 75 2.36 -28.49 22.31
C CYS P 75 1.85 -29.39 23.44
N ASN P 76 0.60 -29.84 23.31
CA ASN P 76 -0.04 -30.63 24.37
C ASN P 76 -0.48 -32.05 23.90
N ARG P 77 0.25 -32.57 22.92
CA ARG P 77 -0.02 -33.94 22.48
C ARG P 77 1.23 -34.67 22.23
N PRO P 78 2.01 -34.88 23.27
CA PRO P 78 3.39 -35.39 23.13
C PRO P 78 3.37 -36.82 22.67
N SER P 79 2.25 -37.54 22.85
CA SER P 79 2.22 -38.85 22.16
C SER P 79 1.10 -39.16 21.15
N ALA P 80 0.71 -38.14 20.39
CA ALA P 80 -0.35 -38.26 19.43
C ALA P 80 0.03 -39.39 18.45
N LYS P 81 -0.95 -40.18 18.05
CA LYS P 81 -0.67 -41.33 17.18
C LYS P 81 -0.28 -40.93 15.78
N HIS P 82 -0.88 -39.86 15.26
CA HIS P 82 -0.62 -39.44 13.84
C HIS P 82 0.82 -38.93 13.55
N GLY P 83 1.51 -38.46 14.58
CA GLY P 83 2.81 -37.85 14.39
C GLY P 83 2.85 -36.63 15.32
N PRO P 84 3.96 -35.87 15.28
CA PRO P 84 3.99 -34.71 16.16
C PRO P 84 2.93 -33.62 15.90
N GLU P 85 2.45 -32.99 16.97
CA GLU P 85 1.72 -31.74 16.90
C GLU P 85 2.64 -30.66 16.26
N LYS P 86 2.06 -29.74 15.49
CA LYS P 86 2.79 -28.81 14.64
C LYS P 86 2.05 -27.47 14.59
N LEU P 87 2.76 -26.37 14.74
CA LEU P 87 2.25 -25.06 14.40
C LEU P 87 2.92 -24.63 13.07
N SER P 88 2.10 -24.48 12.02
CA SER P 88 2.59 -24.06 10.69
C SER P 88 2.12 -22.60 10.46
N GLU P 89 3.06 -21.69 10.59
CA GLU P 89 2.81 -20.26 10.42
C GLU P 89 3.23 -19.87 8.99
N LYS P 90 2.32 -19.26 8.22
CA LYS P 90 2.66 -18.69 6.93
C LYS P 90 3.03 -17.23 7.17
N PHE P 91 4.20 -16.81 6.67
CA PHE P 91 4.66 -15.41 6.87
C PHE P 91 4.11 -14.53 5.76
N GLN P 92 2.78 -14.34 5.84
CA GLN P 92 2.01 -13.67 4.81
C GLN P 92 1.81 -12.20 5.20
N ARG P 93 1.72 -11.35 4.21
CA ARG P 93 1.53 -9.94 4.45
C ARG P 93 0.17 -9.60 5.02
N PHE P 94 -0.87 -10.28 4.54
CA PHE P 94 -2.25 -9.96 4.92
C PHE P 94 -3.04 -11.18 5.39
N THR P 95 -3.86 -10.97 6.42
CA THR P 95 -4.82 -11.99 6.90
C THR P 95 -6.24 -11.47 7.00
N PRO P 96 -7.24 -12.34 6.72
CA PRO P 96 -8.66 -12.03 6.92
C PRO P 96 -9.12 -12.20 8.37
N PHE P 97 -8.19 -12.61 9.24
CA PHE P 97 -8.57 -13.09 10.58
C PHE P 97 -7.91 -12.19 11.56
N THR P 98 -8.75 -11.34 12.16
CA THR P 98 -8.27 -10.52 13.23
C THR P 98 -8.03 -11.61 14.29
N LEU P 99 -6.99 -11.48 15.06
CA LEU P 99 -6.54 -12.54 15.99
C LEU P 99 -5.33 -13.24 15.37
N GLY P 100 -5.19 -13.21 14.02
CA GLY P 100 -3.97 -13.64 13.34
C GLY P 100 -2.86 -12.57 13.16
N LYS P 101 -1.67 -12.99 12.79
CA LYS P 101 -0.57 -12.04 12.56
C LYS P 101 -0.26 -11.75 11.04
N GLU P 102 0.04 -10.48 10.79
CA GLU P 102 0.52 -9.98 9.52
C GLU P 102 2.03 -9.85 9.63
N PHE P 103 2.75 -10.16 8.56
CA PHE P 103 4.21 -10.24 8.60
C PHE P 103 4.78 -9.40 7.42
N LYS P 104 5.93 -8.73 7.62
CA LYS P 104 6.38 -7.70 6.65
C LYS P 104 7.82 -7.95 6.29
N GLU P 105 8.12 -7.76 5.00
CA GLU P 105 9.49 -7.86 4.48
C GLU P 105 10.37 -6.90 5.24
N GLY P 106 11.55 -7.36 5.65
CA GLY P 106 12.50 -6.51 6.37
C GLY P 106 12.20 -6.31 7.86
N HIS P 107 11.28 -7.09 8.44
CA HIS P 107 11.00 -7.07 9.90
C HIS P 107 11.28 -8.39 10.60
N SER P 108 11.38 -8.35 11.93
CA SER P 108 11.67 -9.56 12.70
C SER P 108 10.57 -9.83 13.67
N TYR P 109 10.38 -11.11 14.02
CA TYR P 109 9.28 -11.61 14.84
C TYR P 109 9.83 -12.61 15.81
N TYR P 110 9.06 -12.93 16.85
CA TYR P 110 9.56 -13.69 17.98
C TYR P 110 8.58 -14.70 18.54
N TYR P 111 9.10 -15.88 18.87
CA TYR P 111 8.31 -16.89 19.57
C TYR P 111 9.00 -17.22 20.85
N ILE P 112 8.22 -17.42 21.91
CA ILE P 112 8.80 -17.93 23.13
C ILE P 112 7.86 -19.06 23.57
N SER P 113 8.34 -19.90 24.49
CA SER P 113 7.45 -20.84 25.16
C SER P 113 7.55 -20.78 26.67
N LYS P 114 6.55 -21.42 27.29
CA LYS P 114 6.58 -21.78 28.71
C LYS P 114 6.29 -23.29 28.79
N PRO P 115 7.07 -23.99 29.64
CA PRO P 115 6.92 -25.44 29.77
C PRO P 115 5.63 -25.77 30.58
N ILE P 116 4.86 -26.75 30.12
CA ILE P 116 3.71 -27.27 30.94
C ILE P 116 4.16 -28.43 31.88
N HIS P 117 5.14 -29.21 31.43
CA HIS P 117 5.75 -30.32 32.20
C HIS P 117 6.64 -29.77 33.33
N GLN P 118 6.74 -28.44 33.37
CA GLN P 118 7.06 -27.73 34.61
C GLN P 118 8.53 -27.92 34.96
N HIS P 119 9.33 -28.47 34.02
CA HIS P 119 10.81 -28.42 34.09
C HIS P 119 11.28 -26.96 33.87
N GLU P 120 10.77 -26.05 34.72
CA GLU P 120 10.79 -24.61 34.45
C GLU P 120 12.16 -23.88 34.72
N ASP P 121 13.22 -24.50 34.19
CA ASP P 121 14.50 -23.84 33.94
C ASP P 121 14.46 -23.70 32.43
N ARG P 122 15.37 -22.90 31.88
CA ARG P 122 15.59 -22.75 30.43
C ARG P 122 14.52 -21.97 29.72
N CYS P 123 14.98 -20.91 29.08
CA CYS P 123 14.19 -20.18 28.15
C CYS P 123 14.35 -20.80 26.73
N LEU P 124 13.24 -21.22 26.16
CA LEU P 124 13.22 -21.58 24.74
C LEU P 124 12.58 -20.43 23.97
N ARG P 125 13.33 -19.93 22.98
CA ARG P 125 12.80 -18.81 22.21
C ARG P 125 13.35 -18.89 20.78
N LEU P 126 12.71 -18.14 19.89
CA LEU P 126 13.09 -18.08 18.48
C LEU P 126 12.86 -16.71 17.87
N LYS P 127 13.83 -16.26 17.05
CA LYS P 127 13.71 -15.03 16.29
C LYS P 127 13.54 -15.38 14.81
N VAL P 128 12.58 -14.78 14.11
CA VAL P 128 12.40 -15.08 12.70
C VAL P 128 12.58 -13.72 12.08
N THR P 129 13.50 -13.63 11.16
CA THR P 129 13.69 -12.39 10.41
C THR P 129 13.15 -12.60 8.97
N VAL P 130 12.31 -11.69 8.49
CA VAL P 130 11.83 -11.74 7.13
C VAL P 130 12.67 -10.80 6.24
N LYS P 131 13.30 -11.32 5.19
CA LYS P 131 14.11 -10.44 4.35
C LYS P 131 13.26 -9.45 3.52
N ILE P 132 13.82 -8.32 3.02
CA ILE P 132 13.11 -7.48 1.98
C ILE P 132 13.54 -7.74 0.56
#